data_6CTG
# 
_entry.id   6CTG 
# 
_audit_conform.dict_name       mmcif_pdbx.dic 
_audit_conform.dict_version    5.397 
_audit_conform.dict_location   http://mmcif.pdb.org/dictionaries/ascii/mmcif_pdbx.dic 
# 
loop_
_database_2.database_id 
_database_2.database_code 
_database_2.pdbx_database_accession 
_database_2.pdbx_DOI 
PDB   6CTG         pdb_00006ctg 10.2210/pdb6ctg/pdb 
WWPDB D_1000232791 ?            ?                   
BMRB  30443        ?            10.13018/BMR30443   
# 
loop_
_pdbx_audit_revision_history.ordinal 
_pdbx_audit_revision_history.data_content_type 
_pdbx_audit_revision_history.major_revision 
_pdbx_audit_revision_history.minor_revision 
_pdbx_audit_revision_history.revision_date 
1 'Structure model' 1 0 2019-03-27 
2 'Structure model' 1 1 2019-04-17 
3 'Structure model' 1 2 2020-01-08 
4 'Structure model' 1 3 2024-10-09 
# 
_pdbx_audit_revision_details.ordinal             1 
_pdbx_audit_revision_details.revision_ordinal    1 
_pdbx_audit_revision_details.data_content_type   'Structure model' 
_pdbx_audit_revision_details.provider            repository 
_pdbx_audit_revision_details.type                'Initial release' 
_pdbx_audit_revision_details.description         ? 
_pdbx_audit_revision_details.details             ? 
# 
loop_
_pdbx_audit_revision_group.ordinal 
_pdbx_audit_revision_group.revision_ordinal 
_pdbx_audit_revision_group.data_content_type 
_pdbx_audit_revision_group.group 
1 2 'Structure model' 'Author supporting evidence' 
2 2 'Structure model' 'Data collection'            
3 3 'Structure model' 'Author supporting evidence' 
4 3 'Structure model' 'Data collection'            
5 4 'Structure model' 'Data collection'            
6 4 'Structure model' 'Database references'        
7 4 'Structure model' 'Structure summary'          
# 
loop_
_pdbx_audit_revision_category.ordinal 
_pdbx_audit_revision_category.revision_ordinal 
_pdbx_audit_revision_category.data_content_type 
_pdbx_audit_revision_category.category 
1 2 'Structure model' pdbx_audit_support        
2 3 'Structure model' pdbx_audit_support        
3 3 'Structure model' pdbx_nmr_spectrometer     
4 4 'Structure model' chem_comp_atom            
5 4 'Structure model' chem_comp_bond            
6 4 'Structure model' database_2                
7 4 'Structure model' pdbx_entry_details        
8 4 'Structure model' pdbx_modification_feature 
# 
loop_
_pdbx_audit_revision_item.ordinal 
_pdbx_audit_revision_item.revision_ordinal 
_pdbx_audit_revision_item.data_content_type 
_pdbx_audit_revision_item.item 
1 2 'Structure model' '_pdbx_audit_support.funding_organization' 
2 3 'Structure model' '_pdbx_audit_support.funding_organization' 
3 3 'Structure model' '_pdbx_nmr_spectrometer.model'             
4 4 'Structure model' '_database_2.pdbx_DOI'                     
5 4 'Structure model' '_database_2.pdbx_database_accession'      
# 
_pdbx_database_status.status_code                     REL 
_pdbx_database_status.status_code_sf                  ? 
_pdbx_database_status.status_code_mr                  REL 
_pdbx_database_status.entry_id                        6CTG 
_pdbx_database_status.recvd_initial_deposition_date   2018-03-23 
_pdbx_database_status.SG_entry                        N 
_pdbx_database_status.deposit_site                    RCSB 
_pdbx_database_status.process_site                    RCSB 
_pdbx_database_status.status_code_cs                  REL 
_pdbx_database_status.methods_development_category    ? 
_pdbx_database_status.pdb_format_compatible           Y 
_pdbx_database_status.status_code_nmr_data            ? 
# 
_pdbx_database_related.db_name        BMRB 
_pdbx_database_related.details        'Three-Dimensional Structures of Cm-p1' 
_pdbx_database_related.db_id          30443 
_pdbx_database_related.content_type   unspecified 
# 
loop_
_audit_author.name 
_audit_author.pdbx_ordinal 
_audit_author.identifier_ORCID 
'Alves, E.S.F.' 1 ? 
'Liao, L.M.'    2 ? 
# 
_citation.abstract                  ? 
_citation.abstract_id_CAS           ? 
_citation.book_id_ISBN              ? 
_citation.book_publisher            ? 
_citation.book_publisher_city       ? 
_citation.book_title                ? 
_citation.coordinate_linkage        ? 
_citation.country                   ? 
_citation.database_id_Medline       ? 
_citation.details                   ? 
_citation.id                        primary 
_citation.journal_abbrev            'To be Published' 
_citation.journal_id_ASTM           ? 
_citation.journal_id_CSD            0353 
_citation.journal_id_ISSN           ? 
_citation.journal_full              ? 
_citation.journal_issue             ? 
_citation.journal_volume            ? 
_citation.language                  ? 
_citation.page_first                ? 
_citation.page_last                 ? 
_citation.title                     'Three-Dimensional Structures of Cm-p1 and [Phe 3]Cm-p1 analogs' 
_citation.year                      ? 
_citation.database_id_CSD           ? 
_citation.pdbx_database_id_DOI      ? 
_citation.pdbx_database_id_PubMed   ? 
_citation.unpublished_flag          ? 
# 
loop_
_citation_author.citation_id 
_citation_author.name 
_citation_author.ordinal 
_citation_author.identifier_ORCID 
primary 'Alves, E.S.F.'  1 ? 
primary 'Carvalho, O.R.' 2 ? 
primary 'Franco, O.L.'   3 ? 
primary 'Freitas, s.M.'  4 ? 
primary 'Oliveira, A.L.' 5 ? 
primary 'Verly, R.M.'    6 ? 
primary 'Liao, L.M.'     7 ? 
# 
_entity.id                         1 
_entity.type                       polymer 
_entity.src_method                 syn 
_entity.pdbx_description           'Antifungal peptide' 
_entity.formula_weight             1225.402 
_entity.pdbx_number_of_molecules   1 
_entity.pdbx_ec                    ? 
_entity.pdbx_mutation              ? 
_entity.pdbx_fragment              ? 
_entity.details                    ? 
# 
_entity_name_com.entity_id   1 
_entity_name_com.name        Cm-p1 
# 
_entity_poly.entity_id                      1 
_entity_poly.type                           'polypeptide(L)' 
_entity_poly.nstd_linkage                   no 
_entity_poly.nstd_monomer                   yes 
_entity_poly.pdbx_seq_one_letter_code       'SRSELIVHQR(NH2)' 
_entity_poly.pdbx_seq_one_letter_code_can   SRSELIVHQRX 
_entity_poly.pdbx_strand_id                 A 
_entity_poly.pdbx_target_identifier         ? 
# 
loop_
_entity_poly_seq.entity_id 
_entity_poly_seq.num 
_entity_poly_seq.mon_id 
_entity_poly_seq.hetero 
1 1  SER n 
1 2  ARG n 
1 3  SER n 
1 4  GLU n 
1 5  LEU n 
1 6  ILE n 
1 7  VAL n 
1 8  HIS n 
1 9  GLN n 
1 10 ARG n 
1 11 NH2 n 
# 
_pdbx_entity_src_syn.entity_id              1 
_pdbx_entity_src_syn.pdbx_src_id            1 
_pdbx_entity_src_syn.pdbx_alt_source_flag   sample 
_pdbx_entity_src_syn.pdbx_beg_seq_num       1 
_pdbx_entity_src_syn.pdbx_end_seq_num       10 
_pdbx_entity_src_syn.organism_scientific    'Cenchritis muricatus' 
_pdbx_entity_src_syn.organism_common_name   'Beaded periwinkle' 
_pdbx_entity_src_syn.ncbi_taxonomy_id       197001 
_pdbx_entity_src_syn.details                ? 
# 
loop_
_chem_comp.id 
_chem_comp.type 
_chem_comp.mon_nstd_flag 
_chem_comp.name 
_chem_comp.pdbx_synonyms 
_chem_comp.formula 
_chem_comp.formula_weight 
ARG 'L-peptide linking' y ARGININE        ? 'C6 H15 N4 O2 1' 175.209 
GLN 'L-peptide linking' y GLUTAMINE       ? 'C5 H10 N2 O3'   146.144 
GLU 'L-peptide linking' y 'GLUTAMIC ACID' ? 'C5 H9 N O4'     147.129 
HIS 'L-peptide linking' y HISTIDINE       ? 'C6 H10 N3 O2 1' 156.162 
ILE 'L-peptide linking' y ISOLEUCINE      ? 'C6 H13 N O2'    131.173 
LEU 'L-peptide linking' y LEUCINE         ? 'C6 H13 N O2'    131.173 
NH2 non-polymer         . 'AMINO GROUP'   ? 'H2 N'           16.023  
SER 'L-peptide linking' y SERINE          ? 'C3 H7 N O3'     105.093 
VAL 'L-peptide linking' y VALINE          ? 'C5 H11 N O2'    117.146 
# 
loop_
_pdbx_poly_seq_scheme.asym_id 
_pdbx_poly_seq_scheme.entity_id 
_pdbx_poly_seq_scheme.seq_id 
_pdbx_poly_seq_scheme.mon_id 
_pdbx_poly_seq_scheme.ndb_seq_num 
_pdbx_poly_seq_scheme.pdb_seq_num 
_pdbx_poly_seq_scheme.auth_seq_num 
_pdbx_poly_seq_scheme.pdb_mon_id 
_pdbx_poly_seq_scheme.auth_mon_id 
_pdbx_poly_seq_scheme.pdb_strand_id 
_pdbx_poly_seq_scheme.pdb_ins_code 
_pdbx_poly_seq_scheme.hetero 
A 1 1  SER 1  1  1  SER SER A . n 
A 1 2  ARG 2  2  2  ARG ARG A . n 
A 1 3  SER 3  3  3  SER SER A . n 
A 1 4  GLU 4  4  4  GLU GLU A . n 
A 1 5  LEU 5  5  5  LEU LEU A . n 
A 1 6  ILE 6  6  6  ILE ILE A . n 
A 1 7  VAL 7  7  7  VAL VAL A . n 
A 1 8  HIS 8  8  8  HIS HIS A . n 
A 1 9  GLN 9  9  9  GLN GLN A . n 
A 1 10 ARG 10 10 10 ARG ARG A . n 
A 1 11 NH2 11 11 10 NH2 ARG A . n 
# 
_exptl.absorpt_coefficient_mu     ? 
_exptl.absorpt_correction_T_max   ? 
_exptl.absorpt_correction_T_min   ? 
_exptl.absorpt_correction_type    ? 
_exptl.absorpt_process_details    ? 
_exptl.entry_id                   6CTG 
_exptl.crystals_number            ? 
_exptl.details                    ? 
_exptl.method                     'SOLUTION NMR' 
_exptl.method_details             ? 
# 
_struct.entry_id                     6CTG 
_struct.title                        'Three-Dimensional Structures of Cm-p1' 
_struct.pdbx_model_details           ? 
_struct.pdbx_formula_weight          ? 
_struct.pdbx_formula_weight_method   ? 
_struct.pdbx_model_type_details      ? 
_struct.pdbx_CASP_flag               N 
# 
_struct_keywords.entry_id        6CTG 
_struct_keywords.text            'SDS micelles, antifungal peptide, ANTIFUNGAL PROTEIN' 
_struct_keywords.pdbx_keywords   'ANTIFUNGAL PROTEIN' 
# 
_struct_asym.id                            A 
_struct_asym.pdbx_blank_PDB_chainid_flag   N 
_struct_asym.pdbx_modified                 N 
_struct_asym.entity_id                     1 
_struct_asym.details                       ? 
# 
_struct_ref.id                         1 
_struct_ref.db_name                    UNP 
_struct_ref.db_code                    AFP_CENMR 
_struct_ref.pdbx_db_accession          B3EWI7 
_struct_ref.pdbx_db_isoform            ? 
_struct_ref.entity_id                  1 
_struct_ref.pdbx_seq_one_letter_code   SRSELIVHQR 
_struct_ref.pdbx_align_begin           1 
# 
_struct_ref_seq.align_id                      1 
_struct_ref_seq.ref_id                        1 
_struct_ref_seq.pdbx_PDB_id_code              6CTG 
_struct_ref_seq.pdbx_strand_id                A 
_struct_ref_seq.seq_align_beg                 1 
_struct_ref_seq.pdbx_seq_align_beg_ins_code   ? 
_struct_ref_seq.seq_align_end                 10 
_struct_ref_seq.pdbx_seq_align_end_ins_code   ? 
_struct_ref_seq.pdbx_db_accession             B3EWI7 
_struct_ref_seq.db_align_beg                  1 
_struct_ref_seq.pdbx_db_align_beg_ins_code    ? 
_struct_ref_seq.db_align_end                  10 
_struct_ref_seq.pdbx_db_align_end_ins_code    ? 
_struct_ref_seq.pdbx_auth_seq_align_beg       1 
_struct_ref_seq.pdbx_auth_seq_align_end       10 
# 
_struct_ref_seq_dif.align_id                     1 
_struct_ref_seq_dif.pdbx_pdb_id_code             6CTG 
_struct_ref_seq_dif.mon_id                       NH2 
_struct_ref_seq_dif.pdbx_pdb_strand_id           A 
_struct_ref_seq_dif.seq_num                      11 
_struct_ref_seq_dif.pdbx_pdb_ins_code            ? 
_struct_ref_seq_dif.pdbx_seq_db_name             UNP 
_struct_ref_seq_dif.pdbx_seq_db_accession_code   B3EWI7 
_struct_ref_seq_dif.db_mon_id                    ? 
_struct_ref_seq_dif.pdbx_seq_db_seq_num          ? 
_struct_ref_seq_dif.details                      amidation 
_struct_ref_seq_dif.pdbx_auth_seq_num            11 
_struct_ref_seq_dif.pdbx_ordinal                 1 
# 
_pdbx_struct_assembly.id                   1 
_pdbx_struct_assembly.details              author_defined_assembly 
_pdbx_struct_assembly.method_details       ? 
_pdbx_struct_assembly.oligomeric_details   monomeric 
_pdbx_struct_assembly.oligomeric_count     1 
# 
loop_
_pdbx_struct_assembly_prop.biol_id 
_pdbx_struct_assembly_prop.type 
_pdbx_struct_assembly_prop.value 
_pdbx_struct_assembly_prop.details 
1 'ABSA (A^2)' 110  ? 
1 MORE         1    ? 
1 'SSA (A^2)'  1270 ? 
# 
_pdbx_struct_assembly_gen.assembly_id       1 
_pdbx_struct_assembly_gen.oper_expression   1 
_pdbx_struct_assembly_gen.asym_id_list      A 
# 
_pdbx_struct_assembly_auth_evidence.id                     1 
_pdbx_struct_assembly_auth_evidence.assembly_id            1 
_pdbx_struct_assembly_auth_evidence.experimental_support   'mass spectrometry' 
_pdbx_struct_assembly_auth_evidence.details                ? 
# 
_pdbx_struct_oper_list.id                   1 
_pdbx_struct_oper_list.type                 'identity operation' 
_pdbx_struct_oper_list.name                 1_555 
_pdbx_struct_oper_list.symmetry_operation   ? 
_pdbx_struct_oper_list.matrix[1][1]         1.0000000000 
_pdbx_struct_oper_list.matrix[1][2]         0.0000000000 
_pdbx_struct_oper_list.matrix[1][3]         0.0000000000 
_pdbx_struct_oper_list.vector[1]            0.0000000000 
_pdbx_struct_oper_list.matrix[2][1]         0.0000000000 
_pdbx_struct_oper_list.matrix[2][2]         1.0000000000 
_pdbx_struct_oper_list.matrix[2][3]         0.0000000000 
_pdbx_struct_oper_list.vector[2]            0.0000000000 
_pdbx_struct_oper_list.matrix[3][1]         0.0000000000 
_pdbx_struct_oper_list.matrix[3][2]         0.0000000000 
_pdbx_struct_oper_list.matrix[3][3]         1.0000000000 
_pdbx_struct_oper_list.vector[3]            0.0000000000 
# 
_struct_conf.conf_type_id            HELX_P 
_struct_conf.id                      HELX_P1 
_struct_conf.pdbx_PDB_helix_id       AA1 
_struct_conf.beg_label_comp_id       SER 
_struct_conf.beg_label_asym_id       A 
_struct_conf.beg_label_seq_id        1 
_struct_conf.pdbx_beg_PDB_ins_code   ? 
_struct_conf.end_label_comp_id       ARG 
_struct_conf.end_label_asym_id       A 
_struct_conf.end_label_seq_id        10 
_struct_conf.pdbx_end_PDB_ins_code   ? 
_struct_conf.beg_auth_comp_id        SER 
_struct_conf.beg_auth_asym_id        A 
_struct_conf.beg_auth_seq_id         1 
_struct_conf.end_auth_comp_id        ARG 
_struct_conf.end_auth_asym_id        A 
_struct_conf.end_auth_seq_id         10 
_struct_conf.pdbx_PDB_helix_class    1 
_struct_conf.details                 ? 
_struct_conf.pdbx_PDB_helix_length   10 
# 
_struct_conf_type.id          HELX_P 
_struct_conf_type.criteria    ? 
_struct_conf_type.reference   ? 
# 
_struct_conn.id                            covale1 
_struct_conn.conn_type_id                  covale 
_struct_conn.pdbx_leaving_atom_flag        both 
_struct_conn.pdbx_PDB_id                   ? 
_struct_conn.ptnr1_label_asym_id           A 
_struct_conn.ptnr1_label_comp_id           ARG 
_struct_conn.ptnr1_label_seq_id            10 
_struct_conn.ptnr1_label_atom_id           C 
_struct_conn.pdbx_ptnr1_label_alt_id       ? 
_struct_conn.pdbx_ptnr1_PDB_ins_code       ? 
_struct_conn.pdbx_ptnr1_standard_comp_id   ? 
_struct_conn.ptnr1_symmetry                1_555 
_struct_conn.ptnr2_label_asym_id           A 
_struct_conn.ptnr2_label_comp_id           NH2 
_struct_conn.ptnr2_label_seq_id            11 
_struct_conn.ptnr2_label_atom_id           N 
_struct_conn.pdbx_ptnr2_label_alt_id       ? 
_struct_conn.pdbx_ptnr2_PDB_ins_code       ? 
_struct_conn.ptnr1_auth_asym_id            A 
_struct_conn.ptnr1_auth_comp_id            ARG 
_struct_conn.ptnr1_auth_seq_id             10 
_struct_conn.ptnr2_auth_asym_id            A 
_struct_conn.ptnr2_auth_comp_id            NH2 
_struct_conn.ptnr2_auth_seq_id             11 
_struct_conn.ptnr2_symmetry                1_555 
_struct_conn.pdbx_ptnr3_label_atom_id      ? 
_struct_conn.pdbx_ptnr3_label_seq_id       ? 
_struct_conn.pdbx_ptnr3_label_comp_id      ? 
_struct_conn.pdbx_ptnr3_label_asym_id      ? 
_struct_conn.pdbx_ptnr3_label_alt_id       ? 
_struct_conn.pdbx_ptnr3_PDB_ins_code       ? 
_struct_conn.details                       ? 
_struct_conn.pdbx_dist_value               1.303 
_struct_conn.pdbx_value_order              ? 
_struct_conn.pdbx_role                     ? 
# 
_struct_conn_type.id          covale 
_struct_conn_type.criteria    ? 
_struct_conn_type.reference   ? 
# 
_pdbx_modification_feature.ordinal                            1 
_pdbx_modification_feature.label_comp_id                      NH2 
_pdbx_modification_feature.label_asym_id                      A 
_pdbx_modification_feature.label_seq_id                       11 
_pdbx_modification_feature.label_alt_id                       ? 
_pdbx_modification_feature.modified_residue_label_comp_id     ARG 
_pdbx_modification_feature.modified_residue_label_asym_id     A 
_pdbx_modification_feature.modified_residue_label_seq_id      10 
_pdbx_modification_feature.modified_residue_label_alt_id      ? 
_pdbx_modification_feature.auth_comp_id                       NH2 
_pdbx_modification_feature.auth_asym_id                       A 
_pdbx_modification_feature.auth_seq_id                        11 
_pdbx_modification_feature.PDB_ins_code                       ? 
_pdbx_modification_feature.symmetry                           1_555 
_pdbx_modification_feature.modified_residue_auth_comp_id      ARG 
_pdbx_modification_feature.modified_residue_auth_asym_id      A 
_pdbx_modification_feature.modified_residue_auth_seq_id       10 
_pdbx_modification_feature.modified_residue_PDB_ins_code      ? 
_pdbx_modification_feature.modified_residue_symmetry          1_555 
_pdbx_modification_feature.comp_id_linking_atom               . 
_pdbx_modification_feature.modified_residue_id_linking_atom   . 
_pdbx_modification_feature.modified_residue_id                ARG 
_pdbx_modification_feature.ref_pcm_id                         8 
_pdbx_modification_feature.ref_comp_id                        NH2 
_pdbx_modification_feature.type                               None 
_pdbx_modification_feature.category                           'Terminal amidation' 
# 
_pdbx_entry_details.entry_id                   6CTG 
_pdbx_entry_details.compound_details           ? 
_pdbx_entry_details.source_details             ? 
_pdbx_entry_details.nonpolymer_details         ? 
_pdbx_entry_details.sequence_details           ? 
_pdbx_entry_details.has_ligand_of_interest     ? 
_pdbx_entry_details.has_protein_modification   Y 
# 
loop_
_pdbx_validate_close_contact.id 
_pdbx_validate_close_contact.PDB_model_num 
_pdbx_validate_close_contact.auth_atom_id_1 
_pdbx_validate_close_contact.auth_asym_id_1 
_pdbx_validate_close_contact.auth_comp_id_1 
_pdbx_validate_close_contact.auth_seq_id_1 
_pdbx_validate_close_contact.PDB_ins_code_1 
_pdbx_validate_close_contact.label_alt_id_1 
_pdbx_validate_close_contact.auth_atom_id_2 
_pdbx_validate_close_contact.auth_asym_id_2 
_pdbx_validate_close_contact.auth_comp_id_2 
_pdbx_validate_close_contact.auth_seq_id_2 
_pdbx_validate_close_contact.PDB_ins_code_2 
_pdbx_validate_close_contact.label_alt_id_2 
_pdbx_validate_close_contact.dist 
1  1  O   A ARG 2 ? ? H    A ILE 6  ? ? 1.56 
2  1  O   A ILE 6 ? ? H    A ARG 10 ? ? 1.56 
3  2  H2  A SER 1 ? ? OE2  A GLU 4  ? ? 1.44 
4  2  HG  A SER 3 ? ? OE1  A GLU 4  ? ? 1.51 
5  2  HG  A SER 1 ? ? OE1  A GLU 4  ? ? 1.52 
6  3  O   A VAL 7 ? ? HN1  A NH2 11 ? ? 1.46 
7  3  H2  A SER 1 ? ? OE1  A GLU 4  ? ? 1.48 
8  3  HG  A SER 1 ? ? OE1  A GLU 4  ? ? 1.52 
9  3  O   A GLU 4 ? ? H    A HIS 8  ? ? 1.58 
10 4  O   A ILE 6 ? ? HE   A ARG 10 ? ? 1.38 
11 4  HG  A SER 1 ? ? OE2  A GLU 4  ? ? 1.51 
12 4  O   A GLU 4 ? ? H    A HIS 8  ? ? 1.51 
13 8  OE1 A GLN 9 ? ? HH22 A ARG 10 ? ? 1.44 
14 8  OE1 A GLU 4 ? ? HE2  A HIS 8  ? ? 1.59 
15 9  H1  A SER 1 ? ? OE1  A GLU 4  ? ? 1.52 
16 9  OE1 A GLN 9 ? ? HH22 A ARG 10 ? ? 1.53 
17 10 H3  A SER 1 ? ? OE1  A GLU 4  ? ? 1.50 
18 10 O   A VAL 7 ? ? HN1  A NH2 11 ? ? 1.57 
# 
_pdbx_nmr_ensemble.entry_id                                      6CTG 
_pdbx_nmr_ensemble.conformers_calculated_total_number            200 
_pdbx_nmr_ensemble.conformers_submitted_total_number             10 
_pdbx_nmr_ensemble.conformer_selection_criteria                  'structures with the lowest energy' 
_pdbx_nmr_ensemble.representative_conformer                      ? 
_pdbx_nmr_ensemble.average_constraints_per_residue               ? 
_pdbx_nmr_ensemble.average_constraint_violations_per_residue     ? 
_pdbx_nmr_ensemble.maximum_distance_constraint_violation         ? 
_pdbx_nmr_ensemble.average_distance_constraint_violation         ? 
_pdbx_nmr_ensemble.maximum_upper_distance_constraint_violation   ? 
_pdbx_nmr_ensemble.maximum_lower_distance_constraint_violation   ? 
_pdbx_nmr_ensemble.distance_constraint_violation_method          ? 
_pdbx_nmr_ensemble.maximum_torsion_angle_constraint_violation    ? 
_pdbx_nmr_ensemble.average_torsion_angle_constraint_violation    ? 
_pdbx_nmr_ensemble.torsion_angle_constraint_violation_method     ? 
# 
_pdbx_nmr_representative.entry_id             6CTG 
_pdbx_nmr_representative.conformer_id         1 
_pdbx_nmr_representative.selection_criteria   'lowest energy' 
# 
_pdbx_nmr_sample_details.solution_id      1 
_pdbx_nmr_sample_details.contents         
'1 mM cm-p1, 100 mM [U-98% 2H] SDS-d25, 5 % v/v [U-98% 2H] TMSP-d4, 90 % v/v H2O, 10 % v/v [U-99% 2H] D2O, 90% H2O/10% D2O' 
_pdbx_nmr_sample_details.solvent_system   '90% H2O/10% D2O' 
_pdbx_nmr_sample_details.label            cm-p1 
_pdbx_nmr_sample_details.type             solution 
_pdbx_nmr_sample_details.details          ? 
# 
loop_
_pdbx_nmr_exptl_sample.solution_id 
_pdbx_nmr_exptl_sample.component 
_pdbx_nmr_exptl_sample.concentration 
_pdbx_nmr_exptl_sample.concentration_range 
_pdbx_nmr_exptl_sample.concentration_units 
_pdbx_nmr_exptl_sample.isotopic_labeling 
1 cm-p1   1   ? mM      'natural abundance' 
1 SDS-d25 100 ? mM      '[U-98% 2H]'        
1 TMSP-d4 5   ? '% v/v' '[U-98% 2H]'        
1 H2O     90  ? '% v/v' 'natural abundance' 
1 D2O     10  ? '% v/v' '[U-99% 2H]'        
# 
_pdbx_nmr_exptl_sample_conditions.conditions_id          1 
_pdbx_nmr_exptl_sample_conditions.temperature            298 
_pdbx_nmr_exptl_sample_conditions.pressure_units         atm 
_pdbx_nmr_exptl_sample_conditions.pressure               1 
_pdbx_nmr_exptl_sample_conditions.pH                     4 
_pdbx_nmr_exptl_sample_conditions.ionic_strength         acid 
_pdbx_nmr_exptl_sample_conditions.details                ? 
_pdbx_nmr_exptl_sample_conditions.ionic_strength_err     ? 
_pdbx_nmr_exptl_sample_conditions.ionic_strength_units   'Not defined' 
_pdbx_nmr_exptl_sample_conditions.label                  cm-p1 
_pdbx_nmr_exptl_sample_conditions.pH_err                 ? 
_pdbx_nmr_exptl_sample_conditions.pH_units               pH 
_pdbx_nmr_exptl_sample_conditions.pressure_err           ? 
_pdbx_nmr_exptl_sample_conditions.temperature_err        ? 
_pdbx_nmr_exptl_sample_conditions.temperature_units      K 
# 
loop_
_pdbx_nmr_exptl.experiment_id 
_pdbx_nmr_exptl.conditions_id 
_pdbx_nmr_exptl.solution_id 
_pdbx_nmr_exptl.type 
_pdbx_nmr_exptl.spectrometer_id 
_pdbx_nmr_exptl.sample_state 
1 1 1 '2D 1H-1H TOCSY' 1 isotropic 
2 1 1 '2D 1H-1H NOESY' 1 isotropic 
3 1 1 '2D 1H-13C HSQC' 1 isotropic 
4 1 1 '2D 1H-15N HMQC' 1 isotropic 
# 
_pdbx_nmr_refine.entry_id           6CTG 
_pdbx_nmr_refine.method             'simulated annealing' 
_pdbx_nmr_refine.details            ? 
_pdbx_nmr_refine.software_ordinal   4 
# 
loop_
_pdbx_nmr_software.ordinal 
_pdbx_nmr_software.classification 
_pdbx_nmr_software.name 
_pdbx_nmr_software.version 
_pdbx_nmr_software.authors 
1 'chemical shift assignment'  NMRView      ? 'Johnson, One Moon Scientific'                      
2 'chemical shift calculation' 'X-PLOR NIH' ? 'Schwieters, Kuszewski, Tjandra and Clore'          
3 processing                   NMRPipe      ? 'Delaglio, Grzesiek, Vuister, Zhu, Pfeifer and Bax' 
4 refinement                   'X-PLOR NIH' ? 'Schwieters, Kuszewski, Tjandra and Clore'          
5 'geometry optimization'      TALOS        ? 'Cornilescu, Delaglio and Bax'                      
# 
loop_
_chem_comp_atom.comp_id 
_chem_comp_atom.atom_id 
_chem_comp_atom.type_symbol 
_chem_comp_atom.pdbx_aromatic_flag 
_chem_comp_atom.pdbx_stereo_config 
_chem_comp_atom.pdbx_ordinal 
ARG N    N N N 1   
ARG CA   C N S 2   
ARG C    C N N 3   
ARG O    O N N 4   
ARG CB   C N N 5   
ARG CG   C N N 6   
ARG CD   C N N 7   
ARG NE   N N N 8   
ARG CZ   C N N 9   
ARG NH1  N N N 10  
ARG NH2  N N N 11  
ARG OXT  O N N 12  
ARG H    H N N 13  
ARG H2   H N N 14  
ARG HA   H N N 15  
ARG HB2  H N N 16  
ARG HB3  H N N 17  
ARG HG2  H N N 18  
ARG HG3  H N N 19  
ARG HD2  H N N 20  
ARG HD3  H N N 21  
ARG HE   H N N 22  
ARG HH11 H N N 23  
ARG HH12 H N N 24  
ARG HH21 H N N 25  
ARG HH22 H N N 26  
ARG HXT  H N N 27  
GLN N    N N N 28  
GLN CA   C N S 29  
GLN C    C N N 30  
GLN O    O N N 31  
GLN CB   C N N 32  
GLN CG   C N N 33  
GLN CD   C N N 34  
GLN OE1  O N N 35  
GLN NE2  N N N 36  
GLN OXT  O N N 37  
GLN H    H N N 38  
GLN H2   H N N 39  
GLN HA   H N N 40  
GLN HB2  H N N 41  
GLN HB3  H N N 42  
GLN HG2  H N N 43  
GLN HG3  H N N 44  
GLN HE21 H N N 45  
GLN HE22 H N N 46  
GLN HXT  H N N 47  
GLU N    N N N 48  
GLU CA   C N S 49  
GLU C    C N N 50  
GLU O    O N N 51  
GLU CB   C N N 52  
GLU CG   C N N 53  
GLU CD   C N N 54  
GLU OE1  O N N 55  
GLU OE2  O N N 56  
GLU OXT  O N N 57  
GLU H    H N N 58  
GLU H2   H N N 59  
GLU HA   H N N 60  
GLU HB2  H N N 61  
GLU HB3  H N N 62  
GLU HG2  H N N 63  
GLU HG3  H N N 64  
GLU HE2  H N N 65  
GLU HXT  H N N 66  
HIS N    N N N 67  
HIS CA   C N S 68  
HIS C    C N N 69  
HIS O    O N N 70  
HIS CB   C N N 71  
HIS CG   C Y N 72  
HIS ND1  N Y N 73  
HIS CD2  C Y N 74  
HIS CE1  C Y N 75  
HIS NE2  N Y N 76  
HIS OXT  O N N 77  
HIS H    H N N 78  
HIS H2   H N N 79  
HIS HA   H N N 80  
HIS HB2  H N N 81  
HIS HB3  H N N 82  
HIS HD1  H N N 83  
HIS HD2  H N N 84  
HIS HE1  H N N 85  
HIS HE2  H N N 86  
HIS HXT  H N N 87  
ILE N    N N N 88  
ILE CA   C N S 89  
ILE C    C N N 90  
ILE O    O N N 91  
ILE CB   C N S 92  
ILE CG1  C N N 93  
ILE CG2  C N N 94  
ILE CD1  C N N 95  
ILE OXT  O N N 96  
ILE H    H N N 97  
ILE H2   H N N 98  
ILE HA   H N N 99  
ILE HB   H N N 100 
ILE HG12 H N N 101 
ILE HG13 H N N 102 
ILE HG21 H N N 103 
ILE HG22 H N N 104 
ILE HG23 H N N 105 
ILE HD11 H N N 106 
ILE HD12 H N N 107 
ILE HD13 H N N 108 
ILE HXT  H N N 109 
LEU N    N N N 110 
LEU CA   C N S 111 
LEU C    C N N 112 
LEU O    O N N 113 
LEU CB   C N N 114 
LEU CG   C N N 115 
LEU CD1  C N N 116 
LEU CD2  C N N 117 
LEU OXT  O N N 118 
LEU H    H N N 119 
LEU H2   H N N 120 
LEU HA   H N N 121 
LEU HB2  H N N 122 
LEU HB3  H N N 123 
LEU HG   H N N 124 
LEU HD11 H N N 125 
LEU HD12 H N N 126 
LEU HD13 H N N 127 
LEU HD21 H N N 128 
LEU HD22 H N N 129 
LEU HD23 H N N 130 
LEU HXT  H N N 131 
NH2 N    N N N 132 
NH2 HN1  H N N 133 
NH2 HN2  H N N 134 
SER N    N N N 135 
SER CA   C N S 136 
SER C    C N N 137 
SER O    O N N 138 
SER CB   C N N 139 
SER OG   O N N 140 
SER OXT  O N N 141 
SER H    H N N 142 
SER H2   H N N 143 
SER HA   H N N 144 
SER HB2  H N N 145 
SER HB3  H N N 146 
SER HG   H N N 147 
SER HXT  H N N 148 
VAL N    N N N 149 
VAL CA   C N S 150 
VAL C    C N N 151 
VAL O    O N N 152 
VAL CB   C N N 153 
VAL CG1  C N N 154 
VAL CG2  C N N 155 
VAL OXT  O N N 156 
VAL H    H N N 157 
VAL H2   H N N 158 
VAL HA   H N N 159 
VAL HB   H N N 160 
VAL HG11 H N N 161 
VAL HG12 H N N 162 
VAL HG13 H N N 163 
VAL HG21 H N N 164 
VAL HG22 H N N 165 
VAL HG23 H N N 166 
VAL HXT  H N N 167 
# 
loop_
_chem_comp_bond.comp_id 
_chem_comp_bond.atom_id_1 
_chem_comp_bond.atom_id_2 
_chem_comp_bond.value_order 
_chem_comp_bond.pdbx_aromatic_flag 
_chem_comp_bond.pdbx_stereo_config 
_chem_comp_bond.pdbx_ordinal 
ARG N   CA   sing N N 1   
ARG N   H    sing N N 2   
ARG N   H2   sing N N 3   
ARG CA  C    sing N N 4   
ARG CA  CB   sing N N 5   
ARG CA  HA   sing N N 6   
ARG C   O    doub N N 7   
ARG C   OXT  sing N N 8   
ARG CB  CG   sing N N 9   
ARG CB  HB2  sing N N 10  
ARG CB  HB3  sing N N 11  
ARG CG  CD   sing N N 12  
ARG CG  HG2  sing N N 13  
ARG CG  HG3  sing N N 14  
ARG CD  NE   sing N N 15  
ARG CD  HD2  sing N N 16  
ARG CD  HD3  sing N N 17  
ARG NE  CZ   sing N N 18  
ARG NE  HE   sing N N 19  
ARG CZ  NH1  sing N N 20  
ARG CZ  NH2  doub N N 21  
ARG NH1 HH11 sing N N 22  
ARG NH1 HH12 sing N N 23  
ARG NH2 HH21 sing N N 24  
ARG NH2 HH22 sing N N 25  
ARG OXT HXT  sing N N 26  
GLN N   CA   sing N N 27  
GLN N   H    sing N N 28  
GLN N   H2   sing N N 29  
GLN CA  C    sing N N 30  
GLN CA  CB   sing N N 31  
GLN CA  HA   sing N N 32  
GLN C   O    doub N N 33  
GLN C   OXT  sing N N 34  
GLN CB  CG   sing N N 35  
GLN CB  HB2  sing N N 36  
GLN CB  HB3  sing N N 37  
GLN CG  CD   sing N N 38  
GLN CG  HG2  sing N N 39  
GLN CG  HG3  sing N N 40  
GLN CD  OE1  doub N N 41  
GLN CD  NE2  sing N N 42  
GLN NE2 HE21 sing N N 43  
GLN NE2 HE22 sing N N 44  
GLN OXT HXT  sing N N 45  
GLU N   CA   sing N N 46  
GLU N   H    sing N N 47  
GLU N   H2   sing N N 48  
GLU CA  C    sing N N 49  
GLU CA  CB   sing N N 50  
GLU CA  HA   sing N N 51  
GLU C   O    doub N N 52  
GLU C   OXT  sing N N 53  
GLU CB  CG   sing N N 54  
GLU CB  HB2  sing N N 55  
GLU CB  HB3  sing N N 56  
GLU CG  CD   sing N N 57  
GLU CG  HG2  sing N N 58  
GLU CG  HG3  sing N N 59  
GLU CD  OE1  doub N N 60  
GLU CD  OE2  sing N N 61  
GLU OE2 HE2  sing N N 62  
GLU OXT HXT  sing N N 63  
HIS N   CA   sing N N 64  
HIS N   H    sing N N 65  
HIS N   H2   sing N N 66  
HIS CA  C    sing N N 67  
HIS CA  CB   sing N N 68  
HIS CA  HA   sing N N 69  
HIS C   O    doub N N 70  
HIS C   OXT  sing N N 71  
HIS CB  CG   sing N N 72  
HIS CB  HB2  sing N N 73  
HIS CB  HB3  sing N N 74  
HIS CG  ND1  sing Y N 75  
HIS CG  CD2  doub Y N 76  
HIS ND1 CE1  doub Y N 77  
HIS ND1 HD1  sing N N 78  
HIS CD2 NE2  sing Y N 79  
HIS CD2 HD2  sing N N 80  
HIS CE1 NE2  sing Y N 81  
HIS CE1 HE1  sing N N 82  
HIS NE2 HE2  sing N N 83  
HIS OXT HXT  sing N N 84  
ILE N   CA   sing N N 85  
ILE N   H    sing N N 86  
ILE N   H2   sing N N 87  
ILE CA  C    sing N N 88  
ILE CA  CB   sing N N 89  
ILE CA  HA   sing N N 90  
ILE C   O    doub N N 91  
ILE C   OXT  sing N N 92  
ILE CB  CG1  sing N N 93  
ILE CB  CG2  sing N N 94  
ILE CB  HB   sing N N 95  
ILE CG1 CD1  sing N N 96  
ILE CG1 HG12 sing N N 97  
ILE CG1 HG13 sing N N 98  
ILE CG2 HG21 sing N N 99  
ILE CG2 HG22 sing N N 100 
ILE CG2 HG23 sing N N 101 
ILE CD1 HD11 sing N N 102 
ILE CD1 HD12 sing N N 103 
ILE CD1 HD13 sing N N 104 
ILE OXT HXT  sing N N 105 
LEU N   CA   sing N N 106 
LEU N   H    sing N N 107 
LEU N   H2   sing N N 108 
LEU CA  C    sing N N 109 
LEU CA  CB   sing N N 110 
LEU CA  HA   sing N N 111 
LEU C   O    doub N N 112 
LEU C   OXT  sing N N 113 
LEU CB  CG   sing N N 114 
LEU CB  HB2  sing N N 115 
LEU CB  HB3  sing N N 116 
LEU CG  CD1  sing N N 117 
LEU CG  CD2  sing N N 118 
LEU CG  HG   sing N N 119 
LEU CD1 HD11 sing N N 120 
LEU CD1 HD12 sing N N 121 
LEU CD1 HD13 sing N N 122 
LEU CD2 HD21 sing N N 123 
LEU CD2 HD22 sing N N 124 
LEU CD2 HD23 sing N N 125 
LEU OXT HXT  sing N N 126 
NH2 N   HN1  sing N N 127 
NH2 N   HN2  sing N N 128 
SER N   CA   sing N N 129 
SER N   H    sing N N 130 
SER N   H2   sing N N 131 
SER CA  C    sing N N 132 
SER CA  CB   sing N N 133 
SER CA  HA   sing N N 134 
SER C   O    doub N N 135 
SER C   OXT  sing N N 136 
SER CB  OG   sing N N 137 
SER CB  HB2  sing N N 138 
SER CB  HB3  sing N N 139 
SER OG  HG   sing N N 140 
SER OXT HXT  sing N N 141 
VAL N   CA   sing N N 142 
VAL N   H    sing N N 143 
VAL N   H2   sing N N 144 
VAL CA  C    sing N N 145 
VAL CA  CB   sing N N 146 
VAL CA  HA   sing N N 147 
VAL C   O    doub N N 148 
VAL C   OXT  sing N N 149 
VAL CB  CG1  sing N N 150 
VAL CB  CG2  sing N N 151 
VAL CB  HB   sing N N 152 
VAL CG1 HG11 sing N N 153 
VAL CG1 HG12 sing N N 154 
VAL CG1 HG13 sing N N 155 
VAL CG2 HG21 sing N N 156 
VAL CG2 HG22 sing N N 157 
VAL CG2 HG23 sing N N 158 
VAL OXT HXT  sing N N 159 
# 
_pdbx_audit_support.funding_organization   'Brazilian National Council for Scientific and Technological Development (CNPq)' 
_pdbx_audit_support.country                Brazil 
_pdbx_audit_support.grant_number           '#55613211-9000' 
_pdbx_audit_support.ordinal                1 
# 
_pdbx_nmr_spectrometer.spectrometer_id   1 
_pdbx_nmr_spectrometer.model             'AVANCE III' 
_pdbx_nmr_spectrometer.type              ? 
_pdbx_nmr_spectrometer.manufacturer      Bruker 
_pdbx_nmr_spectrometer.field_strength    500 
_pdbx_nmr_spectrometer.details           ? 
# 
_atom_sites.entry_id                    6CTG 
_atom_sites.fract_transf_matrix[1][1]   1.000000 
_atom_sites.fract_transf_matrix[1][2]   0.000000 
_atom_sites.fract_transf_matrix[1][3]   0.000000 
_atom_sites.fract_transf_matrix[2][1]   0.000000 
_atom_sites.fract_transf_matrix[2][2]   1.000000 
_atom_sites.fract_transf_matrix[2][3]   0.000000 
_atom_sites.fract_transf_matrix[3][1]   0.000000 
_atom_sites.fract_transf_matrix[3][2]   0.000000 
_atom_sites.fract_transf_matrix[3][3]   1.000000 
_atom_sites.fract_transf_vector[1]      0.00000 
_atom_sites.fract_transf_vector[2]      0.00000 
_atom_sites.fract_transf_vector[3]      0.00000 
# 
loop_
_atom_type.symbol 
C 
H 
N 
O 
# 
loop_
_atom_site.group_PDB 
_atom_site.id 
_atom_site.type_symbol 
_atom_site.label_atom_id 
_atom_site.label_alt_id 
_atom_site.label_comp_id 
_atom_site.label_asym_id 
_atom_site.label_entity_id 
_atom_site.label_seq_id 
_atom_site.pdbx_PDB_ins_code 
_atom_site.Cartn_x 
_atom_site.Cartn_y 
_atom_site.Cartn_z 
_atom_site.occupancy 
_atom_site.B_iso_or_equiv 
_atom_site.pdbx_formal_charge 
_atom_site.auth_seq_id 
_atom_site.auth_comp_id 
_atom_site.auth_asym_id 
_atom_site.auth_atom_id 
_atom_site.pdbx_PDB_model_num 
ATOM   1    N N    . SER A 1 1  ? 8.642   -0.192 1.394  1.00 0.00 ?  1  SER A N    1  
ATOM   2    C CA   . SER A 1 1  ? 7.498   -0.080 2.333  1.00 0.00 ?  1  SER A CA   1  
ATOM   3    C C    . SER A 1 1  ? 6.228   0.268  1.554  1.00 0.00 ?  1  SER A C    1  
ATOM   4    O O    . SER A 1 1  ? 5.310   0.898  2.080  1.00 0.00 ?  1  SER A O    1  
ATOM   5    C CB   . SER A 1 1  ? 7.813   1.006  3.358  1.00 0.00 ?  1  SER A CB   1  
ATOM   6    O OG   . SER A 1 1  ? 9.217   1.017  3.619  1.00 0.00 ?  1  SER A OG   1  
ATOM   7    H H1   . SER A 1 1  ? 9.443   0.352  1.764  1.00 0.00 ?  1  SER A H1   1  
ATOM   8    H H2   . SER A 1 1  ? 8.370   0.184  0.463  1.00 0.00 ?  1  SER A H2   1  
ATOM   9    H H3   . SER A 1 1  ? 8.916   -1.188 1.300  1.00 0.00 ?  1  SER A H3   1  
ATOM   10   H HA   . SER A 1 1  ? 7.358   -1.021 2.842  1.00 0.00 ?  1  SER A HA   1  
ATOM   11   H HB2  . SER A 1 1  ? 7.516   1.966  2.966  1.00 0.00 ?  1  SER A HB2  1  
ATOM   12   H HB3  . SER A 1 1  ? 7.267   0.807  4.269  1.00 0.00 ?  1  SER A HB3  1  
ATOM   13   H HG   . SER A 1 1  ? 9.342   1.060  4.577  1.00 0.00 ?  1  SER A HG   1  
ATOM   14   N N    . ARG A 1 2  ? 6.176   -0.151 0.296  1.00 0.00 ?  2  ARG A N    1  
ATOM   15   C CA   . ARG A 1 2  ? 5.010   0.108  -0.545 1.00 0.00 ?  2  ARG A CA   1  
ATOM   16   C C    . ARG A 1 2  ? 3.844   -0.764 -0.099 1.00 0.00 ?  2  ARG A C    1  
ATOM   17   O O    . ARG A 1 2  ? 2.679   -0.414 -0.280 1.00 0.00 ?  2  ARG A O    1  
ATOM   18   C CB   . ARG A 1 2  ? 5.345   -0.185 -2.014 1.00 0.00 ?  2  ARG A CB   1  
ATOM   19   C CG   . ARG A 1 2  ? 4.659   0.843  -2.924 1.00 0.00 ?  2  ARG A CG   1  
ATOM   20   C CD   . ARG A 1 2  ? 5.645   1.964  -3.270 1.00 0.00 ?  2  ARG A CD   1  
ATOM   21   N NE   . ARG A 1 2  ? 6.808   1.419  -3.966 1.00 0.00 ?  2  ARG A NE   1  
ATOM   22   C CZ   . ARG A 1 2  ? 7.948   2.104  -4.053 1.00 0.00 ?  2  ARG A CZ   1  
ATOM   23   N NH1  . ARG A 1 2  ? 8.982   1.577  -4.651 1.00 0.00 1  2  ARG A NH1  1  
ATOM   24   N NH2  . ARG A 1 2  ? 8.027   3.304  -3.549 1.00 0.00 ?  2  ARG A NH2  1  
ATOM   25   H H    . ARG A 1 2  ? 6.931   -0.655 -0.075 1.00 0.00 ?  2  ARG A H    1  
ATOM   26   H HA   . ARG A 1 2  ? 4.730   1.143  -0.448 1.00 0.00 ?  2  ARG A HA   1  
ATOM   27   H HB2  . ARG A 1 2  ? 6.415   -0.135 -2.154 1.00 0.00 ?  2  ARG A HB2  1  
ATOM   28   H HB3  . ARG A 1 2  ? 4.999   -1.173 -2.270 1.00 0.00 ?  2  ARG A HB3  1  
ATOM   29   H HG2  . ARG A 1 2  ? 4.332   0.356  -3.834 1.00 0.00 ?  2  ARG A HG2  1  
ATOM   30   H HG3  . ARG A 1 2  ? 3.803   1.263  -2.416 1.00 0.00 ?  2  ARG A HG3  1  
ATOM   31   H HD2  . ARG A 1 2  ? 5.154   2.684  -3.909 1.00 0.00 ?  2  ARG A HD2  1  
ATOM   32   H HD3  . ARG A 1 2  ? 5.962   2.453  -2.359 1.00 0.00 ?  2  ARG A HD3  1  
ATOM   33   H HE   . ARG A 1 2  ? 6.750   0.526  -4.373 1.00 0.00 ?  2  ARG A HE   1  
ATOM   34   H HH11 . ARG A 1 2  ? 8.922   0.659  -5.045 1.00 0.00 ?  2  ARG A HH11 1  
ATOM   35   H HH12 . ARG A 1 2  ? 9.841   2.086  -4.717 1.00 0.00 ?  2  ARG A HH12 1  
ATOM   36   H HH21 . ARG A 1 2  ? 7.233   3.714  -3.099 1.00 0.00 ?  2  ARG A HH21 1  
ATOM   37   H HH22 . ARG A 1 2  ? 8.886   3.817  -3.604 1.00 0.00 ?  2  ARG A HH22 1  
ATOM   38   N N    . SER A 1 3  ? 4.184   -1.916 0.463  1.00 0.00 ?  3  SER A N    1  
ATOM   39   C CA   . SER A 1 3  ? 3.197   -2.890 0.915  1.00 0.00 ?  3  SER A CA   1  
ATOM   40   C C    . SER A 1 3  ? 2.093   -2.259 1.756  1.00 0.00 ?  3  SER A C    1  
ATOM   41   O O    . SER A 1 3  ? 0.921   -2.612 1.612  1.00 0.00 ?  3  SER A O    1  
ATOM   42   C CB   . SER A 1 3  ? 3.901   -3.971 1.732  1.00 0.00 ?  3  SER A CB   1  
ATOM   43   O OG   . SER A 1 3  ? 5.187   -4.217 1.168  1.00 0.00 ?  3  SER A OG   1  
ATOM   44   H H    . SER A 1 3  ? 5.134   -2.130 0.553  1.00 0.00 ?  3  SER A H    1  
ATOM   45   H HA   . SER A 1 3  ? 2.752   -3.353 0.052  1.00 0.00 ?  3  SER A HA   1  
ATOM   46   H HB2  . SER A 1 3  ? 4.017   -3.634 2.751  1.00 0.00 ?  3  SER A HB2  1  
ATOM   47   H HB3  . SER A 1 3  ? 3.307   -4.875 1.720  1.00 0.00 ?  3  SER A HB3  1  
ATOM   48   H HG   . SER A 1 3  ? 5.476   -5.098 1.452  1.00 0.00 ?  3  SER A HG   1  
ATOM   49   N N    . GLU A 1 4  ? 2.453   -1.335 2.635  1.00 0.00 ?  4  GLU A N    1  
ATOM   50   C CA   . GLU A 1 4  ? 1.449   -0.696 3.476  1.00 0.00 ?  4  GLU A CA   1  
ATOM   51   C C    . GLU A 1 4  ? 0.718   0.378  2.690  1.00 0.00 ?  4  GLU A C    1  
ATOM   52   O O    . GLU A 1 4  ? -0.462  0.642  2.916  1.00 0.00 ?  4  GLU A O    1  
ATOM   53   C CB   . GLU A 1 4  ? 2.105   -0.086 4.713  1.00 0.00 ?  4  GLU A CB   1  
ATOM   54   C CG   . GLU A 1 4  ? 3.196   -1.030 5.231  1.00 0.00 ?  4  GLU A CG   1  
ATOM   55   C CD   . GLU A 1 4  ? 4.541   -0.621 4.660  1.00 0.00 ?  4  GLU A CD   1  
ATOM   56   O OE1  . GLU A 1 4  ? 5.134   0.292  5.201  1.00 0.00 ?  4  GLU A OE1  1  
ATOM   57   O OE2  . GLU A 1 4  ? 4.958   -1.223 3.689  1.00 0.00 -1 4  GLU A OE2  1  
ATOM   58   H H    . GLU A 1 4  ? 3.399   -1.078 2.723  1.00 0.00 ?  4  GLU A H    1  
ATOM   59   H HA   . GLU A 1 4  ? 0.734   -1.442 3.794  1.00 0.00 ?  4  GLU A HA   1  
ATOM   60   H HB2  . GLU A 1 4  ? 2.543   0.866  4.454  1.00 0.00 ?  4  GLU A HB2  1  
ATOM   61   H HB3  . GLU A 1 4  ? 1.359   0.054  5.481  1.00 0.00 ?  4  GLU A HB3  1  
ATOM   62   H HG2  . GLU A 1 4  ? 3.231   -0.978 6.310  1.00 0.00 ?  4  GLU A HG2  1  
ATOM   63   H HG3  . GLU A 1 4  ? 2.970   -2.042 4.929  1.00 0.00 ?  4  GLU A HG3  1  
ATOM   64   N N    . LEU A 1 5  ? 1.434   0.999  1.775  1.00 0.00 ?  5  LEU A N    1  
ATOM   65   C CA   . LEU A 1 5  ? 0.863   2.042  0.941  1.00 0.00 ?  5  LEU A CA   1  
ATOM   66   C C    . LEU A 1 5  ? -0.107  1.459  -0.088 1.00 0.00 ?  5  LEU A C    1  
ATOM   67   O O    . LEU A 1 5  ? -1.196  1.989  -0.308 1.00 0.00 ?  5  LEU A O    1  
ATOM   68   C CB   . LEU A 1 5  ? 1.980   2.809  0.226  1.00 0.00 ?  5  LEU A CB   1  
ATOM   69   C CG   . LEU A 1 5  ? 3.185   2.942  1.161  1.00 0.00 ?  5  LEU A CG   1  
ATOM   70   C CD1  . LEU A 1 5  ? 4.273   3.776  0.490  1.00 0.00 ?  5  LEU A CD1  1  
ATOM   71   C CD2  . LEU A 1 5  ? 2.752   3.618  2.467  1.00 0.00 ?  5  LEU A CD2  1  
ATOM   72   H H    . LEU A 1 5  ? 2.368   0.747  1.651  1.00 0.00 ?  5  LEU A H    1  
ATOM   73   H HA   . LEU A 1 5  ? 0.327   2.726  1.575  1.00 0.00 ?  5  LEU A HA   1  
ATOM   74   H HB2  . LEU A 1 5  ? 2.273   2.272  -0.666 1.00 0.00 ?  5  LEU A HB2  1  
ATOM   75   H HB3  . LEU A 1 5  ? 1.627   3.795  -0.044 1.00 0.00 ?  5  LEU A HB3  1  
ATOM   76   H HG   . LEU A 1 5  ? 3.577   1.962  1.378  1.00 0.00 ?  5  LEU A HG   1  
ATOM   77   H HD11 . LEU A 1 5  ? 4.919   4.199  1.247  1.00 0.00 ?  5  LEU A HD11 1  
ATOM   78   H HD12 . LEU A 1 5  ? 3.821   4.570  -0.082 1.00 0.00 ?  5  LEU A HD12 1  
ATOM   79   H HD13 . LEU A 1 5  ? 4.856   3.147  -0.164 1.00 0.00 ?  5  LEU A HD13 1  
ATOM   80   H HD21 . LEU A 1 5  ? 1.939   4.300  2.270  1.00 0.00 ?  5  LEU A HD21 1  
ATOM   81   H HD22 . LEU A 1 5  ? 3.585   4.162  2.884  1.00 0.00 ?  5  LEU A HD22 1  
ATOM   82   H HD23 . LEU A 1 5  ? 2.429   2.865  3.170  1.00 0.00 ?  5  LEU A HD23 1  
ATOM   83   N N    . ILE A 1 6  ? 0.317   0.382  -0.751 1.00 0.00 ?  6  ILE A N    1  
ATOM   84   C CA   . ILE A 1 6  ? -0.500  -0.242 -1.792 1.00 0.00 ?  6  ILE A CA   1  
ATOM   85   C C    . ILE A 1 6  ? -1.863  -0.699 -1.273 1.00 0.00 ?  6  ILE A C    1  
ATOM   86   O O    . ILE A 1 6  ? -2.870  -0.507 -1.948 1.00 0.00 ?  6  ILE A O    1  
ATOM   87   C CB   . ILE A 1 6  ? 0.257   -1.425 -2.418 1.00 0.00 ?  6  ILE A CB   1  
ATOM   88   C CG1  . ILE A 1 6  ? -0.599  -2.071 -3.513 1.00 0.00 ?  6  ILE A CG1  1  
ATOM   89   C CG2  . ILE A 1 6  ? 0.577   -2.475 -1.354 1.00 0.00 ?  6  ILE A CG2  1  
ATOM   90   C CD1  . ILE A 1 6  ? 0.257   -3.062 -4.306 1.00 0.00 ?  6  ILE A CD1  1  
ATOM   91   H H    . ILE A 1 6  ? 1.209   0.018  -0.556 1.00 0.00 ?  6  ILE A H    1  
ATOM   92   H HA   . ILE A 1 6  ? -0.670  0.492  -2.565 1.00 0.00 ?  6  ILE A HA   1  
ATOM   93   H HB   . ILE A 1 6  ? 1.182   -1.064 -2.851 1.00 0.00 ?  6  ILE A HB   1  
ATOM   94   H HG12 . ILE A 1 6  ? -1.427  -2.596 -3.058 1.00 0.00 ?  6  ILE A HG12 1  
ATOM   95   H HG13 . ILE A 1 6  ? -0.975  -1.309 -4.178 1.00 0.00 ?  6  ILE A HG13 1  
ATOM   96   H HG21 . ILE A 1 6  ? 1.204   -3.241 -1.787 1.00 0.00 ?  6  ILE A HG21 1  
ATOM   97   H HG22 . ILE A 1 6  ? -0.338  -2.921 -0.998 1.00 0.00 ?  6  ILE A HG22 1  
ATOM   98   H HG23 . ILE A 1 6  ? 1.096   -2.008 -0.532 1.00 0.00 ?  6  ILE A HG23 1  
ATOM   99   H HD11 . ILE A 1 6  ? -0.339  -3.508 -5.088 1.00 0.00 ?  6  ILE A HD11 1  
ATOM   100  H HD12 . ILE A 1 6  ? 0.620   -3.837 -3.645 1.00 0.00 ?  6  ILE A HD12 1  
ATOM   101  H HD13 . ILE A 1 6  ? 1.096   -2.543 -4.742 1.00 0.00 ?  6  ILE A HD13 1  
ATOM   102  N N    . VAL A 1 7  ? -1.902  -1.319 -0.101 1.00 0.00 ?  7  VAL A N    1  
ATOM   103  C CA   . VAL A 1 7  ? -3.164  -1.804 0.433  1.00 0.00 ?  7  VAL A CA   1  
ATOM   104  C C    . VAL A 1 7  ? -4.212  -0.696 0.468  1.00 0.00 ?  7  VAL A C    1  
ATOM   105  O O    . VAL A 1 7  ? -5.387  -0.932 0.186  1.00 0.00 ?  7  VAL A O    1  
ATOM   106  C CB   . VAL A 1 7  ? -2.954  -2.386 1.833  1.00 0.00 ?  7  VAL A CB   1  
ATOM   107  C CG1  . VAL A 1 7  ? -2.367  -3.798 1.729  1.00 0.00 ?  7  VAL A CG1  1  
ATOM   108  C CG2  . VAL A 1 7  ? -1.986  -1.507 2.630  1.00 0.00 ?  7  VAL A CG2  1  
ATOM   109  H H    . VAL A 1 7  ? -1.078  -1.469 0.403  1.00 0.00 ?  7  VAL A H    1  
ATOM   110  H HA   . VAL A 1 7  ? -3.522  -2.584 -0.212 1.00 0.00 ?  7  VAL A HA   1  
ATOM   111  H HB   . VAL A 1 7  ? -3.902  -2.427 2.337  1.00 0.00 ?  7  VAL A HB   1  
ATOM   112  H HG11 . VAL A 1 7  ? -3.170  -4.515 1.688  1.00 0.00 ?  7  VAL A HG11 1  
ATOM   113  H HG12 . VAL A 1 7  ? -1.749  -4.002 2.593  1.00 0.00 ?  7  VAL A HG12 1  
ATOM   114  H HG13 . VAL A 1 7  ? -1.768  -3.878 0.834  1.00 0.00 ?  7  VAL A HG13 1  
ATOM   115  H HG21 . VAL A 1 7  ? -2.447  -0.553 2.829  1.00 0.00 ?  7  VAL A HG21 1  
ATOM   116  H HG22 . VAL A 1 7  ? -1.078  -1.360 2.066  1.00 0.00 ?  7  VAL A HG22 1  
ATOM   117  H HG23 . VAL A 1 7  ? -1.752  -1.994 3.564  1.00 0.00 ?  7  VAL A HG23 1  
ATOM   118  N N    . HIS A 1 8  ? -3.784  0.511  0.788  1.00 0.00 ?  8  HIS A N    1  
ATOM   119  C CA   . HIS A 1 8  ? -4.709  1.636  0.822  1.00 0.00 ?  8  HIS A CA   1  
ATOM   120  C C    . HIS A 1 8  ? -5.056  2.060  -0.602 1.00 0.00 ?  8  HIS A C    1  
ATOM   121  O O    . HIS A 1 8  ? -6.229  2.156  -0.962 1.00 0.00 ?  8  HIS A O    1  
ATOM   122  C CB   . HIS A 1 8  ? -4.097  2.817  1.583  1.00 0.00 ?  8  HIS A CB   1  
ATOM   123  C CG   . HIS A 1 8  ? -5.189  3.770  1.989  1.00 0.00 ?  8  HIS A CG   1  
ATOM   124  N ND1  . HIS A 1 8  ? -6.191  4.151  1.113  1.00 0.00 ?  8  HIS A ND1  1  
ATOM   125  C CD2  . HIS A 1 8  ? -5.450  4.429  3.167  1.00 0.00 ?  8  HIS A CD2  1  
ATOM   126  C CE1  . HIS A 1 8  ? -6.999  5.004  1.765  1.00 0.00 ?  8  HIS A CE1  1  
ATOM   127  N NE2  . HIS A 1 8  ? -6.594  5.209  3.019  1.00 0.00 ?  8  HIS A NE2  1  
ATOM   128  H H    . HIS A 1 8  ? -2.839  0.647  0.986  1.00 0.00 ?  8  HIS A H    1  
ATOM   129  H HA   . HIS A 1 8  ? -5.615  1.325  1.321  1.00 0.00 ?  8  HIS A HA   1  
ATOM   130  H HB2  . HIS A 1 8  ? -3.586  2.458  2.463  1.00 0.00 ?  8  HIS A HB2  1  
ATOM   131  H HB3  . HIS A 1 8  ? -3.396  3.331  0.943  1.00 0.00 ?  8  HIS A HB3  1  
ATOM   132  H HD2  . HIS A 1 8  ? -4.865  4.351  4.072  1.00 0.00 ?  8  HIS A HD2  1  
ATOM   133  H HE1  . HIS A 1 8  ? -7.878  5.458  1.331  1.00 0.00 ?  8  HIS A HE1  1  
ATOM   134  H HE2  . HIS A 1 8  ? -7.008  5.796  3.691  1.00 0.00 ?  8  HIS A HE2  1  
ATOM   135  N N    . GLN A 1 9  ? -4.033  2.301  -1.413 1.00 0.00 ?  9  GLN A N    1  
ATOM   136  C CA   . GLN A 1 9  ? -4.250  2.706  -2.800 1.00 0.00 ?  9  GLN A CA   1  
ATOM   137  C C    . GLN A 1 9  ? -4.971  1.609  -3.577 1.00 0.00 ?  9  GLN A C    1  
ATOM   138  O O    . GLN A 1 9  ? -5.689  1.882  -4.546 1.00 0.00 ?  9  GLN A O    1  
ATOM   139  C CB   . GLN A 1 9  ? -2.909  3.016  -3.462 1.00 0.00 ?  9  GLN A CB   1  
ATOM   140  C CG   . GLN A 1 9  ? -2.415  4.383  -2.983 1.00 0.00 ?  9  GLN A CG   1  
ATOM   141  C CD   . GLN A 1 9  ? -0.893  4.407  -2.923 1.00 0.00 ?  9  GLN A CD   1  
ATOM   142  O OE1  . GLN A 1 9  ? -0.255  5.163  -3.649 1.00 0.00 ?  9  GLN A OE1  1  
ATOM   143  N NE2  . GLN A 1 9  ? -0.270  3.624  -2.089 1.00 0.00 ?  9  GLN A NE2  1  
ATOM   144  H H    . GLN A 1 9  ? -3.116  2.200  -1.075 1.00 0.00 ?  9  GLN A H    1  
ATOM   145  H HA   . GLN A 1 9  ? -4.860  3.596  -2.812 1.00 0.00 ?  9  GLN A HA   1  
ATOM   146  H HB2  . GLN A 1 9  ? -2.190  2.255  -3.190 1.00 0.00 ?  9  GLN A HB2  1  
ATOM   147  H HB3  . GLN A 1 9  ? -3.034  3.032  -4.535 1.00 0.00 ?  9  GLN A HB3  1  
ATOM   148  H HG2  . GLN A 1 9  ? -2.763  5.144  -3.667 1.00 0.00 ?  9  GLN A HG2  1  
ATOM   149  H HG3  . GLN A 1 9  ? -2.808  4.581  -1.995 1.00 0.00 ?  9  GLN A HG3  1  
ATOM   150  H HE21 . GLN A 1 9  ? -0.782  3.025  -1.505 1.00 0.00 ?  9  GLN A HE21 1  
ATOM   151  H HE22 . GLN A 1 9  ? 0.710   3.642  -2.036 1.00 0.00 ?  9  GLN A HE22 1  
ATOM   152  N N    . ARG A 1 10 ? -4.768  0.374  -3.144 1.00 0.00 ?  10 ARG A N    1  
ATOM   153  C CA   . ARG A 1 10 ? -5.394  -0.779 -3.784 1.00 0.00 ?  10 ARG A CA   1  
ATOM   154  C C    . ARG A 1 10 ? -6.881  -0.805 -3.466 1.00 0.00 ?  10 ARG A C    1  
ATOM   155  O O    . ARG A 1 10 ? -7.711  -0.937 -4.364 1.00 0.00 ?  10 ARG A O    1  
ATOM   156  C CB   . ARG A 1 10 ? -4.743  -2.072 -3.278 1.00 0.00 ?  10 ARG A CB   1  
ATOM   157  C CG   . ARG A 1 10 ? -5.389  -3.294 -3.953 1.00 0.00 ?  10 ARG A CG   1  
ATOM   158  C CD   . ARG A 1 10 ? -4.623  -3.644 -5.232 1.00 0.00 ?  10 ARG A CD   1  
ATOM   159  N NE   . ARG A 1 10 ? -4.754  -2.580 -6.222 1.00 0.00 ?  10 ARG A NE   1  
ATOM   160  C CZ   . ARG A 1 10 ? -5.880  -2.394 -6.906 1.00 0.00 ?  10 ARG A CZ   1  
ATOM   161  N NH1  . ARG A 1 10 ? -5.926  -1.473 -7.821 1.00 0.00 1  10 ARG A NH1  1  
ATOM   162  N NH2  . ARG A 1 10 ? -6.937  -3.116 -6.649 1.00 0.00 ?  10 ARG A NH2  1  
ATOM   163  H H    . ARG A 1 10 ? -4.181  0.235  -2.369 1.00 0.00 ?  10 ARG A H    1  
ATOM   164  H HA   . ARG A 1 10 ? -5.260  -0.711 -4.857 1.00 0.00 ?  10 ARG A HA   1  
ATOM   165  H HB2  . ARG A 1 10 ? -3.689  -2.049 -3.500 1.00 0.00 ?  10 ARG A HB2  1  
ATOM   166  H HB3  . ARG A 1 10 ? -4.882  -2.142 -2.207 1.00 0.00 ?  10 ARG A HB3  1  
ATOM   167  H HG2  . ARG A 1 10 ? -5.355  -4.135 -3.276 1.00 0.00 ?  10 ARG A HG2  1  
ATOM   168  H HG3  . ARG A 1 10 ? -6.419  -3.073 -4.200 1.00 0.00 ?  10 ARG A HG3  1  
ATOM   169  H HD2  . ARG A 1 10 ? -3.577  -3.776 -4.996 1.00 0.00 ?  10 ARG A HD2  1  
ATOM   170  H HD3  . ARG A 1 10 ? -5.015  -4.565 -5.642 1.00 0.00 ?  10 ARG A HD3  1  
ATOM   171  H HE   . ARG A 1 10 ? -3.982  -2.000 -6.406 1.00 0.00 ?  10 ARG A HE   1  
ATOM   172  H HH11 . ARG A 1 10 ? -5.122  -0.909 -8.002 1.00 0.00 ?  10 ARG A HH11 1  
ATOM   173  H HH12 . ARG A 1 10 ? -6.765  -1.326 -8.348 1.00 0.00 ?  10 ARG A HH12 1  
ATOM   174  H HH21 . ARG A 1 10 ? -6.912  -3.814 -5.932 1.00 0.00 ?  10 ARG A HH21 1  
ATOM   175  H HH22 . ARG A 1 10 ? -7.777  -2.974 -7.172 1.00 0.00 ?  10 ARG A HH22 1  
HETATM 176  N N    . NH2 A 1 11 ? -7.272  -0.676 -2.229 1.00 0.00 ?  11 NH2 A N    1  
HETATM 177  H HN1  . NH2 A 1 11 ? -6.608  -0.571 -1.511 1.00 0.00 ?  11 NH2 A HN1  1  
HETATM 178  H HN2  . NH2 A 1 11 ? -8.226  -0.676 -2.015 1.00 0.00 ?  11 NH2 A HN2  1  
ATOM   179  N N    . SER A 1 1  ? 6.333   0.821  4.636  1.00 0.00 ?  1  SER A N    2  
ATOM   180  C CA   . SER A 1 1  ? 6.916   0.084  3.489  1.00 0.00 ?  1  SER A CA   2  
ATOM   181  C C    . SER A 1 1  ? 5.960   0.198  2.304  1.00 0.00 ?  1  SER A C    2  
ATOM   182  O O    . SER A 1 1  ? 4.785   0.511  2.474  1.00 0.00 ?  1  SER A O    2  
ATOM   183  C CB   . SER A 1 1  ? 7.128   -1.382 3.879  1.00 0.00 ?  1  SER A CB   2  
ATOM   184  O OG   . SER A 1 1  ? 6.448   -1.658 5.103  1.00 0.00 ?  1  SER A OG   2  
ATOM   185  H H1   . SER A 1 1  ? 6.877   0.618  5.490  1.00 0.00 ?  1  SER A H1   2  
ATOM   186  H H2   . SER A 1 1  ? 5.341   0.520  4.775  1.00 0.00 ?  1  SER A H2   2  
ATOM   187  H H3   . SER A 1 1  ? 6.367   1.839  4.442  1.00 0.00 ?  1  SER A H3   2  
ATOM   188  H HA   . SER A 1 1  ? 7.864   0.528  3.225  1.00 0.00 ?  1  SER A HA   2  
ATOM   189  H HB2  . SER A 1 1  ? 6.740   -2.020 3.105  1.00 0.00 ?  1  SER A HB2  2  
ATOM   190  H HB3  . SER A 1 1  ? 8.187   -1.567 3.994  1.00 0.00 ?  1  SER A HB3  2  
ATOM   191  H HG   . SER A 1 1  ? 5.502   -1.766 4.895  1.00 0.00 ?  1  SER A HG   2  
ATOM   192  N N    . ARG A 1 2  ? 6.471   -0.051 1.102  1.00 0.00 ?  2  ARG A N    2  
ATOM   193  C CA   . ARG A 1 2  ? 5.651   0.046  -0.107 1.00 0.00 ?  2  ARG A CA   2  
ATOM   194  C C    . ARG A 1 2  ? 4.440   -0.880 -0.027 1.00 0.00 ?  2  ARG A C    2  
ATOM   195  O O    . ARG A 1 2  ? 3.394   -0.604 -0.618 1.00 0.00 ?  2  ARG A O    2  
ATOM   196  C CB   . ARG A 1 2  ? 6.477   -0.325 -1.350 1.00 0.00 ?  2  ARG A CB   2  
ATOM   197  C CG   . ARG A 1 2  ? 7.956   0.021  -1.133 1.00 0.00 ?  2  ARG A CG   2  
ATOM   198  C CD   . ARG A 1 2  ? 8.517   0.704  -2.384 1.00 0.00 ?  2  ARG A CD   2  
ATOM   199  N NE   . ARG A 1 2  ? 8.458   2.154  -2.224 1.00 0.00 ?  2  ARG A NE   2  
ATOM   200  C CZ   . ARG A 1 2  ? 7.552   2.901  -2.850 1.00 0.00 ?  2  ARG A CZ   2  
ATOM   201  N NH1  . ARG A 1 2  ? 7.534   4.185  -2.649 1.00 0.00 1  2  ARG A NH1  2  
ATOM   202  N NH2  . ARG A 1 2  ? 6.680   2.351  -3.653 1.00 0.00 ?  2  ARG A NH2  2  
ATOM   203  H H    . ARG A 1 2  ? 7.418   -0.289 1.023  1.00 0.00 ?  2  ARG A H    2  
ATOM   204  H HA   . ARG A 1 2  ? 5.306   1.057  -0.213 1.00 0.00 ?  2  ARG A HA   2  
ATOM   205  H HB2  . ARG A 1 2  ? 6.381   -1.386 -1.536 1.00 0.00 ?  2  ARG A HB2  2  
ATOM   206  H HB3  . ARG A 1 2  ? 6.099   0.221  -2.198 1.00 0.00 ?  2  ARG A HB3  2  
ATOM   207  H HG2  . ARG A 1 2  ? 8.053   0.688  -0.289 1.00 0.00 ?  2  ARG A HG2  2  
ATOM   208  H HG3  . ARG A 1 2  ? 8.512   -0.886 -0.942 1.00 0.00 ?  2  ARG A HG3  2  
ATOM   209  H HD2  . ARG A 1 2  ? 9.547   0.407  -2.521 1.00 0.00 ?  2  ARG A HD2  2  
ATOM   210  H HD3  . ARG A 1 2  ? 7.946   0.408  -3.248 1.00 0.00 ?  2  ARG A HD3  2  
ATOM   211  H HE   . ARG A 1 2  ? 9.106   2.595  -1.625 1.00 0.00 ?  2  ARG A HE   2  
ATOM   212  H HH11 . ARG A 1 2  ? 8.196   4.603  -2.024 1.00 0.00 ?  2  ARG A HH11 2  
ATOM   213  H HH12 . ARG A 1 2  ? 6.858   4.759  -3.117 1.00 0.00 ?  2  ARG A HH12 2  
ATOM   214  H HH21 . ARG A 1 2  ? 6.684   1.367  -3.803 1.00 0.00 ?  2  ARG A HH21 2  
ATOM   215  H HH22 . ARG A 1 2  ? 6.003   2.925  -4.123 1.00 0.00 ?  2  ARG A HH22 2  
ATOM   216  N N    . SER A 1 3  ? 4.609   -1.983 0.680  1.00 0.00 ?  3  SER A N    2  
ATOM   217  C CA   . SER A 1 3  ? 3.552   -2.980 0.819  1.00 0.00 ?  3  SER A CA   2  
ATOM   218  C C    . SER A 1 3  ? 2.218   -2.366 1.236  1.00 0.00 ?  3  SER A C    2  
ATOM   219  O O    . SER A 1 3  ? 1.174   -2.710 0.685  1.00 0.00 ?  3  SER A O    2  
ATOM   220  C CB   . SER A 1 3  ? 3.970   -4.033 1.851  1.00 0.00 ?  3  SER A CB   2  
ATOM   221  O OG   . SER A 1 3  ? 5.093   -3.550 2.589  1.00 0.00 ?  3  SER A OG   2  
ATOM   222  H H    . SER A 1 3  ? 5.474   -2.146 1.106  1.00 0.00 ?  3  SER A H    2  
ATOM   223  H HA   . SER A 1 3  ? 3.418   -3.470 -0.132 1.00 0.00 ?  3  SER A HA   2  
ATOM   224  H HB2  . SER A 1 3  ? 3.153   -4.220 2.528  1.00 0.00 ?  3  SER A HB2  2  
ATOM   225  H HB3  . SER A 1 3  ? 4.227   -4.953 1.342  1.00 0.00 ?  3  SER A HB3  2  
ATOM   226  H HG   . SER A 1 3  ? 4.755   -2.942 3.274  1.00 0.00 ?  3  SER A HG   2  
ATOM   227  N N    . GLU A 1 4  ? 2.248   -1.484 2.225  1.00 0.00 ?  4  GLU A N    2  
ATOM   228  C CA   . GLU A 1 4  ? 1.016   -0.872 2.712  1.00 0.00 ?  4  GLU A CA   2  
ATOM   229  C C    . GLU A 1 4  ? 0.522   0.217  1.767  1.00 0.00 ?  4  GLU A C    2  
ATOM   230  O O    . GLU A 1 4  ? -0.685  0.398  1.592  1.00 0.00 ?  4  GLU A O    2  
ATOM   231  C CB   . GLU A 1 4  ? 1.245   -0.274 4.103  1.00 0.00 ?  4  GLU A CB   2  
ATOM   232  C CG   . GLU A 1 4  ? 2.082   -1.238 4.952  1.00 0.00 ?  4  GLU A CG   2  
ATOM   233  C CD   . GLU A 1 4  ? 3.564   -0.981 4.728  1.00 0.00 ?  4  GLU A CD   2  
ATOM   234  O OE1  . GLU A 1 4  ? 4.203   -1.815 4.111  1.00 0.00 ?  4  GLU A OE1  2  
ATOM   235  O OE2  . GLU A 1 4  ? 4.043   0.047  5.167  1.00 0.00 -1 4  GLU A OE2  2  
ATOM   236  H H    . GLU A 1 4  ? 3.105   -1.252 2.646  1.00 0.00 ?  4  GLU A H    2  
ATOM   237  H HA   . GLU A 1 4  ? 0.257   -1.634 2.788  1.00 0.00 ?  4  GLU A HA   2  
ATOM   238  H HB2  . GLU A 1 4  ? 1.767   0.665  4.004  1.00 0.00 ?  4  GLU A HB2  2  
ATOM   239  H HB3  . GLU A 1 4  ? 0.290   -0.106 4.584  1.00 0.00 ?  4  GLU A HB3  2  
ATOM   240  H HG2  . GLU A 1 4  ? 1.849   -1.090 5.995  1.00 0.00 ?  4  GLU A HG2  2  
ATOM   241  H HG3  . GLU A 1 4  ? 1.849   -2.256 4.671  1.00 0.00 ?  4  GLU A HG3  2  
ATOM   242  N N    . LEU A 1 5  ? 1.459   0.944  1.176  1.00 0.00 ?  5  LEU A N    2  
ATOM   243  C CA   . LEU A 1 5  ? 1.107   2.033  0.269  1.00 0.00 ?  5  LEU A CA   2  
ATOM   244  C C    . LEU A 1 5  ? 0.212   1.537  -0.856 1.00 0.00 ?  5  LEU A C    2  
ATOM   245  O O    . LEU A 1 5  ? -0.826  2.140  -1.143 1.00 0.00 ?  5  LEU A O    2  
ATOM   246  C CB   . LEU A 1 5  ? 2.378   2.660  -0.316 1.00 0.00 ?  5  LEU A CB   2  
ATOM   247  C CG   . LEU A 1 5  ? 3.486   2.670  0.743  1.00 0.00 ?  5  LEU A CG   2  
ATOM   248  C CD1  . LEU A 1 5  ? 4.673   3.491  0.243  1.00 0.00 ?  5  LEU A CD1  2  
ATOM   249  C CD2  . LEU A 1 5  ? 2.961   3.284  2.043  1.00 0.00 ?  5  LEU A CD2  2  
ATOM   250  H H    . LEU A 1 5  ? 2.403   0.756  1.363  1.00 0.00 ?  5  LEU A H    2  
ATOM   251  H HA   . LEU A 1 5  ? 0.574   2.789  0.828  1.00 0.00 ?  5  LEU A HA   2  
ATOM   252  H HB2  . LEU A 1 5  ? 2.701   2.083  -1.169 1.00 0.00 ?  5  LEU A HB2  2  
ATOM   253  H HB3  . LEU A 1 5  ? 2.168   3.672  -0.623 1.00 0.00 ?  5  LEU A HB3  2  
ATOM   254  H HG   . LEU A 1 5  ? 3.807   1.661  0.927  1.00 0.00 ?  5  LEU A HG   2  
ATOM   255  H HD11 . LEU A 1 5  ? 4.984   3.127  -0.725 1.00 0.00 ?  5  LEU A HD11 2  
ATOM   256  H HD12 . LEU A 1 5  ? 5.490   3.397  0.938  1.00 0.00 ?  5  LEU A HD12 2  
ATOM   257  H HD13 . LEU A 1 5  ? 4.386   4.528  0.164  1.00 0.00 ?  5  LEU A HD13 2  
ATOM   258  H HD21 . LEU A 1 5  ? 3.789   3.463  2.712  1.00 0.00 ?  5  LEU A HD21 2  
ATOM   259  H HD22 . LEU A 1 5  ? 2.263   2.605  2.511  1.00 0.00 ?  5  LEU A HD22 2  
ATOM   260  H HD23 . LEU A 1 5  ? 2.465   4.218  1.826  1.00 0.00 ?  5  LEU A HD23 2  
ATOM   261  N N    . ILE A 1 6  ? 0.595   0.437  -1.487 1.00 0.00 ?  6  ILE A N    2  
ATOM   262  C CA   . ILE A 1 6  ? -0.217  -0.107 -2.565 1.00 0.00 ?  6  ILE A CA   2  
ATOM   263  C C    . ILE A 1 6  ? -1.563  -0.561 -2.011 1.00 0.00 ?  6  ILE A C    2  
ATOM   264  O O    . ILE A 1 6  ? -2.609  -0.320 -2.614 1.00 0.00 ?  6  ILE A O    2  
ATOM   265  C CB   . ILE A 1 6  ? 0.498   -1.273 -3.263 1.00 0.00 ?  6  ILE A CB   2  
ATOM   266  C CG1  . ILE A 1 6  ? 1.055   -2.262 -2.228 1.00 0.00 ?  6  ILE A CG1  2  
ATOM   267  C CG2  . ILE A 1 6  ? 1.651   -0.725 -4.109 1.00 0.00 ?  6  ILE A CG2  2  
ATOM   268  C CD1  . ILE A 1 6  ? 1.953   -3.287 -2.926 1.00 0.00 ?  6  ILE A CD1  2  
ATOM   269  H H    . ILE A 1 6  ? 1.420   -0.016 -1.221 1.00 0.00 ?  6  ILE A H    2  
ATOM   270  H HA   . ILE A 1 6  ? -0.392  0.676  -3.286 1.00 0.00 ?  6  ILE A HA   2  
ATOM   271  H HB   . ILE A 1 6  ? -0.204  -1.784 -3.910 1.00 0.00 ?  6  ILE A HB   2  
ATOM   272  H HG12 . ILE A 1 6  ? 1.631   -1.727 -1.490 1.00 0.00 ?  6  ILE A HG12 2  
ATOM   273  H HG13 . ILE A 1 6  ? 0.238   -2.774 -1.746 1.00 0.00 ?  6  ILE A HG13 2  
ATOM   274  H HG21 . ILE A 1 6  ? 2.275   -0.087 -3.501 1.00 0.00 ?  6  ILE A HG21 2  
ATOM   275  H HG22 . ILE A 1 6  ? 1.249   -0.154 -4.935 1.00 0.00 ?  6  ILE A HG22 2  
ATOM   276  H HG23 . ILE A 1 6  ? 2.238   -1.545 -4.494 1.00 0.00 ?  6  ILE A HG23 2  
ATOM   277  H HD11 . ILE A 1 6  ? 1.742   -4.273 -2.539 1.00 0.00 ?  6  ILE A HD11 2  
ATOM   278  H HD12 . ILE A 1 6  ? 2.987   -3.041 -2.741 1.00 0.00 ?  6  ILE A HD12 2  
ATOM   279  H HD13 . ILE A 1 6  ? 1.764   -3.269 -3.989 1.00 0.00 ?  6  ILE A HD13 2  
ATOM   280  N N    . VAL A 1 7  ? -1.528  -1.195 -0.845 1.00 0.00 ?  7  VAL A N    2  
ATOM   281  C CA   . VAL A 1 7  ? -2.749  -1.663 -0.210 1.00 0.00 ?  7  VAL A CA   2  
ATOM   282  C C    . VAL A 1 7  ? -3.649  -0.476 0.116  1.00 0.00 ?  7  VAL A C    2  
ATOM   283  O O    . VAL A 1 7  ? -4.868  -0.532 -0.069 1.00 0.00 ?  7  VAL A O    2  
ATOM   284  C CB   . VAL A 1 7  ? -2.410  -2.441 1.071  1.00 0.00 ?  7  VAL A CB   2  
ATOM   285  C CG1  . VAL A 1 7  ? -3.694  -2.778 1.837  1.00 0.00 ?  7  VAL A CG1  2  
ATOM   286  C CG2  . VAL A 1 7  ? -1.698  -3.744 0.703  1.00 0.00 ?  7  VAL A CG2  2  
ATOM   287  H H    . VAL A 1 7  ? -0.667  -1.344 -0.402 1.00 0.00 ?  7  VAL A H    2  
ATOM   288  H HA   . VAL A 1 7  ? -3.265  -2.312 -0.891 1.00 0.00 ?  7  VAL A HA   2  
ATOM   289  H HB   . VAL A 1 7  ? -1.766  -1.841 1.697  1.00 0.00 ?  7  VAL A HB   2  
ATOM   290  H HG11 . VAL A 1 7  ? -4.342  -3.372 1.212  1.00 0.00 ?  7  VAL A HG11 2  
ATOM   291  H HG12 . VAL A 1 7  ? -4.198  -1.864 2.115  1.00 0.00 ?  7  VAL A HG12 2  
ATOM   292  H HG13 . VAL A 1 7  ? -3.445  -3.338 2.725  1.00 0.00 ?  7  VAL A HG13 2  
ATOM   293  H HG21 . VAL A 1 7  ? -2.410  -4.439 0.283  1.00 0.00 ?  7  VAL A HG21 2  
ATOM   294  H HG22 . VAL A 1 7  ? -1.256  -4.173 1.590  1.00 0.00 ?  7  VAL A HG22 2  
ATOM   295  H HG23 . VAL A 1 7  ? -0.923  -3.541 -0.021 1.00 0.00 ?  7  VAL A HG23 2  
ATOM   296  N N    . HIS A 1 8  ? -3.039  0.597  0.596  1.00 0.00 ?  8  HIS A N    2  
ATOM   297  C CA   . HIS A 1 8  ? -3.788  1.802  0.947  1.00 0.00 ?  8  HIS A CA   2  
ATOM   298  C C    . HIS A 1 8  ? -4.599  2.283  -0.252 1.00 0.00 ?  8  HIS A C    2  
ATOM   299  O O    . HIS A 1 8  ? -5.690  2.838  -0.094 1.00 0.00 ?  8  HIS A O    2  
ATOM   300  C CB   . HIS A 1 8  ? -2.833  2.907  1.399  1.00 0.00 ?  8  HIS A CB   2  
ATOM   301  C CG   . HIS A 1 8  ? -2.558  2.773  2.872  1.00 0.00 ?  8  HIS A CG   2  
ATOM   302  N ND1  . HIS A 1 8  ? -1.273  2.643  3.371  1.00 0.00 ?  8  HIS A ND1  2  
ATOM   303  C CD2  . HIS A 1 8  ? -3.392  2.737  3.965  1.00 0.00 ?  8  HIS A CD2  2  
ATOM   304  C CE1  . HIS A 1 8  ? -1.366  2.533  4.708  1.00 0.00 ?  8  HIS A CE1  2  
ATOM   305  N NE2  . HIS A 1 8  ? -2.637  2.583  5.125  1.00 0.00 ?  8  HIS A NE2  2  
ATOM   306  H H    . HIS A 1 8  ? -2.064  0.576  0.719  1.00 0.00 ?  8  HIS A H    2  
ATOM   307  H HA   . HIS A 1 8  ? -4.466  1.569  1.757  1.00 0.00 ?  8  HIS A HA   2  
ATOM   308  H HB2  . HIS A 1 8  ? -1.905  2.822  0.852  1.00 0.00 ?  8  HIS A HB2  2  
ATOM   309  H HB3  . HIS A 1 8  ? -3.277  3.870  1.201  1.00 0.00 ?  8  HIS A HB3  2  
ATOM   310  H HD2  . HIS A 1 8  ? -4.468  2.824  3.933  1.00 0.00 ?  8  HIS A HD2  2  
ATOM   311  H HE1  . HIS A 1 8  ? -0.516  2.418  5.365  1.00 0.00 ?  8  HIS A HE1  2  
ATOM   312  H HE2  . HIS A 1 8  ? -2.967  2.503  6.048  1.00 0.00 ?  8  HIS A HE2  2  
ATOM   313  N N    . GLN A 1 9  ? -4.071  2.049  -1.451 1.00 0.00 ?  9  GLN A N    2  
ATOM   314  C CA   . GLN A 1 9  ? -4.767  2.439  -2.672 1.00 0.00 ?  9  GLN A CA   2  
ATOM   315  C C    . GLN A 1 9  ? -5.934  1.498  -2.886 1.00 0.00 ?  9  GLN A C    2  
ATOM   316  O O    . GLN A 1 9  ? -7.007  1.898  -3.334 1.00 0.00 ?  9  GLN A O    2  
ATOM   317  C CB   . GLN A 1 9  ? -3.830  2.362  -3.879 1.00 0.00 ?  9  GLN A CB   2  
ATOM   318  C CG   . GLN A 1 9  ? -2.571  3.196  -3.627 1.00 0.00 ?  9  GLN A CG   2  
ATOM   319  C CD   . GLN A 1 9  ? -1.442  2.744  -4.548 1.00 0.00 ?  9  GLN A CD   2  
ATOM   320  O OE1  . GLN A 1 9  ? -1.511  1.669  -5.144 1.00 0.00 ?  9  GLN A OE1  2  
ATOM   321  N NE2  . GLN A 1 9  ? -0.393  3.501  -4.689 1.00 0.00 ?  9  GLN A NE2  2  
ATOM   322  H H    . GLN A 1 9  ? -3.212  1.584  -1.513 1.00 0.00 ?  9  GLN A H    2  
ATOM   323  H HA   . GLN A 1 9  ? -5.135  3.445  -2.568 1.00 0.00 ?  9  GLN A HA   2  
ATOM   324  H HB2  . GLN A 1 9  ? -3.555  1.335  -4.049 1.00 0.00 ?  9  GLN A HB2  2  
ATOM   325  H HB3  . GLN A 1 9  ? -4.340  2.744  -4.753 1.00 0.00 ?  9  GLN A HB3  2  
ATOM   326  H HG2  . GLN A 1 9  ? -2.785  4.234  -3.818 1.00 0.00 ?  9  GLN A HG2  2  
ATOM   327  H HG3  . GLN A 1 9  ? -2.262  3.080  -2.601 1.00 0.00 ?  9  GLN A HG3  2  
ATOM   328  H HE21 . GLN A 1 9  ? -0.335  4.353  -4.203 1.00 0.00 ?  9  GLN A HE21 2  
ATOM   329  H HE22 . GLN A 1 9  ? 0.335   3.226  -5.281 1.00 0.00 ?  9  GLN A HE22 2  
ATOM   330  N N    . ARG A 1 10 ? -5.706  0.243  -2.549 1.00 0.00 ?  10 ARG A N    2  
ATOM   331  C CA   . ARG A 1 10 ? -6.719  -0.782 -2.683 1.00 0.00 ?  10 ARG A CA   2  
ATOM   332  C C    . ARG A 1 10 ? -7.798  -0.583 -1.621 1.00 0.00 ?  10 ARG A C    2  
ATOM   333  O O    . ARG A 1 10 ? -8.980  -0.458 -1.945 1.00 0.00 ?  10 ARG A O    2  
ATOM   334  C CB   . ARG A 1 10 ? -6.069  -2.154 -2.513 1.00 0.00 ?  10 ARG A CB   2  
ATOM   335  C CG   . ARG A 1 10 ? -5.054  -2.406 -3.636 1.00 0.00 ?  10 ARG A CG   2  
ATOM   336  C CD   . ARG A 1 10 ? -5.770  -2.605 -4.975 1.00 0.00 ?  10 ARG A CD   2  
ATOM   337  N NE   . ARG A 1 10 ? -4.993  -1.969 -6.037 1.00 0.00 ?  10 ARG A NE   2  
ATOM   338  C CZ   . ARG A 1 10 ? -5.567  -1.267 -7.012 1.00 0.00 ?  10 ARG A CZ   2  
ATOM   339  N NH1  . ARG A 1 10 ? -4.824  -0.689 -7.919 1.00 0.00 1  10 ARG A NH1  2  
ATOM   340  N NH2  . ARG A 1 10 ? -6.868  -1.160 -7.053 1.00 0.00 ?  10 ARG A NH2  2  
ATOM   341  H H    . ARG A 1 10 ? -4.832  0.000  -2.197 1.00 0.00 ?  10 ARG A H    2  
ATOM   342  H HA   . ARG A 1 10 ? -7.163  -0.715 -3.662 1.00 0.00 ?  10 ARG A HA   2  
ATOM   343  H HB2  . ARG A 1 10 ? -5.560  -2.184 -1.564 1.00 0.00 ?  10 ARG A HB2  2  
ATOM   344  H HB3  . ARG A 1 10 ? -6.828  -2.913 -2.539 1.00 0.00 ?  10 ARG A HB3  2  
ATOM   345  H HG2  . ARG A 1 10 ? -4.387  -1.558 -3.710 1.00 0.00 ?  10 ARG A HG2  2  
ATOM   346  H HG3  . ARG A 1 10 ? -4.479  -3.291 -3.408 1.00 0.00 ?  10 ARG A HG3  2  
ATOM   347  H HD2  . ARG A 1 10 ? -5.855  -3.665 -5.184 1.00 0.00 ?  10 ARG A HD2  2  
ATOM   348  H HD3  . ARG A 1 10 ? -6.753  -2.168 -4.926 1.00 0.00 ?  10 ARG A HD3  2  
ATOM   349  H HE   . ARG A 1 10 ? -4.012  -2.056 -6.020 1.00 0.00 ?  10 ARG A HE   2  
ATOM   350  H HH11 . ARG A 1 10 ? -3.823  -0.770 -7.878 1.00 0.00 ?  10 ARG A HH11 2  
ATOM   351  H HH12 . ARG A 1 10 ? -5.247  -0.156 -8.656 1.00 0.00 ?  10 ARG A HH12 2  
ATOM   352  H HH21 . ARG A 1 10 ? -7.430  -1.601 -6.358 1.00 0.00 ?  10 ARG A HH21 2  
ATOM   353  H HH22 . ARG A 1 10 ? -7.305  -0.627 -7.780 1.00 0.00 ?  10 ARG A HH22 2  
HETATM 354  N N    . NH2 A 1 11 ? -7.456  -0.547 -0.361 1.00 0.00 ?  11 NH2 A N    2  
HETATM 355  H HN1  . NH2 A 1 11 ? -6.512  -0.644 -0.106 1.00 0.00 ?  11 NH2 A HN1  2  
HETATM 356  H HN2  . NH2 A 1 11 ? -8.140  -0.418 0.334  1.00 0.00 ?  11 NH2 A HN2  2  
ATOM   357  N N    . SER A 1 1  ? 5.502   1.023  4.542  1.00 0.00 ?  1  SER A N    3  
ATOM   358  C CA   . SER A 1 1  ? 6.341   0.028  3.827  1.00 0.00 ?  1  SER A CA   3  
ATOM   359  C C    . SER A 1 1  ? 5.881   -0.053 2.374  1.00 0.00 ?  1  SER A C    3  
ATOM   360  O O    . SER A 1 1  ? 4.906   0.584  1.987  1.00 0.00 ?  1  SER A O    3  
ATOM   361  C CB   . SER A 1 1  ? 6.214   -1.340 4.509  1.00 0.00 ?  1  SER A CB   3  
ATOM   362  O OG   . SER A 1 1  ? 6.060   -1.163 5.916  1.00 0.00 ?  1  SER A OG   3  
ATOM   363  H H1   . SER A 1 1  ? 6.113   1.717  5.015  1.00 0.00 ?  1  SER A H1   3  
ATOM   364  H H2   . SER A 1 1  ? 4.907   0.532  5.248  1.00 0.00 ?  1  SER A H2   3  
ATOM   365  H H3   . SER A 1 1  ? 4.897   1.515  3.861  1.00 0.00 ?  1  SER A H3   3  
ATOM   366  H HA   . SER A 1 1  ? 7.373   0.347  3.858  1.00 0.00 ?  1  SER A HA   3  
ATOM   367  H HB2  . SER A 1 1  ? 5.357   -1.862 4.120  1.00 0.00 ?  1  SER A HB2  3  
ATOM   368  H HB3  . SER A 1 1  ? 7.102   -1.924 4.306  1.00 0.00 ?  1  SER A HB3  3  
ATOM   369  H HG   . SER A 1 1  ? 5.117   -1.000 6.101  1.00 0.00 ?  1  SER A HG   3  
ATOM   370  N N    . ARG A 1 2  ? 6.604   -0.838 1.582  1.00 0.00 ?  2  ARG A N    3  
ATOM   371  C CA   . ARG A 1 2  ? 6.300   -1.005 0.161  1.00 0.00 ?  2  ARG A CA   3  
ATOM   372  C C    . ARG A 1 2  ? 4.869   -1.482 -0.075 1.00 0.00 ?  2  ARG A C    3  
ATOM   373  O O    . ARG A 1 2  ? 4.281   -1.212 -1.121 1.00 0.00 ?  2  ARG A O    3  
ATOM   374  C CB   . ARG A 1 2  ? 7.267   -2.029 -0.443 1.00 0.00 ?  2  ARG A CB   3  
ATOM   375  C CG   . ARG A 1 2  ? 7.075   -3.386 0.252  1.00 0.00 ?  2  ARG A CG   3  
ATOM   376  C CD   . ARG A 1 2  ? 8.352   -4.220 0.129  1.00 0.00 ?  2  ARG A CD   3  
ATOM   377  N NE   . ARG A 1 2  ? 9.413   -3.654 0.963  1.00 0.00 ?  2  ARG A NE   3  
ATOM   378  C CZ   . ARG A 1 2  ? 10.405  -2.932 0.444  1.00 0.00 ?  2  ARG A CZ   3  
ATOM   379  N NH1  . ARG A 1 2  ? 11.335  -2.452 1.220  1.00 0.00 1  2  ARG A NH1  3  
ATOM   380  N NH2  . ARG A 1 2  ? 10.450  -2.709 -0.841 1.00 0.00 ?  2  ARG A NH2  3  
ATOM   381  H H    . ARG A 1 2  ? 7.376   -1.309 1.959  1.00 0.00 ?  2  ARG A H    3  
ATOM   382  H HA   . ARG A 1 2  ? 6.443   -0.065 -0.340 1.00 0.00 ?  2  ARG A HA   3  
ATOM   383  H HB2  . ARG A 1 2  ? 7.063   -2.132 -1.501 1.00 0.00 ?  2  ARG A HB2  3  
ATOM   384  H HB3  . ARG A 1 2  ? 8.282   -1.691 -0.303 1.00 0.00 ?  2  ARG A HB3  3  
ATOM   385  H HG2  . ARG A 1 2  ? 6.845   -3.230 1.296  1.00 0.00 ?  2  ARG A HG2  3  
ATOM   386  H HG3  . ARG A 1 2  ? 6.259   -3.916 -0.217 1.00 0.00 ?  2  ARG A HG3  3  
ATOM   387  H HD2  . ARG A 1 2  ? 8.148   -5.231 0.452  1.00 0.00 ?  2  ARG A HD2  3  
ATOM   388  H HD3  . ARG A 1 2  ? 8.670   -4.239 -0.904 1.00 0.00 ?  2  ARG A HD3  3  
ATOM   389  H HE   . ARG A 1 2  ? 9.398   -3.816 1.933  1.00 0.00 ?  2  ARG A HE   3  
ATOM   390  H HH11 . ARG A 1 2  ? 11.304  -2.624 2.205  1.00 0.00 ?  2  ARG A HH11 3  
ATOM   391  H HH12 . ARG A 1 2  ? 12.084  -1.909 0.836  1.00 0.00 ?  2  ARG A HH12 3  
ATOM   392  H HH21 . ARG A 1 2  ? 9.743   -3.077 -1.443 1.00 0.00 ?  2  ARG A HH21 3  
ATOM   393  H HH22 . ARG A 1 2  ? 11.196  -2.163 -1.230 1.00 0.00 ?  2  ARG A HH22 3  
ATOM   394  N N    . SER A 1 3  ? 4.342   -2.221 0.880  1.00 0.00 ?  3  SER A N    3  
ATOM   395  C CA   . SER A 1 3  ? 3.000   -2.779 0.763  1.00 0.00 ?  3  SER A CA   3  
ATOM   396  C C    . SER A 1 3  ? 1.909   -1.749 1.064  1.00 0.00 ?  3  SER A C    3  
ATOM   397  O O    . SER A 1 3  ? 0.833   -1.783 0.468  1.00 0.00 ?  3  SER A O    3  
ATOM   398  C CB   . SER A 1 3  ? 2.873   -3.942 1.746  1.00 0.00 ?  3  SER A CB   3  
ATOM   399  O OG   . SER A 1 3  ? 3.664   -3.653 2.900  1.00 0.00 ?  3  SER A OG   3  
ATOM   400  H H    . SER A 1 3  ? 4.875   -2.427 1.670  1.00 0.00 ?  3  SER A H    3  
ATOM   401  H HA   . SER A 1 3  ? 2.860   -3.158 -0.239 1.00 0.00 ?  3  SER A HA   3  
ATOM   402  H HB2  . SER A 1 3  ? 1.839   -4.060 2.041  1.00 0.00 ?  3  SER A HB2  3  
ATOM   403  H HB3  . SER A 1 3  ? 3.220   -4.854 1.276  1.00 0.00 ?  3  SER A HB3  3  
ATOM   404  H HG   . SER A 1 3  ? 3.269   -2.890 3.353  1.00 0.00 ?  3  SER A HG   3  
ATOM   405  N N    . GLU A 1 4  ? 2.175   -0.862 2.012  1.00 0.00 ?  4  GLU A N    3  
ATOM   406  C CA   . GLU A 1 4  ? 1.191   0.135  2.424  1.00 0.00 ?  4  GLU A CA   3  
ATOM   407  C C    . GLU A 1 4  ? 0.690   0.981  1.263  1.00 0.00 ?  4  GLU A C    3  
ATOM   408  O O    . GLU A 1 4  ? -0.513  1.077  1.045  1.00 0.00 ?  4  GLU A O    3  
ATOM   409  C CB   . GLU A 1 4  ? 1.795   1.044  3.496  1.00 0.00 ?  4  GLU A CB   3  
ATOM   410  C CG   . GLU A 1 4  ? 1.772   0.320  4.846  1.00 0.00 ?  4  GLU A CG   3  
ATOM   411  C CD   . GLU A 1 4  ? 3.010   -0.546 4.995  1.00 0.00 ?  4  GLU A CD   3  
ATOM   412  O OE1  . GLU A 1 4  ? 3.814   -0.251 5.858  1.00 0.00 ?  4  GLU A OE1  3  
ATOM   413  O OE2  . GLU A 1 4  ? 3.147   -1.497 4.246  1.00 0.00 -1 4  GLU A OE2  3  
ATOM   414  H H    . GLU A 1 4  ? 3.042   -0.895 2.473  1.00 0.00 ?  4  GLU A H    3  
ATOM   415  H HA   . GLU A 1 4  ? 0.346   -0.379 2.856  1.00 0.00 ?  4  GLU A HA   3  
ATOM   416  H HB2  . GLU A 1 4  ? 2.813   1.289  3.233  1.00 0.00 ?  4  GLU A HB2  3  
ATOM   417  H HB3  . GLU A 1 4  ? 1.215   1.953  3.568  1.00 0.00 ?  4  GLU A HB3  3  
ATOM   418  H HG2  . GLU A 1 4  ? 1.745   1.049  5.642  1.00 0.00 ?  4  GLU A HG2  3  
ATOM   419  H HG3  . GLU A 1 4  ? 0.890   -0.304 4.905  1.00 0.00 ?  4  GLU A HG3  3  
ATOM   420  N N    . LEU A 1 5  ? 1.605   1.613  0.545  1.00 0.00 ?  5  LEU A N    3  
ATOM   421  C CA   . LEU A 1 5  ? 1.218   2.484  -0.564 1.00 0.00 ?  5  LEU A CA   3  
ATOM   422  C C    . LEU A 1 5  ? 0.337   1.752  -1.570 1.00 0.00 ?  5  LEU A C    3  
ATOM   423  O O    . LEU A 1 5  ? -0.665  2.293  -2.037 1.00 0.00 ?  5  LEU A O    3  
ATOM   424  C CB   . LEU A 1 5  ? 2.461   3.029  -1.287 1.00 0.00 ?  5  LEU A CB   3  
ATOM   425  C CG   . LEU A 1 5  ? 3.692   2.925  -0.380 1.00 0.00 ?  5  LEU A CG   3  
ATOM   426  C CD1  . LEU A 1 5  ? 4.352   1.559  -0.573 1.00 0.00 ?  5  LEU A CD1  3  
ATOM   427  C CD2  . LEU A 1 5  ? 4.701   4.020  -0.740 1.00 0.00 ?  5  LEU A CD2  3  
ATOM   428  H H    . LEU A 1 5  ? 2.551   1.520  0.783  1.00 0.00 ?  5  LEU A H    3  
ATOM   429  H HA   . LEU A 1 5  ? 0.660   3.320  -0.163 1.00 0.00 ?  5  LEU A HA   3  
ATOM   430  H HB2  . LEU A 1 5  ? 2.628   2.456  -2.192 1.00 0.00 ?  5  LEU A HB2  3  
ATOM   431  H HB3  . LEU A 1 5  ? 2.295   4.062  -1.547 1.00 0.00 ?  5  LEU A HB3  3  
ATOM   432  H HG   . LEU A 1 5  ? 3.393   3.038  0.653  1.00 0.00 ?  5  LEU A HG   3  
ATOM   433  H HD11 . LEU A 1 5  ? 3.827   0.816  0.003  1.00 0.00 ?  5  LEU A HD11 3  
ATOM   434  H HD12 . LEU A 1 5  ? 5.381   1.606  -0.243 1.00 0.00 ?  5  LEU A HD12 3  
ATOM   435  H HD13 . LEU A 1 5  ? 4.323   1.288  -1.617 1.00 0.00 ?  5  LEU A HD13 3  
ATOM   436  H HD21 . LEU A 1 5  ? 4.271   4.988  -0.527 1.00 0.00 ?  5  LEU A HD21 3  
ATOM   437  H HD22 . LEU A 1 5  ? 4.947   3.955  -1.789 1.00 0.00 ?  5  LEU A HD22 3  
ATOM   438  H HD23 . LEU A 1 5  ? 5.596   3.888  -0.152 1.00 0.00 ?  5  LEU A HD23 3  
ATOM   439  N N    . ILE A 1 6  ? 0.716   0.545  -1.935 1.00 0.00 ?  6  ILE A N    3  
ATOM   440  C CA   . ILE A 1 6  ? -0.072  -0.196 -2.902 1.00 0.00 ?  6  ILE A CA   3  
ATOM   441  C C    . ILE A 1 6  ? -1.374  -0.705 -2.277 1.00 0.00 ?  6  ILE A C    3  
ATOM   442  O O    . ILE A 1 6  ? -2.442  -0.580 -2.866 1.00 0.00 ?  6  ILE A O    3  
ATOM   443  C CB   . ILE A 1 6  ? 0.735   -1.378 -3.463 1.00 0.00 ?  6  ILE A CB   3  
ATOM   444  C CG1  . ILE A 1 6  ? 1.297   -2.219 -2.312 1.00 0.00 ?  6  ILE A CG1  3  
ATOM   445  C CG2  . ILE A 1 6  ? 1.902   -0.860 -4.307 1.00 0.00 ?  6  ILE A CG2  3  
ATOM   446  C CD1  . ILE A 1 6  ? 2.274   -3.251 -2.867 1.00 0.00 ?  6  ILE A CD1  3  
ATOM   447  H H    . ILE A 1 6  ? 1.526   0.153  -1.565 1.00 0.00 ?  6  ILE A H    3  
ATOM   448  H HA   . ILE A 1 6  ? -0.316  0.468  -3.714 1.00 0.00 ?  6  ILE A HA   3  
ATOM   449  H HB   . ILE A 1 6  ? 0.091   -1.991 -4.079 1.00 0.00 ?  6  ILE A HB   3  
ATOM   450  H HG12 . ILE A 1 6  ? 1.813   -1.575 -1.616 1.00 0.00 ?  6  ILE A HG12 3  
ATOM   451  H HG13 . ILE A 1 6  ? 0.491   -2.723 -1.805 1.00 0.00 ?  6  ILE A HG13 3  
ATOM   452  H HG21 . ILE A 1 6  ? 1.600   0.030  -4.837 1.00 0.00 ?  6  ILE A HG21 3  
ATOM   453  H HG22 . ILE A 1 6  ? 2.195   -1.618 -5.016 1.00 0.00 ?  6  ILE A HG22 3  
ATOM   454  H HG23 . ILE A 1 6  ? 2.741   -0.629 -3.662 1.00 0.00 ?  6  ILE A HG23 3  
ATOM   455  H HD11 . ILE A 1 6  ? 3.239   -2.787 -3.012 1.00 0.00 ?  6  ILE A HD11 3  
ATOM   456  H HD12 . ILE A 1 6  ? 1.905   -3.628 -3.808 1.00 0.00 ?  6  ILE A HD12 3  
ATOM   457  H HD13 . ILE A 1 6  ? 2.367   -4.066 -2.166 1.00 0.00 ?  6  ILE A HD13 3  
ATOM   458  N N    . VAL A 1 7  ? -1.269  -1.304 -1.097 1.00 0.00 ?  7  VAL A N    3  
ATOM   459  C CA   . VAL A 1 7  ? -2.435  -1.871 -0.417 1.00 0.00 ?  7  VAL A CA   3  
ATOM   460  C C    . VAL A 1 7  ? -3.388  -0.835 0.195  1.00 0.00 ?  7  VAL A C    3  
ATOM   461  O O    . VAL A 1 7  ? -4.598  -1.057 0.225  1.00 0.00 ?  7  VAL A O    3  
ATOM   462  C CB   . VAL A 1 7  ? -1.976  -2.848 0.671  1.00 0.00 ?  7  VAL A CB   3  
ATOM   463  C CG1  . VAL A 1 7  ? -1.544  -2.072 1.917  1.00 0.00 ?  7  VAL A CG1  3  
ATOM   464  C CG2  . VAL A 1 7  ? -3.132  -3.798 1.027  1.00 0.00 ?  7  VAL A CG2  3  
ATOM   465  H H    . VAL A 1 7  ? -0.383  -1.394 -0.682 1.00 0.00 ?  7  VAL A H    3  
ATOM   466  H HA   . VAL A 1 7  ? -2.987  -2.432 -1.146 1.00 0.00 ?  7  VAL A HA   3  
ATOM   467  H HB   . VAL A 1 7  ? -1.139  -3.422 0.298  1.00 0.00 ?  7  VAL A HB   3  
ATOM   468  H HG11 . VAL A 1 7  ? -0.856  -2.671 2.491  1.00 0.00 ?  7  VAL A HG11 3  
ATOM   469  H HG12 . VAL A 1 7  ? -2.406  -1.842 2.516  1.00 0.00 ?  7  VAL A HG12 3  
ATOM   470  H HG13 . VAL A 1 7  ? -1.059  -1.154 1.618  1.00 0.00 ?  7  VAL A HG13 3  
ATOM   471  H HG21 . VAL A 1 7  ? -2.748  -4.633 1.595  1.00 0.00 ?  7  VAL A HG21 3  
ATOM   472  H HG22 . VAL A 1 7  ? -3.594  -4.167 0.119  1.00 0.00 ?  7  VAL A HG22 3  
ATOM   473  H HG23 . VAL A 1 7  ? -3.867  -3.271 1.613  1.00 0.00 ?  7  VAL A HG23 3  
ATOM   474  N N    . HIS A 1 8  ? -2.861  0.247  0.751  1.00 0.00 ?  8  HIS A N    3  
ATOM   475  C CA   . HIS A 1 8  ? -3.720  1.225  1.426  1.00 0.00 ?  8  HIS A CA   3  
ATOM   476  C C    . HIS A 1 8  ? -4.835  1.755  0.514  1.00 0.00 ?  8  HIS A C    3  
ATOM   477  O O    . HIS A 1 8  ? -6.002  1.742  0.910  1.00 0.00 ?  8  HIS A O    3  
ATOM   478  C CB   . HIS A 1 8  ? -2.888  2.359  2.078  1.00 0.00 ?  8  HIS A CB   3  
ATOM   479  C CG   . HIS A 1 8  ? -2.587  3.484  1.129  1.00 0.00 ?  8  HIS A CG   3  
ATOM   480  N ND1  . HIS A 1 8  ? -1.712  3.344  0.072  1.00 0.00 ?  8  HIS A ND1  3  
ATOM   481  C CD2  . HIS A 1 8  ? -2.961  4.803  1.136  1.00 0.00 ?  8  HIS A CD2  3  
ATOM   482  C CE1  . HIS A 1 8  ? -1.577  4.548  -0.510 1.00 0.00 ?  8  HIS A CE1  3  
ATOM   483  N NE2  . HIS A 1 8  ? -2.320  5.475  0.099  1.00 0.00 ?  8  HIS A NE2  3  
ATOM   484  H H    . HIS A 1 8  ? -1.887  0.363  0.756  1.00 0.00 ?  8  HIS A H    3  
ATOM   485  H HA   . HIS A 1 8  ? -4.209  0.699  2.235  1.00 0.00 ?  8  HIS A HA   3  
ATOM   486  H HB2  . HIS A 1 8  ? -3.433  2.758  2.921  1.00 0.00 ?  8  HIS A HB2  3  
ATOM   487  H HB3  . HIS A 1 8  ? -1.956  1.946  2.434  1.00 0.00 ?  8  HIS A HB3  3  
ATOM   488  H HD2  . HIS A 1 8  ? -3.651  5.253  1.836  1.00 0.00 ?  8  HIS A HD2  3  
ATOM   489  H HE1  . HIS A 1 8  ? -0.948  4.741  -1.364 1.00 0.00 ?  8  HIS A HE1  3  
ATOM   490  H HE2  . HIS A 1 8  ? -2.386  6.429  -0.124 1.00 0.00 ?  8  HIS A HE2  3  
ATOM   491  N N    . GLN A 1 9  ? -4.516  2.192  -0.696 1.00 0.00 ?  9  GLN A N    3  
ATOM   492  C CA   . GLN A 1 9  ? -5.574  2.683  -1.592 1.00 0.00 ?  9  GLN A CA   3  
ATOM   493  C C    . GLN A 1 9  ? -6.367  1.523  -2.176 1.00 0.00 ?  9  GLN A C    3  
ATOM   494  O O    . GLN A 1 9  ? -7.588  1.593  -2.328 1.00 0.00 ?  9  GLN A O    3  
ATOM   495  C CB   . GLN A 1 9  ? -4.988  3.509  -2.740 1.00 0.00 ?  9  GLN A CB   3  
ATOM   496  C CG   . GLN A 1 9  ? -3.676  4.147  -2.299 1.00 0.00 ?  9  GLN A CG   3  
ATOM   497  C CD   . GLN A 1 9  ? -3.230  5.178  -3.322 1.00 0.00 ?  9  GLN A CD   3  
ATOM   498  O OE1  . GLN A 1 9  ? -2.087  5.149  -3.776 1.00 0.00 ?  9  GLN A OE1  3  
ATOM   499  N NE2  . GLN A 1 9  ? -4.061  6.099  -3.710 1.00 0.00 ?  9  GLN A NE2  3  
ATOM   500  H H    . GLN A 1 9  ? -3.584  2.173  -0.995 1.00 0.00 ?  9  GLN A H    3  
ATOM   501  H HA   . GLN A 1 9  ? -6.241  3.305  -1.027 1.00 0.00 ?  9  GLN A HA   3  
ATOM   502  H HB2  . GLN A 1 9  ? -4.810  2.871  -3.593 1.00 0.00 ?  9  GLN A HB2  3  
ATOM   503  H HB3  . GLN A 1 9  ? -5.687  4.286  -3.012 1.00 0.00 ?  9  GLN A HB3  3  
ATOM   504  H HG2  . GLN A 1 9  ? -3.821  4.630  -1.345 1.00 0.00 ?  9  GLN A HG2  3  
ATOM   505  H HG3  . GLN A 1 9  ? -2.916  3.381  -2.205 1.00 0.00 ?  9  GLN A HG3  3  
ATOM   506  H HE21 . GLN A 1 9  ? -4.970  6.131  -3.344 1.00 0.00 ?  9  GLN A HE21 3  
ATOM   507  H HE22 . GLN A 1 9  ? -3.779  6.760  -4.375 1.00 0.00 ?  9  GLN A HE22 3  
ATOM   508  N N    . ARG A 1 10 ? -5.649  0.477  -2.524 1.00 0.00 ?  10 ARG A N    3  
ATOM   509  C CA   . ARG A 1 10 ? -6.248  -0.705 -3.127 1.00 0.00 ?  10 ARG A CA   3  
ATOM   510  C C    . ARG A 1 10 ? -7.052  -1.505 -2.107 1.00 0.00 ?  10 ARG A C    3  
ATOM   511  O O    . ARG A 1 10 ? -8.107  -2.045 -2.432 1.00 0.00 ?  10 ARG A O    3  
ATOM   512  C CB   . ARG A 1 10 ? -5.139  -1.576 -3.730 1.00 0.00 ?  10 ARG A CB   3  
ATOM   513  C CG   . ARG A 1 10 ? -4.666  -0.975 -5.065 1.00 0.00 ?  10 ARG A CG   3  
ATOM   514  C CD   . ARG A 1 10 ? -4.425  0.538  -4.913 1.00 0.00 ?  10 ARG A CD   3  
ATOM   515  N NE   . ARG A 1 10 ? -3.745  1.077  -6.093 1.00 0.00 ?  10 ARG A NE   3  
ATOM   516  C CZ   . ARG A 1 10 ? -4.203  2.158  -6.734 1.00 0.00 ?  10 ARG A CZ   3  
ATOM   517  N NH1  . ARG A 1 10 ? -3.529  2.658  -7.732 1.00 0.00 1  10 ARG A NH1  3  
ATOM   518  N NH2  . ARG A 1 10 ? -5.331  2.707  -6.380 1.00 0.00 ?  10 ARG A NH2  3  
ATOM   519  H H    . ARG A 1 10 ? -4.681  0.503  -2.391 1.00 0.00 ?  10 ARG A H    3  
ATOM   520  H HA   . ARG A 1 10 ? -6.910  -0.394 -3.918 1.00 0.00 ?  10 ARG A HA   3  
ATOM   521  H HB2  . ARG A 1 10 ? -4.310  -1.621 -3.039 1.00 0.00 ?  10 ARG A HB2  3  
ATOM   522  H HB3  . ARG A 1 10 ? -5.517  -2.572 -3.901 1.00 0.00 ?  10 ARG A HB3  3  
ATOM   523  H HG2  . ARG A 1 10 ? -3.749  -1.462 -5.367 1.00 0.00 ?  10 ARG A HG2  3  
ATOM   524  H HG3  . ARG A 1 10 ? -5.420  -1.140 -5.818 1.00 0.00 ?  10 ARG A HG3  3  
ATOM   525  H HD2  . ARG A 1 10 ? -5.370  1.036  -4.790 1.00 0.00 ?  10 ARG A HD2  3  
ATOM   526  H HD3  . ARG A 1 10 ? -3.812  0.716  -4.041 1.00 0.00 ?  10 ARG A HD3  3  
ATOM   527  H HE   . ARG A 1 10 ? -2.915  0.649  -6.402 1.00 0.00 ?  10 ARG A HE   3  
ATOM   528  H HH11 . ARG A 1 10 ? -2.671  2.233  -8.024 1.00 0.00 ?  10 ARG A HH11 3  
ATOM   529  H HH12 . ARG A 1 10 ? -3.870  3.471  -8.213 1.00 0.00 ?  10 ARG A HH12 3  
ATOM   530  H HH21 . ARG A 1 10 ? -5.870  2.316  -5.635 1.00 0.00 ?  10 ARG A HH21 3  
ATOM   531  H HH22 . ARG A 1 10 ? -5.662  3.531  -6.846 1.00 0.00 ?  10 ARG A HH22 3  
HETATM 532  N N    . NH2 A 1 11 ? -6.624  -1.617 -0.888 1.00 0.00 ?  11 NH2 A N    3  
HETATM 533  H HN1  . NH2 A 1 11 ? -5.782  -1.189 -0.619 1.00 0.00 ?  11 NH2 A HN1  3  
HETATM 534  H HN2  . NH2 A 1 11 ? -7.144  -2.124 -0.232 1.00 0.00 ?  11 NH2 A HN2  3  
ATOM   535  N N    . SER A 1 1  ? 7.276   0.436  4.034  1.00 0.00 ?  1  SER A N    4  
ATOM   536  C CA   . SER A 1 1  ? 6.002   0.881  3.429  1.00 0.00 ?  1  SER A CA   4  
ATOM   537  C C    . SER A 1 1  ? 5.939   0.420  1.975  1.00 0.00 ?  1  SER A C    4  
ATOM   538  O O    . SER A 1 1  ? 5.430   1.136  1.114  1.00 0.00 ?  1  SER A O    4  
ATOM   539  C CB   . SER A 1 1  ? 5.923   2.407  3.497  1.00 0.00 ?  1  SER A CB   4  
ATOM   540  O OG   . SER A 1 1  ? 5.987   2.815  4.861  1.00 0.00 ?  1  SER A OG   4  
ATOM   541  H H1   . SER A 1 1  ? 7.127   -0.464 4.527  1.00 0.00 ?  1  SER A H1   4  
ATOM   542  H H2   . SER A 1 1  ? 7.599   1.152  4.714  1.00 0.00 ?  1  SER A H2   4  
ATOM   543  H H3   . SER A 1 1  ? 7.993   0.311  3.292  1.00 0.00 ?  1  SER A H3   4  
ATOM   544  H HA   . SER A 1 1  ? 5.177   0.451  3.976  1.00 0.00 ?  1  SER A HA   4  
ATOM   545  H HB2  . SER A 1 1  ? 6.748   2.839  2.954  1.00 0.00 ?  1  SER A HB2  4  
ATOM   546  H HB3  . SER A 1 1  ? 4.993   2.737  3.053  1.00 0.00 ?  1  SER A HB3  4  
ATOM   547  H HG   . SER A 1 1  ? 5.137   2.572  5.279  1.00 0.00 ?  1  SER A HG   4  
ATOM   548  N N    . ARG A 1 2  ? 6.455   -0.774 1.697  1.00 0.00 ?  2  ARG A N    4  
ATOM   549  C CA   . ARG A 1 2  ? 6.434   -1.300 0.338  1.00 0.00 ?  2  ARG A CA   4  
ATOM   550  C C    . ARG A 1 2  ? 5.017   -1.704 -0.050 1.00 0.00 ?  2  ARG A C    4  
ATOM   551  O O    . ARG A 1 2  ? 4.518   -1.338 -1.111 1.00 0.00 ?  2  ARG A O    4  
ATOM   552  C CB   . ARG A 1 2  ? 7.359   -2.519 0.232  1.00 0.00 ?  2  ARG A CB   4  
ATOM   553  C CG   . ARG A 1 2  ? 8.809   -2.093 0.518  1.00 0.00 ?  2  ARG A CG   4  
ATOM   554  C CD   . ARG A 1 2  ? 9.690   -2.428 -0.685 1.00 0.00 ?  2  ARG A CD   4  
ATOM   555  N NE   . ARG A 1 2  ? 9.523   -3.830 -1.067 1.00 0.00 ?  2  ARG A NE   4  
ATOM   556  C CZ   . ARG A 1 2  ? 9.962   -4.286 -2.238 1.00 0.00 ?  2  ARG A CZ   4  
ATOM   557  N NH1  . ARG A 1 2  ? 9.783   -5.535 -2.563 1.00 0.00 1  2  ARG A NH1  4  
ATOM   558  N NH2  . ARG A 1 2  ? 10.578  -3.478 -3.061 1.00 0.00 ?  2  ARG A NH2  4  
ATOM   559  H H    . ARG A 1 2  ? 6.850   -1.313 2.417  1.00 0.00 ?  2  ARG A H    4  
ATOM   560  H HA   . ARG A 1 2  ? 6.777   -0.541 -0.341 1.00 0.00 ?  2  ARG A HA   4  
ATOM   561  H HB2  . ARG A 1 2  ? 7.052   -3.266 0.950  1.00 0.00 ?  2  ARG A HB2  4  
ATOM   562  H HB3  . ARG A 1 2  ? 7.296   -2.932 -0.765 1.00 0.00 ?  2  ARG A HB3  4  
ATOM   563  H HG2  . ARG A 1 2  ? 8.844   -1.029 0.702  1.00 0.00 ?  2  ARG A HG2  4  
ATOM   564  H HG3  . ARG A 1 2  ? 9.174   -2.620 1.389  1.00 0.00 ?  2  ARG A HG3  4  
ATOM   565  H HD2  . ARG A 1 2  ? 9.412   -1.799 -1.518 1.00 0.00 ?  2  ARG A HD2  4  
ATOM   566  H HD3  . ARG A 1 2  ? 10.727  -2.244 -0.432 1.00 0.00 ?  2  ARG A HD3  4  
ATOM   567  H HE   . ARG A 1 2  ? 9.076   -4.448 -0.445 1.00 0.00 ?  2  ARG A HE   4  
ATOM   568  H HH11 . ARG A 1 2  ? 9.319   -6.156 -1.932 1.00 0.00 ?  2  ARG A HH11 4  
ATOM   569  H HH12 . ARG A 1 2  ? 10.109  -5.879 -3.445 1.00 0.00 ?  2  ARG A HH12 4  
ATOM   570  H HH21 . ARG A 1 2  ? 10.725  -2.520 -2.809 1.00 0.00 ?  2  ARG A HH21 4  
ATOM   571  H HH22 . ARG A 1 2  ? 10.907  -3.818 -3.945 1.00 0.00 ?  2  ARG A HH22 4  
ATOM   572  N N    . SER A 1 3  ? 4.392   -2.473 0.814  1.00 0.00 ?  3  SER A N    4  
ATOM   573  C CA   . SER A 1 3  ? 3.034   -2.948 0.578  1.00 0.00 ?  3  SER A CA   4  
ATOM   574  C C    . SER A 1 3  ? 1.979   -1.907 0.979  1.00 0.00 ?  3  SER A C    4  
ATOM   575  O O    . SER A 1 3  ? 0.886   -1.867 0.410  1.00 0.00 ?  3  SER A O    4  
ATOM   576  C CB   . SER A 1 3  ? 2.807   -4.229 1.382  1.00 0.00 ?  3  SER A CB   4  
ATOM   577  O OG   . SER A 1 3  ? 3.865   -4.379 2.328  1.00 0.00 ?  3  SER A OG   4  
ATOM   578  H H    . SER A 1 3  ? 4.858   -2.739 1.631  1.00 0.00 ?  3  SER A H    4  
ATOM   579  H HA   . SER A 1 3  ? 2.918   -3.177 -0.472 1.00 0.00 ?  3  SER A HA   4  
ATOM   580  H HB2  . SER A 1 3  ? 1.871   -4.165 1.911  1.00 0.00 ?  3  SER A HB2  4  
ATOM   581  H HB3  . SER A 1 3  ? 2.779   -5.075 0.710  1.00 0.00 ?  3  SER A HB3  4  
ATOM   582  H HG   . SER A 1 3  ? 3.610   -5.078 2.948  1.00 0.00 ?  3  SER A HG   4  
ATOM   583  N N    . GLU A 1 4  ? 2.298   -1.103 1.989  1.00 0.00 ?  4  GLU A N    4  
ATOM   584  C CA   . GLU A 1 4  ? 1.353   -0.113 2.510  1.00 0.00 ?  4  GLU A CA   4  
ATOM   585  C C    . GLU A 1 4  ? 0.672   0.688  1.404  1.00 0.00 ?  4  GLU A C    4  
ATOM   586  O O    . GLU A 1 4  ? -0.543  0.633  1.250  1.00 0.00 ?  4  GLU A O    4  
ATOM   587  C CB   . GLU A 1 4  ? 2.077   0.850  3.455  1.00 0.00 ?  4  GLU A CB   4  
ATOM   588  C CG   . GLU A 1 4  ? 2.521   0.110  4.720  1.00 0.00 ?  4  GLU A CG   4  
ATOM   589  C CD   . GLU A 1 4  ? 3.009   1.112  5.756  1.00 0.00 ?  4  GLU A CD   4  
ATOM   590  O OE1  . GLU A 1 4  ? 2.638   0.976  6.905  1.00 0.00 ?  4  GLU A OE1  4  
ATOM   591  O OE2  . GLU A 1 4  ? 3.744   2.006  5.387  1.00 0.00 -1 4  GLU A OE2  4  
ATOM   592  H H    . GLU A 1 4  ? 3.171   -1.203 2.420  1.00 0.00 ?  4  GLU A H    4  
ATOM   593  H HA   . GLU A 1 4  ? 0.592   -0.632 3.072  1.00 0.00 ?  4  GLU A HA   4  
ATOM   594  H HB2  . GLU A 1 4  ? 2.940   1.262  2.957  1.00 0.00 ?  4  GLU A HB2  4  
ATOM   595  H HB3  . GLU A 1 4  ? 1.405   1.652  3.733  1.00 0.00 ?  4  GLU A HB3  4  
ATOM   596  H HG2  . GLU A 1 4  ? 1.685   -0.445 5.123  1.00 0.00 ?  4  GLU A HG2  4  
ATOM   597  H HG3  . GLU A 1 4  ? 3.321   -0.571 4.477  1.00 0.00 ?  4  GLU A HG3  4  
ATOM   598  N N    . LEU A 1 5  ? 1.449   1.438  0.648  1.00 0.00 ?  5  LEU A N    4  
ATOM   599  C CA   . LEU A 1 5  ? 0.880   2.254  -0.420 1.00 0.00 ?  5  LEU A CA   4  
ATOM   600  C C    . LEU A 1 5  ? 0.079   1.402  -1.390 1.00 0.00 ?  5  LEU A C    4  
ATOM   601  O O    . LEU A 1 5  ? -0.990  1.805  -1.854 1.00 0.00 ?  5  LEU A O    4  
ATOM   602  C CB   . LEU A 1 5  ? 1.977   2.998  -1.191 1.00 0.00 ?  5  LEU A CB   4  
ATOM   603  C CG   . LEU A 1 5  ? 3.365   2.613  -0.674 1.00 0.00 ?  5  LEU A CG   4  
ATOM   604  C CD1  . LEU A 1 5  ? 3.664   1.155  -1.030 1.00 0.00 ?  5  LEU A CD1  4  
ATOM   605  C CD2  . LEU A 1 5  ? 4.409   3.513  -1.333 1.00 0.00 ?  5  LEU A CD2  4  
ATOM   606  H H    . LEU A 1 5  ? 2.411   1.457  0.817  1.00 0.00 ?  5  LEU A H    4  
ATOM   607  H HA   . LEU A 1 5  ? 0.218   2.985  0.025  1.00 0.00 ?  5  LEU A HA   4  
ATOM   608  H HB2  . LEU A 1 5  ? 1.907   2.751  -2.242 1.00 0.00 ?  5  LEU A HB2  4  
ATOM   609  H HB3  . LEU A 1 5  ? 1.836   4.060  -1.067 1.00 0.00 ?  5  LEU A HB3  4  
ATOM   610  H HG   . LEU A 1 5  ? 3.405   2.741  0.401  1.00 0.00 ?  5  LEU A HG   4  
ATOM   611  H HD11 . LEU A 1 5  ? 3.113   0.879  -1.914 1.00 0.00 ?  5  LEU A HD11 4  
ATOM   612  H HD12 . LEU A 1 5  ? 3.375   0.514  -0.212 1.00 0.00 ?  5  LEU A HD12 4  
ATOM   613  H HD13 . LEU A 1 5  ? 4.723   1.038  -1.216 1.00 0.00 ?  5  LEU A HD13 4  
ATOM   614  H HD21 . LEU A 1 5  ? 4.188   3.613  -2.385 1.00 0.00 ?  5  LEU A HD21 4  
ATOM   615  H HD22 . LEU A 1 5  ? 5.387   3.077  -1.211 1.00 0.00 ?  5  LEU A HD22 4  
ATOM   616  H HD23 . LEU A 1 5  ? 4.390   4.485  -0.865 1.00 0.00 ?  5  LEU A HD23 4  
ATOM   617  N N    . ILE A 1 6  ? 0.599   0.234  -1.718 1.00 0.00 ?  6  ILE A N    4  
ATOM   618  C CA   . ILE A 1 6  ? -0.100  -0.624 -2.660 1.00 0.00 ?  6  ILE A CA   4  
ATOM   619  C C    . ILE A 1 6  ? -1.458  -1.040 -2.097 1.00 0.00 ?  6  ILE A C    4  
ATOM   620  O O    . ILE A 1 6  ? -2.482  -0.874 -2.756 1.00 0.00 ?  6  ILE A O    4  
ATOM   621  C CB   . ILE A 1 6  ? 0.731   -1.887 -2.944 1.00 0.00 ?  6  ILE A CB   4  
ATOM   622  C CG1  . ILE A 1 6  ? 2.202   -1.515 -3.193 1.00 0.00 ?  6  ILE A CG1  4  
ATOM   623  C CG2  . ILE A 1 6  ? 0.176   -2.615 -4.171 1.00 0.00 ?  6  ILE A CG2  4  
ATOM   624  C CD1  . ILE A 1 6  ? 2.338   -0.687 -4.471 1.00 0.00 ?  6  ILE A CD1  4  
ATOM   625  H H    . ILE A 1 6  ? 1.459   -0.043 -1.340 1.00 0.00 ?  6  ILE A H    4  
ATOM   626  H HA   . ILE A 1 6  ? -0.248  -0.084 -3.582 1.00 0.00 ?  6  ILE A HA   4  
ATOM   627  H HB   . ILE A 1 6  ? 0.672   -2.546 -2.083 1.00 0.00 ?  6  ILE A HB   4  
ATOM   628  H HG12 . ILE A 1 6  ? 2.580   -0.944 -2.358 1.00 0.00 ?  6  ILE A HG12 4  
ATOM   629  H HG13 . ILE A 1 6  ? 2.783   -2.417 -3.294 1.00 0.00 ?  6  ILE A HG13 4  
ATOM   630  H HG21 . ILE A 1 6  ? 0.153   -1.941 -5.015 1.00 0.00 ?  6  ILE A HG21 4  
ATOM   631  H HG22 . ILE A 1 6  ? -0.825  -2.965 -3.962 1.00 0.00 ?  6  ILE A HG22 4  
ATOM   632  H HG23 . ILE A 1 6  ? 0.808   -3.459 -4.400 1.00 0.00 ?  6  ILE A HG23 4  
ATOM   633  H HD11 . ILE A 1 6  ? 3.384   -0.606 -4.731 1.00 0.00 ?  6  ILE A HD11 4  
ATOM   634  H HD12 . ILE A 1 6  ? 1.934   0.301  -4.309 1.00 0.00 ?  6  ILE A HD12 4  
ATOM   635  H HD13 . ILE A 1 6  ? 1.806   -1.169 -5.276 1.00 0.00 ?  6  ILE A HD13 4  
ATOM   636  N N    . VAL A 1 7  ? -1.461  -1.567 -0.880 1.00 0.00 ?  7  VAL A N    4  
ATOM   637  C CA   . VAL A 1 7  ? -2.708  -2.003 -0.246 1.00 0.00 ?  7  VAL A CA   4  
ATOM   638  C C    . VAL A 1 7  ? -3.554  -0.831 0.263  1.00 0.00 ?  7  VAL A C    4  
ATOM   639  O O    . VAL A 1 7  ? -4.787  -0.879 0.222  1.00 0.00 ?  7  VAL A O    4  
ATOM   640  C CB   . VAL A 1 7  ? -2.414  -2.973 0.909  1.00 0.00 ?  7  VAL A CB   4  
ATOM   641  C CG1  . VAL A 1 7  ? -3.702  -3.695 1.327  1.00 0.00 ?  7  VAL A CG1  4  
ATOM   642  C CG2  . VAL A 1 7  ? -1.393  -4.018 0.454  1.00 0.00 ?  7  VAL A CG2  4  
ATOM   643  H H    . VAL A 1 7  ? -0.611  -1.673 -0.401 1.00 0.00 ?  7  VAL A H    4  
ATOM   644  H HA   . VAL A 1 7  ? -3.282  -2.529 -0.983 1.00 0.00 ?  7  VAL A HA   4  
ATOM   645  H HB   . VAL A 1 7  ? -2.020  -2.423 1.747  1.00 0.00 ?  7  VAL A HB   4  
ATOM   646  H HG11 . VAL A 1 7  ? -4.433  -2.974 1.665  1.00 0.00 ?  7  VAL A HG11 4  
ATOM   647  H HG12 . VAL A 1 7  ? -3.481  -4.384 2.131  1.00 0.00 ?  7  VAL A HG12 4  
ATOM   648  H HG13 . VAL A 1 7  ? -4.102  -4.243 0.486  1.00 0.00 ?  7  VAL A HG13 4  
ATOM   649  H HG21 . VAL A 1 7  ? -1.719  -4.459 -0.473 1.00 0.00 ?  7  VAL A HG21 4  
ATOM   650  H HG22 . VAL A 1 7  ? -1.303  -4.785 1.210  1.00 0.00 ?  7  VAL A HG22 4  
ATOM   651  H HG23 . VAL A 1 7  ? -0.436  -3.547 0.309  1.00 0.00 ?  7  VAL A HG23 4  
ATOM   652  N N    . HIS A 1 8  ? -2.895  0.191  0.794  1.00 0.00 ?  8  HIS A N    4  
ATOM   653  C CA   . HIS A 1 8  ? -3.612  1.331  1.372  1.00 0.00 ?  8  HIS A CA   4  
ATOM   654  C C    . HIS A 1 8  ? -4.610  1.934  0.394  1.00 0.00 ?  8  HIS A C    4  
ATOM   655  O O    . HIS A 1 8  ? -5.793  2.060  0.712  1.00 0.00 ?  8  HIS A O    4  
ATOM   656  C CB   . HIS A 1 8  ? -2.628  2.430  1.808  1.00 0.00 ?  8  HIS A CB   4  
ATOM   657  C CG   . HIS A 1 8  ? -2.125  2.147  3.199  1.00 0.00 ?  8  HIS A CG   4  
ATOM   658  N ND1  . HIS A 1 8  ? -1.943  3.151  4.135  1.00 0.00 ?  8  HIS A ND1  4  
ATOM   659  C CD2  . HIS A 1 8  ? -1.747  0.984  3.820  1.00 0.00 ?  8  HIS A CD2  4  
ATOM   660  C CE1  . HIS A 1 8  ? -1.475  2.580  5.260  1.00 0.00 ?  8  HIS A CE1  4  
ATOM   661  N NE2  . HIS A 1 8  ? -1.333  1.259  5.121  1.00 0.00 ?  8  HIS A NE2  4  
ATOM   662  H H    . HIS A 1 8  ? -1.916  0.160  0.835  1.00 0.00 ?  8  HIS A H    4  
ATOM   663  H HA   . HIS A 1 8  ? -4.148  0.989  2.242  1.00 0.00 ?  8  HIS A HA   4  
ATOM   664  H HB2  . HIS A 1 8  ? -1.796  2.458  1.125  1.00 0.00 ?  8  HIS A HB2  4  
ATOM   665  H HB3  . HIS A 1 8  ? -3.129  3.389  1.799  1.00 0.00 ?  8  HIS A HB3  4  
ATOM   666  H HD2  . HIS A 1 8  ? -1.778  0.000  3.371  1.00 0.00 ?  8  HIS A HD2  4  
ATOM   667  H HE1  . HIS A 1 8  ? -1.244  3.122  6.169  1.00 0.00 ?  8  HIS A HE1  4  
ATOM   668  H HE2  . HIS A 1 8  ? -0.994  0.620  5.788  1.00 0.00 ?  8  HIS A HE2  4  
ATOM   669  N N    . GLN A 1 9  ? -4.144  2.310  -0.786 1.00 0.00 ?  9  GLN A N    4  
ATOM   670  C CA   . GLN A 1 9  ? -5.034  2.917  -1.770 1.00 0.00 ?  9  GLN A CA   4  
ATOM   671  C C    . GLN A 1 9  ? -5.959  1.886  -2.397 1.00 0.00 ?  9  GLN A C    4  
ATOM   672  O O    . GLN A 1 9  ? -7.104  2.187  -2.740 1.00 0.00 ?  9  GLN A O    4  
ATOM   673  C CB   . GLN A 1 9  ? -4.224  3.630  -2.853 1.00 0.00 ?  9  GLN A CB   4  
ATOM   674  C CG   . GLN A 1 9  ? -3.279  4.654  -2.206 1.00 0.00 ?  9  GLN A CG   4  
ATOM   675  C CD   . GLN A 1 9  ? -3.063  5.841  -3.143 1.00 0.00 ?  9  GLN A CD   4  
ATOM   676  O OE1  . GLN A 1 9  ? -1.922  6.167  -3.479 1.00 0.00 ?  9  GLN A OE1  4  
ATOM   677  N NE2  . GLN A 1 9  ? -4.088  6.510  -3.588 1.00 0.00 ?  9  GLN A NE2  4  
ATOM   678  H H    . GLN A 1 9  ? -3.193  2.194  -0.990 1.00 0.00 ?  9  GLN A H    4  
ATOM   679  H HA   . GLN A 1 9  ? -5.645  3.647  -1.263 1.00 0.00 ?  9  GLN A HA   4  
ATOM   680  H HB2  . GLN A 1 9  ? -3.651  2.903  -3.406 1.00 0.00 ?  9  GLN A HB2  4  
ATOM   681  H HB3  . GLN A 1 9  ? -4.900  4.138  -3.525 1.00 0.00 ?  9  GLN A HB3  4  
ATOM   682  H HG2  . GLN A 1 9  ? -3.712  5.008  -1.280 1.00 0.00 ?  9  GLN A HG2  4  
ATOM   683  H HG3  . GLN A 1 9  ? -2.328  4.185  -2.000 1.00 0.00 ?  9  GLN A HG3  4  
ATOM   684  H HE21 . GLN A 1 9  ? -4.994  6.251  -3.322 1.00 0.00 ?  9  GLN A HE21 4  
ATOM   685  H HE22 . GLN A 1 9  ? -3.955  7.271  -4.192 1.00 0.00 ?  9  GLN A HE22 4  
ATOM   686  N N    . ARG A 1 10 ? -5.459  0.678  -2.546 1.00 0.00 ?  10 ARG A N    4  
ATOM   687  C CA   . ARG A 1 10 ? -6.248  -0.394 -3.131 1.00 0.00 ?  10 ARG A CA   4  
ATOM   688  C C    . ARG A 1 10 ? -7.366  -0.791 -2.169 1.00 0.00 ?  10 ARG A C    4  
ATOM   689  O O    . ARG A 1 10 ? -8.512  -0.965 -2.581 1.00 0.00 ?  10 ARG A O    4  
ATOM   690  C CB   . ARG A 1 10 ? -5.356  -1.607 -3.415 1.00 0.00 ?  10 ARG A CB   4  
ATOM   691  C CG   . ARG A 1 10 ? -5.025  -1.697 -4.915 1.00 0.00 ?  10 ARG A CG   4  
ATOM   692  C CD   . ARG A 1 10 ? -4.523  -0.345 -5.445 1.00 0.00 ?  10 ARG A CD   4  
ATOM   693  N NE   . ARG A 1 10 ? -3.445  0.177  -4.603 1.00 0.00 ?  10 ARG A NE   4  
ATOM   694  C CZ   . ARG A 1 10 ? -2.769  1.277  -4.942 1.00 0.00 ?  10 ARG A CZ   4  
ATOM   695  N NH1  . ARG A 1 10 ? -1.847  1.748  -4.144 1.00 0.00 1  10 ARG A NH1  4  
ATOM   696  N NH2  . ARG A 1 10 ? -3.028  1.885  -6.066 1.00 0.00 ?  10 ARG A NH2  4  
ATOM   697  H H    . ARG A 1 10 ? -4.543  0.499  -2.254 1.00 0.00 ?  10 ARG A H    4  
ATOM   698  H HA   . ARG A 1 10 ? -6.685  -0.051 -4.057 1.00 0.00 ?  10 ARG A HA   4  
ATOM   699  H HB2  . ARG A 1 10 ? -4.444  -1.517 -2.851 1.00 0.00 ?  10 ARG A HB2  4  
ATOM   700  H HB3  . ARG A 1 10 ? -5.869  -2.505 -3.115 1.00 0.00 ?  10 ARG A HB3  4  
ATOM   701  H HG2  . ARG A 1 10 ? -4.258  -2.446 -5.062 1.00 0.00 ?  10 ARG A HG2  4  
ATOM   702  H HG3  . ARG A 1 10 ? -5.914  -1.987 -5.461 1.00 0.00 ?  10 ARG A HG3  4  
ATOM   703  H HD2  . ARG A 1 10 ? -4.156  -0.472 -6.454 1.00 0.00 ?  10 ARG A HD2  4  
ATOM   704  H HD3  . ARG A 1 10 ? -5.343  0.361  -5.458 1.00 0.00 ?  10 ARG A HD3  4  
ATOM   705  H HE   . ARG A 1 10 ? -3.221  -0.292 -3.761 1.00 0.00 ?  10 ARG A HE   4  
ATOM   706  H HH11 . ARG A 1 10 ? -1.645  1.292  -3.270 1.00 0.00 ?  10 ARG A HH11 4  
ATOM   707  H HH12 . ARG A 1 10 ? -1.335  2.571  -4.402 1.00 0.00 ?  10 ARG A HH12 4  
ATOM   708  H HH21 . ARG A 1 10 ? -3.736  1.533  -6.680 1.00 0.00 ?  10 ARG A HH21 4  
ATOM   709  H HH22 . ARG A 1 10 ? -2.520  2.715  -6.316 1.00 0.00 ?  10 ARG A HH22 4  
HETATM 710  N N    . NH2 A 1 11 ? -7.100  -0.930 -0.901 1.00 0.00 ?  11 NH2 A N    4  
HETATM 711  H HN1  . NH2 A 1 11 ? -6.182  -0.795 -0.568 1.00 0.00 ?  11 NH2 A HN1  4  
HETATM 712  H HN2  . NH2 A 1 11 ? -7.817  -1.164 -0.275 1.00 0.00 ?  11 NH2 A HN2  4  
ATOM   713  N N    . SER A 1 1  ? 6.095   1.332  4.506  1.00 0.00 ?  1  SER A N    5  
ATOM   714  C CA   . SER A 1 1  ? 6.903   0.605  3.494  1.00 0.00 ?  1  SER A CA   5  
ATOM   715  C C    . SER A 1 1  ? 6.091   0.493  2.206  1.00 0.00 ?  1  SER A C    5  
ATOM   716  O O    . SER A 1 1  ? 4.937   0.923  2.151  1.00 0.00 ?  1  SER A O    5  
ATOM   717  C CB   . SER A 1 1  ? 7.251   -0.795 4.014  1.00 0.00 ?  1  SER A CB   5  
ATOM   718  O OG   . SER A 1 1  ? 6.817   -0.938 5.371  1.00 0.00 ?  1  SER A OG   5  
ATOM   719  H H1   . SER A 1 1  ? 5.115   1.428  4.167  1.00 0.00 ?  1  SER A H1   5  
ATOM   720  H H2   . SER A 1 1  ? 6.501   2.275  4.662  1.00 0.00 ?  1  SER A H2   5  
ATOM   721  H H3   . SER A 1 1  ? 6.100   0.799  5.398  1.00 0.00 ?  1  SER A H3   5  
ATOM   722  H HA   . SER A 1 1  ? 7.813   1.154  3.299  1.00 0.00 ?  1  SER A HA   5  
ATOM   723  H HB2  . SER A 1 1  ? 6.761   -1.539 3.406  1.00 0.00 ?  1  SER A HB2  5  
ATOM   724  H HB3  . SER A 1 1  ? 8.321   -0.939 3.951  1.00 0.00 ?  1  SER A HB3  5  
ATOM   725  H HG   . SER A 1 1  ? 5.845   -0.949 5.372  1.00 0.00 ?  1  SER A HG   5  
ATOM   726  N N    . ARG A 1 2  ? 6.695   -0.084 1.174  1.00 0.00 ?  2  ARG A N    5  
ATOM   727  C CA   . ARG A 1 2  ? 6.020   -0.240 -0.112 1.00 0.00 ?  2  ARG A CA   5  
ATOM   728  C C    . ARG A 1 2  ? 4.767   -1.099 0.026  1.00 0.00 ?  2  ARG A C    5  
ATOM   729  O O    . ARG A 1 2  ? 3.768   -0.881 -0.666 1.00 0.00 ?  2  ARG A O    5  
ATOM   730  C CB   . ARG A 1 2  ? 6.973   -0.900 -1.120 1.00 0.00 ?  2  ARG A CB   5  
ATOM   731  C CG   . ARG A 1 2  ? 6.969   -0.128 -2.448 1.00 0.00 ?  2  ARG A CG   5  
ATOM   732  C CD   . ARG A 1 2  ? 6.930   -1.122 -3.613 1.00 0.00 ?  2  ARG A CD   5  
ATOM   733  N NE   . ARG A 1 2  ? 7.856   -2.227 -3.380 1.00 0.00 ?  2  ARG A NE   5  
ATOM   734  C CZ   . ARG A 1 2  ? 9.100   -2.213 -3.856 1.00 0.00 ?  2  ARG A CZ   5  
ATOM   735  N NH1  . ARG A 1 2  ? 9.885   -3.232 -3.643 1.00 0.00 1  2  ARG A NH1  5  
ATOM   736  N NH2  . ARG A 1 2  ? 9.533   -1.185 -4.534 1.00 0.00 ?  2  ARG A NH2  5  
ATOM   737  H H    . ARG A 1 2  ? 7.614   -0.408 1.273  1.00 0.00 ?  2  ARG A H    5  
ATOM   738  H HA   . ARG A 1 2  ? 5.741   0.730  -0.477 1.00 0.00 ?  2  ARG A HA   5  
ATOM   739  H HB2  . ARG A 1 2  ? 7.973   -0.906 -0.715 1.00 0.00 ?  2  ARG A HB2  5  
ATOM   740  H HB3  . ARG A 1 2  ? 6.651   -1.916 -1.297 1.00 0.00 ?  2  ARG A HB3  5  
ATOM   741  H HG2  . ARG A 1 2  ? 6.099   0.510  -2.495 1.00 0.00 ?  2  ARG A HG2  5  
ATOM   742  H HG3  . ARG A 1 2  ? 7.861   0.475  -2.522 1.00 0.00 ?  2  ARG A HG3  5  
ATOM   743  H HD2  . ARG A 1 2  ? 5.930   -1.519 -3.709 1.00 0.00 ?  2  ARG A HD2  5  
ATOM   744  H HD3  . ARG A 1 2  ? 7.196   -0.614 -4.526 1.00 0.00 ?  2  ARG A HD3  5  
ATOM   745  H HE   . ARG A 1 2  ? 7.545   -3.007 -2.868 1.00 0.00 ?  2  ARG A HE   5  
ATOM   746  H HH11 . ARG A 1 2  ? 9.552   -4.021 -3.125 1.00 0.00 ?  2  ARG A HH11 5  
ATOM   747  H HH12 . ARG A 1 2  ? 10.826  -3.228 -3.994 1.00 0.00 ?  2  ARG A HH12 5  
ATOM   748  H HH21 . ARG A 1 2  ? 8.934   -0.400 -4.699 1.00 0.00 ?  2  ARG A HH21 5  
ATOM   749  H HH22 . ARG A 1 2  ? 10.467  -1.180 -4.895 1.00 0.00 ?  2  ARG A HH22 5  
ATOM   750  N N    . SER A 1 3  ? 4.846   -2.090 0.897  1.00 0.00 ?  3  SER A N    5  
ATOM   751  C CA   . SER A 1 3  ? 3.744   -3.021 1.114  1.00 0.00 ?  3  SER A CA   5  
ATOM   752  C C    . SER A 1 3  ? 2.461   -2.319 1.550  1.00 0.00 ?  3  SER A C    5  
ATOM   753  O O    . SER A 1 3  ? 1.369   -2.791 1.246  1.00 0.00 ?  3  SER A O    5  
ATOM   754  C CB   . SER A 1 3  ? 4.149   -4.052 2.173  1.00 0.00 ?  3  SER A CB   5  
ATOM   755  O OG   . SER A 1 3  ? 5.403   -3.679 2.745  1.00 0.00 ?  3  SER A OG   5  
ATOM   756  H H    . SER A 1 3  ? 5.678   -2.216 1.394  1.00 0.00 ?  3  SER A H    5  
ATOM   757  H HA   . SER A 1 3  ? 3.550   -3.542 0.190  1.00 0.00 ?  3  SER A HA   5  
ATOM   758  H HB2  . SER A 1 3  ? 3.398   -4.091 2.950  1.00 0.00 ?  3  SER A HB2  5  
ATOM   759  H HB3  . SER A 1 3  ? 4.232   -5.025 1.708  1.00 0.00 ?  3  SER A HB3  5  
ATOM   760  H HG   . SER A 1 3  ? 5.409   -3.986 3.661  1.00 0.00 ?  3  SER A HG   5  
ATOM   761  N N    . GLU A 1 4  ? 2.582   -1.218 2.279  1.00 0.00 ?  4  GLU A N    5  
ATOM   762  C CA   . GLU A 1 4  ? 1.393   -0.513 2.757  1.00 0.00 ?  4  GLU A CA   5  
ATOM   763  C C    . GLU A 1 4  ? 0.811   0.382  1.674  1.00 0.00 ?  4  GLU A C    5  
ATOM   764  O O    . GLU A 1 4  ? -0.367  0.746  1.716  1.00 0.00 ?  4  GLU A O    5  
ATOM   765  C CB   . GLU A 1 4  ? 1.747   0.345  3.975  1.00 0.00 ?  4  GLU A CB   5  
ATOM   766  C CG   . GLU A 1 4  ? 2.346   -0.539 5.073  1.00 0.00 ?  4  GLU A CG   5  
ATOM   767  C CD   . GLU A 1 4  ? 3.859   -0.440 5.050  1.00 0.00 ?  4  GLU A CD   5  
ATOM   768  O OE1  . GLU A 1 4  ? 4.410   0.182  5.935  1.00 0.00 ?  4  GLU A OE1  5  
ATOM   769  O OE2  . GLU A 1 4  ? 4.456   -0.990 4.148  1.00 0.00 -1 4  GLU A OE2  5  
ATOM   770  H H    . GLU A 1 4  ? 3.473   -0.881 2.516  1.00 0.00 ?  4  GLU A H    5  
ATOM   771  H HA   . GLU A 1 4  ? 0.649   -1.237 3.049  1.00 0.00 ?  4  GLU A HA   5  
ATOM   772  H HB2  . GLU A 1 4  ? 2.463   1.100  3.686  1.00 0.00 ?  4  GLU A HB2  5  
ATOM   773  H HB3  . GLU A 1 4  ? 0.853   0.824  4.349  1.00 0.00 ?  4  GLU A HB3  5  
ATOM   774  H HG2  . GLU A 1 4  ? 1.977   -0.216 6.036  1.00 0.00 ?  4  GLU A HG2  5  
ATOM   775  H HG3  . GLU A 1 4  ? 2.050   -1.565 4.905  1.00 0.00 ?  4  GLU A HG3  5  
ATOM   776  N N    . LEU A 1 5  ? 1.644   0.761  0.725  1.00 0.00 ?  5  LEU A N    5  
ATOM   777  C CA   . LEU A 1 5  ? 1.213   1.644  -0.348 1.00 0.00 ?  5  LEU A CA   5  
ATOM   778  C C    . LEU A 1 5  ? 0.210   0.967  -1.276 1.00 0.00 ?  5  LEU A C    5  
ATOM   779  O O    . LEU A 1 5  ? -0.708  1.605  -1.773 1.00 0.00 ?  5  LEU A O    5  
ATOM   780  C CB   . LEU A 1 5  ? 2.424   2.119  -1.155 1.00 0.00 ?  5  LEU A CB   5  
ATOM   781  C CG   . LEU A 1 5  ? 3.567   2.489  -0.203 1.00 0.00 ?  5  LEU A CG   5  
ATOM   782  C CD1  . LEU A 1 5  ? 4.757   3.010  -1.009 1.00 0.00 ?  5  LEU A CD1  5  
ATOM   783  C CD2  . LEU A 1 5  ? 3.103   3.568  0.780  1.00 0.00 ?  5  LEU A CD2  5  
ATOM   784  H H    . LEU A 1 5  ? 2.571   0.460  0.756  1.00 0.00 ?  5  LEU A H    5  
ATOM   785  H HA   . LEU A 1 5  ? 0.743   2.505  0.089  1.00 0.00 ?  5  LEU A HA   5  
ATOM   786  H HB2  . LEU A 1 5  ? 2.748   1.330  -1.817 1.00 0.00 ?  5  LEU A HB2  5  
ATOM   787  H HB3  . LEU A 1 5  ? 2.150   2.985  -1.739 1.00 0.00 ?  5  LEU A HB3  5  
ATOM   788  H HG   . LEU A 1 5  ? 3.868   1.608  0.346  1.00 0.00 ?  5  LEU A HG   5  
ATOM   789  H HD11 . LEU A 1 5  ? 4.621   4.061  -1.207 1.00 0.00 ?  5  LEU A HD11 5  
ATOM   790  H HD12 . LEU A 1 5  ? 4.827   2.475  -1.944 1.00 0.00 ?  5  LEU A HD12 5  
ATOM   791  H HD13 . LEU A 1 5  ? 5.664   2.861  -0.445 1.00 0.00 ?  5  LEU A HD13 5  
ATOM   792  H HD21 . LEU A 1 5  ? 3.968   4.054  1.219  1.00 0.00 ?  5  LEU A HD21 5  
ATOM   793  H HD22 . LEU A 1 5  ? 2.513   3.113  1.565  1.00 0.00 ?  5  LEU A HD22 5  
ATOM   794  H HD23 . LEU A 1 5  ? 2.506   4.300  0.255  1.00 0.00 ?  5  LEU A HD23 5  
ATOM   795  N N    . ILE A 1 6  ? 0.392   -0.316 -1.534 1.00 0.00 ?  6  ILE A N    5  
ATOM   796  C CA   . ILE A 1 6  ? -0.513  -1.016 -2.435 1.00 0.00 ?  6  ILE A CA   5  
ATOM   797  C C    . ILE A 1 6  ? -1.898  -1.231 -1.814 1.00 0.00 ?  6  ILE A C    5  
ATOM   798  O O    . ILE A 1 6  ? -2.912  -1.037 -2.481 1.00 0.00 ?  6  ILE A O    5  
ATOM   799  C CB   . ILE A 1 6  ? 0.083   -2.365 -2.854 1.00 0.00 ?  6  ILE A CB   5  
ATOM   800  C CG1  . ILE A 1 6  ? 0.337   -3.229 -1.616 1.00 0.00 ?  6  ILE A CG1  5  
ATOM   801  C CG2  . ILE A 1 6  ? 1.404   -2.139 -3.599 1.00 0.00 ?  6  ILE A CG2  5  
ATOM   802  C CD1  . ILE A 1 6  ? 1.261   -4.395 -1.985 1.00 0.00 ?  6  ILE A CD1  5  
ATOM   803  H H    . ILE A 1 6  ? 1.147   -0.792 -1.137 1.00 0.00 ?  6  ILE A H    5  
ATOM   804  H HA   . ILE A 1 6  ? -0.630  -0.415 -3.318 1.00 0.00 ?  6  ILE A HA   5  
ATOM   805  H HB   . ILE A 1 6  ? -0.615  -2.872 -3.508 1.00 0.00 ?  6  ILE A HB   5  
ATOM   806  H HG12 . ILE A 1 6  ? 0.799   -2.629 -0.846 1.00 0.00 ?  6  ILE A HG12 5  
ATOM   807  H HG13 . ILE A 1 6  ? -0.601  -3.618 -1.252 1.00 0.00 ?  6  ILE A HG13 5  
ATOM   808  H HG21 . ILE A 1 6  ? 1.413   -1.152 -4.032 1.00 0.00 ?  6  ILE A HG21 5  
ATOM   809  H HG22 . ILE A 1 6  ? 1.510   -2.874 -4.383 1.00 0.00 ?  6  ILE A HG22 5  
ATOM   810  H HG23 . ILE A 1 6  ? 2.230   -2.237 -2.910 1.00 0.00 ?  6  ILE A HG23 5  
ATOM   811  H HD11 . ILE A 1 6  ? 1.129   -5.199 -1.272 1.00 0.00 ?  6  ILE A HD11 5  
ATOM   812  H HD12 . ILE A 1 6  ? 2.287   -4.059 -1.963 1.00 0.00 ?  6  ILE A HD12 5  
ATOM   813  H HD13 . ILE A 1 6  ? 1.019   -4.744 -2.979 1.00 0.00 ?  6  ILE A HD13 5  
ATOM   814  N N    . VAL A 1 7  ? -1.928  -1.670 -0.563 1.00 0.00 ?  7  VAL A N    5  
ATOM   815  C CA   . VAL A 1 7  ? -3.188  -1.960 0.117  1.00 0.00 ?  7  VAL A CA   5  
ATOM   816  C C    . VAL A 1 7  ? -4.023  -0.721 0.457  1.00 0.00 ?  7  VAL A C    5  
ATOM   817  O O    . VAL A 1 7  ? -5.254  -0.798 0.480  1.00 0.00 ?  7  VAL A O    5  
ATOM   818  C CB   . VAL A 1 7  ? -2.912  -2.744 1.407  1.00 0.00 ?  7  VAL A CB   5  
ATOM   819  C CG1  . VAL A 1 7  ? -2.988  -4.247 1.121  1.00 0.00 ?  7  VAL A CG1  5  
ATOM   820  C CG2  . VAL A 1 7  ? -1.515  -2.399 1.947  1.00 0.00 ?  7  VAL A CG2  5  
ATOM   821  H H    . VAL A 1 7  ? -1.089  -1.839 -0.095 1.00 0.00 ?  7  VAL A H    5  
ATOM   822  H HA   . VAL A 1 7  ? -3.777  -2.582 -0.528 1.00 0.00 ?  7  VAL A HA   5  
ATOM   823  H HB   . VAL A 1 7  ? -3.655  -2.483 2.142  1.00 0.00 ?  7  VAL A HB   5  
ATOM   824  H HG11 . VAL A 1 7  ? -4.014  -4.527 0.930  1.00 0.00 ?  7  VAL A HG11 5  
ATOM   825  H HG12 . VAL A 1 7  ? -2.624  -4.793 1.976  1.00 0.00 ?  7  VAL A HG12 5  
ATOM   826  H HG13 . VAL A 1 7  ? -2.380  -4.486 0.260  1.00 0.00 ?  7  VAL A HG13 5  
ATOM   827  H HG21 . VAL A 1 7  ? -1.500  -2.528 3.017  1.00 0.00 ?  7  VAL A HG21 5  
ATOM   828  H HG22 . VAL A 1 7  ? -1.271  -1.373 1.707  1.00 0.00 ?  7  VAL A HG22 5  
ATOM   829  H HG23 . VAL A 1 7  ? -0.787  -3.053 1.499  1.00 0.00 ?  7  VAL A HG23 5  
ATOM   830  N N    . HIS A 1 8  ? -3.383  0.391  0.774  1.00 0.00 ?  8  HIS A N    5  
ATOM   831  C CA   . HIS A 1 8  ? -4.139  1.584  1.170  1.00 0.00 ?  8  HIS A CA   5  
ATOM   832  C C    . HIS A 1 8  ? -4.936  2.191  0.014  1.00 0.00 ?  8  HIS A C    5  
ATOM   833  O O    . HIS A 1 8  ? -6.141  2.425  0.150  1.00 0.00 ?  8  HIS A O    5  
ATOM   834  C CB   . HIS A 1 8  ? -3.212  2.630  1.811  1.00 0.00 ?  8  HIS A CB   5  
ATOM   835  C CG   . HIS A 1 8  ? -2.649  3.567  0.779  1.00 0.00 ?  8  HIS A CG   5  
ATOM   836  N ND1  . HIS A 1 8  ? -1.524  3.260  0.042  1.00 0.00 ?  8  HIS A ND1  5  
ATOM   837  C CD2  . HIS A 1 8  ? -3.032  4.821  0.371  1.00 0.00 ?  8  HIS A CD2  5  
ATOM   838  C CE1  . HIS A 1 8  ? -1.263  4.305  -0.763 1.00 0.00 ?  8  HIS A CE1  5  
ATOM   839  N NE2  . HIS A 1 8  ? -2.151  5.286  -0.603 1.00 0.00 ?  8  HIS A NE2  5  
ATOM   840  H H    . HIS A 1 8  ? -2.403  0.402  0.785  1.00 0.00 ?  8  HIS A H    5  
ATOM   841  H HA   . HIS A 1 8  ? -4.852  1.275  1.925  1.00 0.00 ?  8  HIS A HA   5  
ATOM   842  H HB2  . HIS A 1 8  ? -3.772  3.202  2.536  1.00 0.00 ?  8  HIS A HB2  5  
ATOM   843  H HB3  . HIS A 1 8  ? -2.405  2.121  2.316  1.00 0.00 ?  8  HIS A HB3  5  
ATOM   844  H HD2  . HIS A 1 8  ? -3.882  5.365  0.749  1.00 0.00 ?  8  HIS A HD2  5  
ATOM   845  H HE1  . HIS A 1 8  ? -0.439  4.340  -1.466 1.00 0.00 ?  8  HIS A HE1  5  
ATOM   846  H HE2  . HIS A 1 8  ? -2.174  6.152  -1.067 1.00 0.00 ?  8  HIS A HE2  5  
ATOM   847  N N    . GLN A 1 9  ? -4.284  2.473  -1.112 1.00 0.00 ?  9  GLN A N    5  
ATOM   848  C CA   . GLN A 1 9  ? -4.993  3.087  -2.243 1.00 0.00 ?  9  GLN A CA   5  
ATOM   849  C C    . GLN A 1 9  ? -5.960  2.110  -2.889 1.00 0.00 ?  9  GLN A C    5  
ATOM   850  O O    . GLN A 1 9  ? -7.037  2.500  -3.346 1.00 0.00 ?  9  GLN A O    5  
ATOM   851  C CB   . GLN A 1 9  ? -4.012  3.611  -3.298 1.00 0.00 ?  9  GLN A CB   5  
ATOM   852  C CG   . GLN A 1 9  ? -2.826  2.669  -3.424 1.00 0.00 ?  9  GLN A CG   5  
ATOM   853  C CD   . GLN A 1 9  ? -1.960  3.095  -4.597 1.00 0.00 ?  9  GLN A CD   5  
ATOM   854  O OE1  . GLN A 1 9  ? -1.923  2.417  -5.624 1.00 0.00 ?  9  GLN A OE1  5  
ATOM   855  N NE2  . GLN A 1 9  ? -1.272  4.195  -4.517 1.00 0.00 ?  9  GLN A NE2  5  
ATOM   856  H H    . GLN A 1 9  ? -3.322  2.292  -1.176 1.00 0.00 ?  9  GLN A H    5  
ATOM   857  H HA   . GLN A 1 9  ? -5.564  3.918  -1.868 1.00 0.00 ?  9  GLN A HA   5  
ATOM   858  H HB2  . GLN A 1 9  ? -4.513  3.685  -4.255 1.00 0.00 ?  9  GLN A HB2  5  
ATOM   859  H HB3  . GLN A 1 9  ? -3.663  4.588  -3.002 1.00 0.00 ?  9  GLN A HB3  5  
ATOM   860  H HG2  . GLN A 1 9  ? -2.246  2.715  -2.515 1.00 0.00 ?  9  GLN A HG2  5  
ATOM   861  H HG3  . GLN A 1 9  ? -3.177  1.658  -3.579 1.00 0.00 ?  9  GLN A HG3  5  
ATOM   862  H HE21 . GLN A 1 9  ? -1.312  4.744  -3.705 1.00 0.00 ?  9  GLN A HE21 5  
ATOM   863  H HE22 . GLN A 1 9  ? -0.702  4.474  -5.264 1.00 0.00 ?  9  GLN A HE22 5  
ATOM   864  N N    . ARG A 1 10 ? -5.582  0.849  -2.925 1.00 0.00 ?  10 ARG A N    5  
ATOM   865  C CA   . ARG A 1 10 ? -6.441  -0.170 -3.515 1.00 0.00 ?  10 ARG A CA   5  
ATOM   866  C C    . ARG A 1 10 ? -7.620  -0.450 -2.593 1.00 0.00 ?  10 ARG A C    5  
ATOM   867  O O    . ARG A 1 10 ? -7.609  -0.057 -1.424 1.00 0.00 ?  10 ARG A O    5  
ATOM   868  C CB   . ARG A 1 10 ? -5.652  -1.460 -3.773 1.00 0.00 ?  10 ARG A CB   5  
ATOM   869  C CG   . ARG A 1 10 ? -6.123  -2.104 -5.086 1.00 0.00 ?  10 ARG A CG   5  
ATOM   870  C CD   . ARG A 1 10 ? -5.619  -1.291 -6.286 1.00 0.00 ?  10 ARG A CD   5  
ATOM   871  N NE   . ARG A 1 10 ? -6.317  -1.699 -7.502 1.00 0.00 ?  10 ARG A NE   5  
ATOM   872  C CZ   . ARG A 1 10 ? -5.976  -2.803 -8.157 1.00 0.00 ?  10 ARG A CZ   5  
ATOM   873  N NH1  . ARG A 1 10 ? -6.593  -3.116 -9.261 1.00 0.00 1  10 ARG A NH1  5  
ATOM   874  N NH2  . ARG A 1 10 ? -5.027  -3.570 -7.692 1.00 0.00 ?  10 ARG A NH2  5  
ATOM   875  H H    . ARG A 1 10 ? -4.718  0.595  -2.542 1.00 0.00 ?  10 ARG A H    5  
ATOM   876  H HA   . ARG A 1 10 ? -6.818  0.203  -4.455 1.00 0.00 ?  10 ARG A HA   5  
ATOM   877  H HB2  . ARG A 1 10 ? -4.600  -1.229 -3.843 1.00 0.00 ?  10 ARG A HB2  5  
ATOM   878  H HB3  . ARG A 1 10 ? -5.814  -2.150 -2.957 1.00 0.00 ?  10 ARG A HB3  5  
ATOM   879  H HG2  . ARG A 1 10 ? -5.734  -3.110 -5.147 1.00 0.00 ?  10 ARG A HG2  5  
ATOM   880  H HG3  . ARG A 1 10 ? -7.201  -2.137 -5.103 1.00 0.00 ?  10 ARG A HG3  5  
ATOM   881  H HD2  . ARG A 1 10 ? -5.800  -0.241 -6.111 1.00 0.00 ?  10 ARG A HD2  5  
ATOM   882  H HD3  . ARG A 1 10 ? -4.558  -1.453 -6.408 1.00 0.00 ?  10 ARG A HD3  5  
ATOM   883  H HE   . ARG A 1 10 ? -7.053  -1.142 -7.848 1.00 0.00 ?  10 ARG A HE   5  
ATOM   884  H HH11 . ARG A 1 10 ? -7.324  -2.526 -9.611 1.00 0.00 ?  10 ARG A HH11 5  
ATOM   885  H HH12 . ARG A 1 10 ? -6.341  -3.949 -9.763 1.00 0.00 ?  10 ARG A HH12 5  
ATOM   886  H HH21 . ARG A 1 10 ? -4.556  -3.326 -6.845 1.00 0.00 ?  10 ARG A HH21 5  
ATOM   887  H HH22 . ARG A 1 10 ? -4.775  -4.411 -8.173 1.00 0.00 ?  10 ARG A HH22 5  
HETATM 888  N N    . NH2 A 1 11 ? -8.641  -1.110 -3.049 1.00 0.00 ?  11 NH2 A N    5  
HETATM 889  H HN1  . NH2 A 1 11 ? -8.647  -1.420 -3.979 1.00 0.00 ?  11 NH2 A HN1  5  
HETATM 890  H HN2  . NH2 A 1 11 ? -9.402  -1.301 -2.464 1.00 0.00 ?  11 NH2 A HN2  5  
ATOM   891  N N    . SER A 1 1  ? 7.996   1.145  3.068  1.00 0.00 ?  1  SER A N    6  
ATOM   892  C CA   . SER A 1 1  ? 6.526   0.982  3.157  1.00 0.00 ?  1  SER A CA   6  
ATOM   893  C C    . SER A 1 1  ? 5.980   0.609  1.779  1.00 0.00 ?  1  SER A C    6  
ATOM   894  O O    . SER A 1 1  ? 5.054   1.235  1.275  1.00 0.00 ?  1  SER A O    6  
ATOM   895  C CB   . SER A 1 1  ? 5.925   2.304  3.637  1.00 0.00 ?  1  SER A CB   6  
ATOM   896  O OG   . SER A 1 1  ? 6.952   3.297  3.677  1.00 0.00 ?  1  SER A OG   6  
ATOM   897  H H1   . SER A 1 1  ? 8.351   0.639  2.237  1.00 0.00 ?  1  SER A H1   6  
ATOM   898  H H2   . SER A 1 1  ? 8.440   0.763  3.924  1.00 0.00 ?  1  SER A H2   6  
ATOM   899  H H3   . SER A 1 1  ? 8.221   2.156  2.982  1.00 0.00 ?  1  SER A H3   6  
ATOM   900  H HA   . SER A 1 1  ? 6.294   0.201  3.864  1.00 0.00 ?  1  SER A HA   6  
ATOM   901  H HB2  . SER A 1 1  ? 5.151   2.625  2.959  1.00 0.00 ?  1  SER A HB2  6  
ATOM   902  H HB3  . SER A 1 1  ? 5.504   2.167  4.625  1.00 0.00 ?  1  SER A HB3  6  
ATOM   903  H HG   . SER A 1 1  ? 6.977   3.663  4.566  1.00 0.00 ?  1  SER A HG   6  
ATOM   904  N N    . ARG A 1 2  ? 6.574   -0.407 1.167  1.00 0.00 ?  2  ARG A N    6  
ATOM   905  C CA   . ARG A 1 2  ? 6.152   -0.843 -0.160 1.00 0.00 ?  2  ARG A CA   6  
ATOM   906  C C    . ARG A 1 2  ? 4.784   -1.519 -0.130 1.00 0.00 ?  2  ARG A C    6  
ATOM   907  O O    . ARG A 1 2  ? 4.058   -1.504 -1.122 1.00 0.00 ?  2  ARG A O    6  
ATOM   908  C CB   . ARG A 1 2  ? 7.184   -1.822 -0.736 1.00 0.00 ?  2  ARG A CB   6  
ATOM   909  C CG   . ARG A 1 2  ? 8.608   -1.326 -0.437 1.00 0.00 ?  2  ARG A CG   6  
ATOM   910  C CD   . ARG A 1 2  ? 9.608   -2.067 -1.328 1.00 0.00 ?  2  ARG A CD   6  
ATOM   911  N NE   . ARG A 1 2  ? 9.550   -3.504 -1.067 1.00 0.00 ?  2  ARG A NE   6  
ATOM   912  C CZ   . ARG A 1 2  ? 9.810   -4.394 -2.025 1.00 0.00 ?  2  ARG A CZ   6  
ATOM   913  N NH1  . ARG A 1 2  ? 9.729   -5.669 -1.768 1.00 0.00 1  2  ARG A NH1  6  
ATOM   914  N NH2  . ARG A 1 2  ? 10.156  -3.986 -3.215 1.00 0.00 ?  2  ARG A NH2  6  
ATOM   915  H H    . ARG A 1 2  ? 7.313   -0.867 1.609  1.00 0.00 ?  2  ARG A H    6  
ATOM   916  H HA   . ARG A 1 2  ? 6.097   0.018  -0.803 1.00 0.00 ?  2  ARG A HA   6  
ATOM   917  H HB2  . ARG A 1 2  ? 7.043   -2.796 -0.290 1.00 0.00 ?  2  ARG A HB2  6  
ATOM   918  H HB3  . ARG A 1 2  ? 7.049   -1.897 -1.805 1.00 0.00 ?  2  ARG A HB3  6  
ATOM   919  H HG2  . ARG A 1 2  ? 8.669   -0.266 -0.634 1.00 0.00 ?  2  ARG A HG2  6  
ATOM   920  H HG3  . ARG A 1 2  ? 8.848   -1.515 0.599  1.00 0.00 ?  2  ARG A HG3  6  
ATOM   921  H HD2  . ARG A 1 2  ? 9.369   -1.880 -2.364 1.00 0.00 ?  2  ARG A HD2  6  
ATOM   922  H HD3  . ARG A 1 2  ? 10.607  -1.703 -1.122 1.00 0.00 ?  2  ARG A HD3  6  
ATOM   923  H HE   . ARG A 1 2  ? 9.315   -3.819 -0.164 1.00 0.00 ?  2  ARG A HE   6  
ATOM   924  H HH11 . ARG A 1 2  ? 9.477   -5.984 -0.849 1.00 0.00 ?  2  ARG A HH11 6  
ATOM   925  H HH12 . ARG A 1 2  ? 9.922   -6.342 -2.487 1.00 0.00 ?  2  ARG A HH12 6  
ATOM   926  H HH21 . ARG A 1 2  ? 10.231  -3.009 -3.412 1.00 0.00 ?  2  ARG A HH21 6  
ATOM   927  H HH22 . ARG A 1 2  ? 10.351  -4.653 -3.938 1.00 0.00 ?  2  ARG A HH22 6  
ATOM   928  N N    . SER A 1 3  ? 4.463   -2.147 0.987  1.00 0.00 ?  3  SER A N    6  
ATOM   929  C CA   . SER A 1 3  ? 3.203   -2.876 1.123  1.00 0.00 ?  3  SER A CA   6  
ATOM   930  C C    . SER A 1 3  ? 1.998   -1.971 1.405  1.00 0.00 ?  3  SER A C    6  
ATOM   931  O O    . SER A 1 3  ? 0.924   -2.169 0.833  1.00 0.00 ?  3  SER A O    6  
ATOM   932  C CB   . SER A 1 3  ? 3.336   -3.902 2.248  1.00 0.00 ?  3  SER A CB   6  
ATOM   933  O OG   . SER A 1 3  ? 4.700   -4.301 2.360  1.00 0.00 ?  3  SER A OG   6  
ATOM   934  H H    . SER A 1 3  ? 5.103   -2.152 1.728  1.00 0.00 ?  3  SER A H    6  
ATOM   935  H HA   . SER A 1 3  ? 3.017   -3.411 0.201  1.00 0.00 ?  3  SER A HA   6  
ATOM   936  H HB2  . SER A 1 3  ? 3.016   -3.465 3.180  1.00 0.00 ?  3  SER A HB2  6  
ATOM   937  H HB3  . SER A 1 3  ? 2.713   -4.761 2.025  1.00 0.00 ?  3  SER A HB3  6  
ATOM   938  H HG   . SER A 1 3  ? 4.815   -5.110 1.843  1.00 0.00 ?  3  SER A HG   6  
ATOM   939  N N    . GLU A 1 4  ? 2.154   -1.010 2.307  1.00 0.00 ?  4  GLU A N    6  
ATOM   940  C CA   . GLU A 1 4  ? 1.039   -0.130 2.678  1.00 0.00 ?  4  GLU A CA   6  
ATOM   941  C C    . GLU A 1 4  ? 0.433   0.584  1.474  1.00 0.00 ?  4  GLU A C    6  
ATOM   942  O O    . GLU A 1 4  ? -0.785  0.653  1.328  1.00 0.00 ?  4  GLU A O    6  
ATOM   943  C CB   . GLU A 1 4  ? 1.493   0.919  3.701  1.00 0.00 ?  4  GLU A CB   6  
ATOM   944  C CG   . GLU A 1 4  ? 3.019   1.031  3.715  1.00 0.00 ?  4  GLU A CG   6  
ATOM   945  C CD   . GLU A 1 4  ? 3.608   -0.062 4.588  1.00 0.00 ?  4  GLU A CD   6  
ATOM   946  O OE1  . GLU A 1 4  ? 4.257   -0.935 4.046  1.00 0.00 ?  4  GLU A OE1  6  
ATOM   947  O OE2  . GLU A 1 4  ? 3.402   -0.013 5.786  1.00 0.00 -1 4  GLU A OE2  6  
ATOM   948  H H    . GLU A 1 4  ? 3.024   -0.904 2.754  1.00 0.00 ?  4  GLU A H    6  
ATOM   949  H HA   . GLU A 1 4  ? 0.269   -0.733 3.137  1.00 0.00 ?  4  GLU A HA   6  
ATOM   950  H HB2  . GLU A 1 4  ? 1.066   1.877  3.443  1.00 0.00 ?  4  GLU A HB2  6  
ATOM   951  H HB3  . GLU A 1 4  ? 1.148   0.629  4.682  1.00 0.00 ?  4  GLU A HB3  6  
ATOM   952  H HG2  . GLU A 1 4  ? 3.397   0.934  2.709  1.00 0.00 ?  4  GLU A HG2  6  
ATOM   953  H HG3  . GLU A 1 4  ? 3.300   1.996  4.112  1.00 0.00 ?  4  GLU A HG3  6  
ATOM   954  N N    . LEU A 1 5  ? 1.283   1.143  0.638  1.00 0.00 ?  5  LEU A N    6  
ATOM   955  C CA   . LEU A 1 5  ? 0.802   1.884  -0.520 1.00 0.00 ?  5  LEU A CA   6  
ATOM   956  C C    . LEU A 1 5  ? -0.115  1.033  -1.390 1.00 0.00 ?  5  LEU A C    6  
ATOM   957  O O    . LEU A 1 5  ? -1.187  1.479  -1.786 1.00 0.00 ?  5  LEU A O    6  
ATOM   958  C CB   . LEU A 1 5  ? 1.983   2.380  -1.366 1.00 0.00 ?  5  LEU A CB   6  
ATOM   959  C CG   . LEU A 1 5  ? 3.290   2.263  -0.571 1.00 0.00 ?  5  LEU A CG   6  
ATOM   960  C CD1  . LEU A 1 5  ? 4.461   2.666  -1.461 1.00 0.00 ?  5  LEU A CD1  6  
ATOM   961  C CD2  . LEU A 1 5  ? 3.234   3.182  0.659  1.00 0.00 ?  5  LEU A CD2  6  
ATOM   962  H H    . LEU A 1 5  ? 2.242   1.081  0.818  1.00 0.00 ?  5  LEU A H    6  
ATOM   963  H HA   . LEU A 1 5  ? 0.247   2.743  -0.173 1.00 0.00 ?  5  LEU A HA   6  
ATOM   964  H HB2  . LEU A 1 5  ? 2.056   1.782  -2.266 1.00 0.00 ?  5  LEU A HB2  6  
ATOM   965  H HB3  . LEU A 1 5  ? 1.820   3.413  -1.636 1.00 0.00 ?  5  LEU A HB3  6  
ATOM   966  H HG   . LEU A 1 5  ? 3.432   1.241  -0.255 1.00 0.00 ?  5  LEU A HG   6  
ATOM   967  H HD11 . LEU A 1 5  ? 5.364   2.696  -0.870 1.00 0.00 ?  5  LEU A HD11 6  
ATOM   968  H HD12 . LEU A 1 5  ? 4.273   3.639  -1.883 1.00 0.00 ?  5  LEU A HD12 6  
ATOM   969  H HD13 . LEU A 1 5  ? 4.570   1.942  -2.256 1.00 0.00 ?  5  LEU A HD13 6  
ATOM   970  H HD21 . LEU A 1 5  ? 4.184   3.681  0.780  1.00 0.00 ?  5  LEU A HD21 6  
ATOM   971  H HD22 . LEU A 1 5  ? 3.026   2.594  1.541  1.00 0.00 ?  5  LEU A HD22 6  
ATOM   972  H HD23 . LEU A 1 5  ? 2.452   3.917  0.530  1.00 0.00 ?  5  LEU A HD23 6  
ATOM   973  N N    . ILE A 1 6  ? 0.303   -0.182 -1.702 1.00 0.00 ?  6  ILE A N    6  
ATOM   974  C CA   . ILE A 1 6  ? -0.514  -1.037 -2.553 1.00 0.00 ?  6  ILE A CA   6  
ATOM   975  C C    . ILE A 1 6  ? -1.820  -1.434 -1.872 1.00 0.00 ?  6  ILE A C    6  
ATOM   976  O O    . ILE A 1 6  ? -2.884  -1.357 -2.480 1.00 0.00 ?  6  ILE A O    6  
ATOM   977  C CB   . ILE A 1 6  ? 0.257   -2.309 -2.945 1.00 0.00 ?  6  ILE A CB   6  
ATOM   978  C CG1  . ILE A 1 6  ? 1.765   -2.104 -2.765 1.00 0.00 ?  6  ILE A CG1  6  
ATOM   979  C CG2  . ILE A 1 6  ? -0.033  -2.653 -4.407 1.00 0.00 ?  6  ILE A CG2  6  
ATOM   980  C CD1  . ILE A 1 6  ? 2.253   -0.982 -3.693 1.00 0.00 ?  6  ILE A CD1  6  
ATOM   981  H H    . ILE A 1 6  ? 1.166   -0.498 -1.379 1.00 0.00 ?  6  ILE A H    6  
ATOM   982  H HA   . ILE A 1 6  ? -0.750  -0.491 -3.453 1.00 0.00 ?  6  ILE A HA   6  
ATOM   983  H HB   . ILE A 1 6  ? -0.073  -3.126 -2.322 1.00 0.00 ?  6  ILE A HB   6  
ATOM   984  H HG12 . ILE A 1 6  ? 1.972   -1.845 -1.737 1.00 0.00 ?  6  ILE A HG12 6  
ATOM   985  H HG13 . ILE A 1 6  ? 2.281   -3.019 -3.013 1.00 0.00 ?  6  ILE A HG13 6  
ATOM   986  H HG21 . ILE A 1 6  ? -0.014  -1.755 -5.003 1.00 0.00 ?  6  ILE A HG21 6  
ATOM   987  H HG22 . ILE A 1 6  ? -1.005  -3.115 -4.477 1.00 0.00 ?  6  ILE A HG22 6  
ATOM   988  H HG23 . ILE A 1 6  ? 0.718   -3.339 -4.769 1.00 0.00 ?  6  ILE A HG23 6  
ATOM   989  H HD11 . ILE A 1 6  ? 2.775   -0.233 -3.115 1.00 0.00 ?  6  ILE A HD11 6  
ATOM   990  H HD12 . ILE A 1 6  ? 1.409   -0.529 -4.188 1.00 0.00 ?  6  ILE A HD12 6  
ATOM   991  H HD13 . ILE A 1 6  ? 2.919   -1.395 -4.433 1.00 0.00 ?  6  ILE A HD13 6  
ATOM   992  N N    . VAL A 1 7  ? -1.739  -1.875 -0.625 1.00 0.00 ?  7  VAL A N    6  
ATOM   993  C CA   . VAL A 1 7  ? -2.926  -2.298 0.096  1.00 0.00 ?  7  VAL A CA   6  
ATOM   994  C C    . VAL A 1 7  ? -3.825  -1.125 0.485  1.00 0.00 ?  7  VAL A C    6  
ATOM   995  O O    . VAL A 1 7  ? -5.050  -1.209 0.377  1.00 0.00 ?  7  VAL A O    6  
ATOM   996  C CB   . VAL A 1 7  ? -2.510  -3.091 1.340  1.00 0.00 ?  7  VAL A CB   6  
ATOM   997  C CG1  . VAL A 1 7  ? -1.729  -4.334 0.912  1.00 0.00 ?  7  VAL A CG1  6  
ATOM   998  C CG2  . VAL A 1 7  ? -1.617  -2.238 2.246  1.00 0.00 ?  7  VAL A CG2  6  
ATOM   999  H H    . VAL A 1 7  ? -0.868  -1.936 -0.181 1.00 0.00 ?  7  VAL A H    6  
ATOM   1000 H HA   . VAL A 1 7  ? -3.490  -2.950 -0.541 1.00 0.00 ?  7  VAL A HA   6  
ATOM   1001 H HB   . VAL A 1 7  ? -3.391  -3.387 1.881  1.00 0.00 ?  7  VAL A HB   6  
ATOM   1002 H HG11 . VAL A 1 7  ? -2.166  -4.744 0.015  1.00 0.00 ?  7  VAL A HG11 6  
ATOM   1003 H HG12 . VAL A 1 7  ? -1.766  -5.069 1.698  1.00 0.00 ?  7  VAL A HG12 6  
ATOM   1004 H HG13 . VAL A 1 7  ? -0.701  -4.063 0.722  1.00 0.00 ?  7  VAL A HG13 6  
ATOM   1005 H HG21 . VAL A 1 7  ? -2.211  -1.812 3.041  1.00 0.00 ?  7  VAL A HG21 6  
ATOM   1006 H HG22 . VAL A 1 7  ? -1.170  -1.448 1.670  1.00 0.00 ?  7  VAL A HG22 6  
ATOM   1007 H HG23 . VAL A 1 7  ? -0.840  -2.857 2.667  1.00 0.00 ?  7  VAL A HG23 6  
ATOM   1008 N N    . HIS A 1 8  ? -3.222  -0.054 0.973  1.00 0.00 ?  8  HIS A N    6  
ATOM   1009 C CA   . HIS A 1 8  ? -3.998  1.099  1.432  1.00 0.00 ?  8  HIS A CA   6  
ATOM   1010 C C    . HIS A 1 8  ? -4.529  1.966  0.295  1.00 0.00 ?  8  HIS A C    6  
ATOM   1011 O O    . HIS A 1 8  ? -5.663  2.443  0.366  1.00 0.00 ?  8  HIS A O    6  
ATOM   1012 C CB   . HIS A 1 8  ? -3.155  1.961  2.377  1.00 0.00 ?  8  HIS A CB   6  
ATOM   1013 C CG   . HIS A 1 8  ? -2.771  1.161  3.599  1.00 0.00 ?  8  HIS A CG   6  
ATOM   1014 N ND1  . HIS A 1 8  ? -3.549  0.115  4.079  1.00 0.00 ?  8  HIS A ND1  6  
ATOM   1015 C CD2  . HIS A 1 8  ? -1.693  1.243  4.443  1.00 0.00 ?  8  HIS A CD2  6  
ATOM   1016 C CE1  . HIS A 1 8  ? -2.927  -0.387 5.164  1.00 0.00 ?  8  HIS A CE1  6  
ATOM   1017 N NE2  . HIS A 1 8  ? -1.790  0.264  5.428  1.00 0.00 ?  8  HIS A NE2  6  
ATOM   1018 H H    . HIS A 1 8  ? -2.243  -0.050 1.062  1.00 0.00 ?  8  HIS A H    6  
ATOM   1019 H HA   . HIS A 1 8  ? -4.846  0.729  1.989  1.00 0.00 ?  8  HIS A HA   6  
ATOM   1020 H HB2  . HIS A 1 8  ? -2.261  2.290  1.867  1.00 0.00 ?  8  HIS A HB2  6  
ATOM   1021 H HB3  . HIS A 1 8  ? -3.730  2.821  2.680  1.00 0.00 ?  8  HIS A HB3  6  
ATOM   1022 H HD2  . HIS A 1 8  ? -0.899  1.967  4.365  1.00 0.00 ?  8  HIS A HD2  6  
ATOM   1023 H HE1  . HIS A 1 8  ? -3.302  -1.213 5.752  1.00 0.00 ?  8  HIS A HE1  6  
ATOM   1024 H HE2  . HIS A 1 8  ? -1.154  0.083  6.157  1.00 0.00 ?  8  HIS A HE2  6  
ATOM   1025 N N    . GLN A 1 9  ? -3.729  2.193  -0.738 1.00 0.00 ?  9  GLN A N    6  
ATOM   1026 C CA   . GLN A 1 9  ? -4.178  3.034  -1.842 1.00 0.00 ?  9  GLN A CA   6  
ATOM   1027 C C    . GLN A 1 9  ? -5.227  2.313  -2.668 1.00 0.00 ?  9  GLN A C    6  
ATOM   1028 O O    . GLN A 1 9  ? -6.086  2.938  -3.288 1.00 0.00 ?  9  GLN A O    6  
ATOM   1029 C CB   . GLN A 1 9  ? -2.996  3.430  -2.726 1.00 0.00 ?  9  GLN A CB   6  
ATOM   1030 C CG   . GLN A 1 9  ? -1.905  4.087  -1.868 1.00 0.00 ?  9  GLN A CG   6  
ATOM   1031 C CD   . GLN A 1 9  ? -1.873  5.593  -2.115 1.00 0.00 ?  9  GLN A CD   6  
ATOM   1032 O OE1  . GLN A 1 9  ? -0.819  6.144  -2.425 1.00 0.00 ?  9  GLN A OE1  6  
ATOM   1033 N NE2  . GLN A 1 9  ? -2.956  6.293  -1.971 1.00 0.00 ?  9  GLN A NE2  6  
ATOM   1034 H H    . GLN A 1 9  ? -2.830  1.799  -0.758 1.00 0.00 ?  9  GLN A H    6  
ATOM   1035 H HA   . GLN A 1 9  ? -4.618  3.929  -1.431 1.00 0.00 ?  9  GLN A HA   6  
ATOM   1036 H HB2  . GLN A 1 9  ? -2.600  2.548  -3.211 1.00 0.00 ?  9  GLN A HB2  6  
ATOM   1037 H HB3  . GLN A 1 9  ? -3.331  4.130  -3.477 1.00 0.00 ?  9  GLN A HB3  6  
ATOM   1038 H HG2  . GLN A 1 9  ? -2.106  3.901  -0.823 1.00 0.00 ?  9  GLN A HG2  6  
ATOM   1039 H HG3  . GLN A 1 9  ? -0.947  3.663  -2.128 1.00 0.00 ?  9  GLN A HG3  6  
ATOM   1040 H HE21 . GLN A 1 9  ? -3.789  5.855  -1.701 1.00 0.00 ?  9  GLN A HE21 6  
ATOM   1041 H HE22 . GLN A 1 9  ? -2.943  7.258  -2.153 1.00 0.00 ?  9  GLN A HE22 6  
ATOM   1042 N N    . ARG A 1 10 ? -5.153  0.993  -2.665 1.00 0.00 ?  10 ARG A N    6  
ATOM   1043 C CA   . ARG A 1 10 ? -6.108  0.183  -3.410 1.00 0.00 ?  10 ARG A CA   6  
ATOM   1044 C C    . ARG A 1 10 ? -7.484  0.235  -2.743 1.00 0.00 ?  10 ARG A C    6  
ATOM   1045 O O    . ARG A 1 10 ? -8.496  -0.030 -3.391 1.00 0.00 ?  10 ARG A O    6  
ATOM   1046 C CB   . ARG A 1 10 ? -5.625  -1.267 -3.478 1.00 0.00 ?  10 ARG A CB   6  
ATOM   1047 C CG   . ARG A 1 10 ? -4.698  -1.454 -4.689 1.00 0.00 ?  10 ARG A CG   6  
ATOM   1048 C CD   . ARG A 1 10 ? -5.460  -2.104 -5.849 1.00 0.00 ?  10 ARG A CD   6  
ATOM   1049 N NE   . ARG A 1 10 ? -6.778  -1.490 -6.018 1.00 0.00 ?  10 ARG A NE   6  
ATOM   1050 C CZ   . ARG A 1 10 ? -7.438  -1.577 -7.172 1.00 0.00 ?  10 ARG A CZ   6  
ATOM   1051 N NH1  . ARG A 1 10 ? -8.611  -1.019 -7.298 1.00 0.00 1  10 ARG A NH1  6  
ATOM   1052 N NH2  . ARG A 1 10 ? -6.915  -2.230 -8.178 1.00 0.00 ?  10 ARG A NH2  6  
ATOM   1053 H H    . ARG A 1 10 ? -4.444  0.553  -2.150 1.00 0.00 ?  10 ARG A H    6  
ATOM   1054 H HA   . ARG A 1 10 ? -6.183  0.571  -4.417 1.00 0.00 ?  10 ARG A HA   6  
ATOM   1055 H HB2  . ARG A 1 10 ? -5.087  -1.503 -2.571 1.00 0.00 ?  10 ARG A HB2  6  
ATOM   1056 H HB3  . ARG A 1 10 ? -6.475  -1.922 -3.569 1.00 0.00 ?  10 ARG A HB3  6  
ATOM   1057 H HG2  . ARG A 1 10 ? -4.319  -0.494 -5.004 1.00 0.00 ?  10 ARG A HG2  6  
ATOM   1058 H HG3  . ARG A 1 10 ? -3.870  -2.091 -4.410 1.00 0.00 ?  10 ARG A HG3  6  
ATOM   1059 H HD2  . ARG A 1 10 ? -4.891  -1.974 -6.755 1.00 0.00 ?  10 ARG A HD2  6  
ATOM   1060 H HD3  . ARG A 1 10 ? -5.578  -3.159 -5.651 1.00 0.00 ?  10 ARG A HD3  6  
ATOM   1061 H HE   . ARG A 1 10 ? -7.182  -1.004 -5.265 1.00 0.00 ?  10 ARG A HE   6  
ATOM   1062 H HH11 . ARG A 1 10 ? -9.015  -0.519 -6.531 1.00 0.00 ?  10 ARG A HH11 6  
ATOM   1063 H HH12 . ARG A 1 10 ? -9.113  -1.087 -8.163 1.00 0.00 ?  10 ARG A HH12 6  
ATOM   1064 H HH21 . ARG A 1 10 ? -6.014  -2.659 -8.085 1.00 0.00 ?  10 ARG A HH21 6  
ATOM   1065 H HH22 . ARG A 1 10 ? -7.411  -2.301 -9.046 1.00 0.00 ?  10 ARG A HH22 6  
HETATM 1066 N N    . NH2 A 1 11 ? -7.580  0.550  -1.480 1.00 0.00 ?  11 NH2 A N    6  
HETATM 1067 H HN1  . NH2 A 1 11 ? -6.771  0.762  -0.963 1.00 0.00 ?  11 NH2 A HN1  6  
HETATM 1068 H HN2  . NH2 A 1 11 ? -8.459  0.571  -1.042 1.00 0.00 ?  11 NH2 A HN2  6  
ATOM   1069 N N    . SER A 1 1  ? 6.667   0.257  4.335  1.00 0.00 ?  1  SER A N    7  
ATOM   1070 C CA   . SER A 1 1  ? 7.186   -0.057 2.980  1.00 0.00 ?  1  SER A CA   7  
ATOM   1071 C C    . SER A 1 1  ? 6.119   0.301  1.948  1.00 0.00 ?  1  SER A C    7  
ATOM   1072 O O    . SER A 1 1  ? 5.123   0.954  2.265  1.00 0.00 ?  1  SER A O    7  
ATOM   1073 C CB   . SER A 1 1  ? 7.513   -1.553 2.897  1.00 0.00 ?  1  SER A CB   7  
ATOM   1074 O OG   . SER A 1 1  ? 8.201   -1.832 1.677  1.00 0.00 ?  1  SER A OG   7  
ATOM   1075 H H1   . SER A 1 1  ? 6.605   1.286  4.454  1.00 0.00 ?  1  SER A H1   7  
ATOM   1076 H H2   . SER A 1 1  ? 7.309   -0.134 5.050  1.00 0.00 ?  1  SER A H2   7  
ATOM   1077 H H3   . SER A 1 1  ? 5.722   -0.167 4.445  1.00 0.00 ?  1  SER A H3   7  
ATOM   1078 H HA   . SER A 1 1  ? 8.080   0.521  2.795  1.00 0.00 ?  1  SER A HA   7  
ATOM   1079 H HB2  . SER A 1 1  ? 8.137   -1.833 3.729  1.00 0.00 ?  1  SER A HB2  7  
ATOM   1080 H HB3  . SER A 1 1  ? 6.592   -2.122 2.940  1.00 0.00 ?  1  SER A HB3  7  
ATOM   1081 H HG   . SER A 1 1  ? 8.021   -2.752 1.444  1.00 0.00 ?  1  SER A HG   7  
ATOM   1082 N N    . ARG A 1 2  ? 6.324   -0.145 0.716  1.00 0.00 ?  2  ARG A N    7  
ATOM   1083 C CA   . ARG A 1 2  ? 5.363   0.114  -0.350 1.00 0.00 ?  2  ARG A CA   7  
ATOM   1084 C C    . ARG A 1 2  ? 4.112   -0.728 -0.120 1.00 0.00 ?  2  ARG A C    7  
ATOM   1085 O O    . ARG A 1 2  ? 3.009   -0.366 -0.537 1.00 0.00 ?  2  ARG A O    7  
ATOM   1086 C CB   . ARG A 1 2  ? 5.972   -0.218 -1.723 1.00 0.00 ?  2  ARG A CB   7  
ATOM   1087 C CG   . ARG A 1 2  ? 6.648   -1.596 -1.687 1.00 0.00 ?  2  ARG A CG   7  
ATOM   1088 C CD   . ARG A 1 2  ? 8.000   -1.529 -2.403 1.00 0.00 ?  2  ARG A CD   7  
ATOM   1089 N NE   . ARG A 1 2  ? 7.828   -1.010 -3.758 1.00 0.00 ?  2  ARG A NE   7  
ATOM   1090 C CZ   . ARG A 1 2  ? 8.878   -0.725 -4.528 1.00 0.00 ?  2  ARG A CZ   7  
ATOM   1091 N NH1  . ARG A 1 2  ? 8.696   -0.298 -5.747 1.00 0.00 1  2  ARG A NH1  7  
ATOM   1092 N NH2  . ARG A 1 2  ? 10.089  -0.869 -4.062 1.00 0.00 ?  2  ARG A NH2  7  
ATOM   1093 H H    . ARG A 1 2  ? 7.130   -0.668 0.526  1.00 0.00 ?  2  ARG A H    7  
ATOM   1094 H HA   . ARG A 1 2  ? 5.091   1.157  -0.330 1.00 0.00 ?  2  ARG A HA   7  
ATOM   1095 H HB2  . ARG A 1 2  ? 5.187   -0.224 -2.469 1.00 0.00 ?  2  ARG A HB2  7  
ATOM   1096 H HB3  . ARG A 1 2  ? 6.704   0.534  -1.981 1.00 0.00 ?  2  ARG A HB3  7  
ATOM   1097 H HG2  . ARG A 1 2  ? 6.799   -1.900 -0.662 1.00 0.00 ?  2  ARG A HG2  7  
ATOM   1098 H HG3  . ARG A 1 2  ? 6.017   -2.319 -2.183 1.00 0.00 ?  2  ARG A HG3  7  
ATOM   1099 H HD2  . ARG A 1 2  ? 8.665   -0.880 -1.853 1.00 0.00 ?  2  ARG A HD2  7  
ATOM   1100 H HD3  . ARG A 1 2  ? 8.430   -2.520 -2.450 1.00 0.00 ?  2  ARG A HD3  7  
ATOM   1101 H HE   . ARG A 1 2  ? 6.922   -0.881 -4.112 1.00 0.00 ?  2  ARG A HE   7  
ATOM   1102 H HH11 . ARG A 1 2  ? 7.769   -0.178 -6.104 1.00 0.00 ?  2  ARG A HH11 7  
ATOM   1103 H HH12 . ARG A 1 2  ? 9.483   -0.087 -6.328 1.00 0.00 ?  2  ARG A HH12 7  
ATOM   1104 H HH21 . ARG A 1 2  ? 10.234  -1.192 -3.125 1.00 0.00 ?  2  ARG A HH21 7  
ATOM   1105 H HH22 . ARG A 1 2  ? 10.878  -0.649 -4.639 1.00 0.00 ?  2  ARG A HH22 7  
ATOM   1106 N N    . SER A 1 3  ? 4.318   -1.861 0.532  1.00 0.00 ?  3  SER A N    7  
ATOM   1107 C CA   . SER A 1 3  ? 3.248   -2.809 0.821  1.00 0.00 ?  3  SER A CA   7  
ATOM   1108 C C    . SER A 1 3  ? 2.011   -2.136 1.422  1.00 0.00 ?  3  SER A C    7  
ATOM   1109 O O    . SER A 1 3  ? 0.890   -2.391 0.982  1.00 0.00 ?  3  SER A O    7  
ATOM   1110 C CB   . SER A 1 3  ? 3.786   -3.854 1.797  1.00 0.00 ?  3  SER A CB   7  
ATOM   1111 O OG   . SER A 1 3  ? 5.214   -3.816 1.780  1.00 0.00 ?  3  SER A OG   7  
ATOM   1112 H H    . SER A 1 3  ? 5.226   -2.083 0.817  1.00 0.00 ?  3  SER A H    7  
ATOM   1113 H HA   . SER A 1 3  ? 2.965   -3.306 -0.091 1.00 0.00 ?  3  SER A HA   7  
ATOM   1114 H HB2  . SER A 1 3  ? 3.438   -3.634 2.794  1.00 0.00 ?  3  SER A HB2  7  
ATOM   1115 H HB3  . SER A 1 3  ? 3.437   -4.836 1.503  1.00 0.00 ?  3  SER A HB3  7  
ATOM   1116 H HG   . SER A 1 3  ? 5.534   -4.643 2.160  1.00 0.00 ?  3  SER A HG   7  
ATOM   1117 N N    . GLU A 1 4  ? 2.200   -1.289 2.421  1.00 0.00 ?  4  GLU A N    7  
ATOM   1118 C CA   . GLU A 1 4  ? 1.055   -0.627 3.044  1.00 0.00 ?  4  GLU A CA   7  
ATOM   1119 C C    . GLU A 1 4  ? 0.418   0.349  2.067  1.00 0.00 ?  4  GLU A C    7  
ATOM   1120 O O    . GLU A 1 4  ? -0.810  0.438  1.959  1.00 0.00 ?  4  GLU A O    7  
ATOM   1121 C CB   . GLU A 1 4  ? 1.480   0.128  4.312  1.00 0.00 ?  4  GLU A CB   7  
ATOM   1122 C CG   . GLU A 1 4  ? 2.976   0.441  4.277  1.00 0.00 ?  4  GLU A CG   7  
ATOM   1123 C CD   . GLU A 1 4  ? 3.780   -0.776 4.705  1.00 0.00 ?  4  GLU A CD   7  
ATOM   1124 O OE1  . GLU A 1 4  ? 3.573   -1.250 5.804  1.00 0.00 ?  4  GLU A OE1  7  
ATOM   1125 O OE2  . GLU A 1 4  ? 4.610   -1.205 3.930  1.00 0.00 -1 4  GLU A OE2  7  
ATOM   1126 H H    . GLU A 1 4  ? 3.109   -1.111 2.748  1.00 0.00 ?  4  GLU A H    7  
ATOM   1127 H HA   . GLU A 1 4  ? 0.328   -1.378 3.313  1.00 0.00 ?  4  GLU A HA   7  
ATOM   1128 H HB2  . GLU A 1 4  ? 0.926   1.053  4.378  1.00 0.00 ?  4  GLU A HB2  7  
ATOM   1129 H HB3  . GLU A 1 4  ? 1.262   -0.480 5.175  1.00 0.00 ?  4  GLU A HB3  7  
ATOM   1130 H HG2  . GLU A 1 4  ? 3.256   0.725  3.276  1.00 0.00 ?  4  GLU A HG2  7  
ATOM   1131 H HG3  . GLU A 1 4  ? 3.183   1.260  4.951  1.00 0.00 ?  4  GLU A HG3  7  
ATOM   1132 N N    . LEU A 1 5  ? 1.265   1.089  1.376  1.00 0.00 ?  5  LEU A N    7  
ATOM   1133 C CA   . LEU A 1 5  ? 0.801   2.084  0.416  1.00 0.00 ?  5  LEU A CA   7  
ATOM   1134 C C    . LEU A 1 5  ? -0.081  1.451  -0.652 1.00 0.00 ?  5  LEU A C    7  
ATOM   1135 O O    . LEU A 1 5  ? -1.169  1.955  -0.940 1.00 0.00 ?  5  LEU A O    7  
ATOM   1136 C CB   . LEU A 1 5  ? 1.996   2.775  -0.259 1.00 0.00 ?  5  LEU A CB   7  
ATOM   1137 C CG   . LEU A 1 5  ? 3.204   2.779  0.684  1.00 0.00 ?  5  LEU A CG   7  
ATOM   1138 C CD1  . LEU A 1 5  ? 4.353   3.565  0.049  1.00 0.00 ?  5  LEU A CD1  7  
ATOM   1139 C CD2  . LEU A 1 5  ? 2.820   3.438  2.011  1.00 0.00 ?  5  LEU A CD2  7  
ATOM   1140 H H    . LEU A 1 5  ? 2.224   0.972  1.526  1.00 0.00 ?  5  LEU A H    7  
ATOM   1141 H HA   . LEU A 1 5  ? 0.226   2.831  0.943  1.00 0.00 ?  5  LEU A HA   7  
ATOM   1142 H HB2  . LEU A 1 5  ? 2.249   2.244  -1.167 1.00 0.00 ?  5  LEU A HB2  7  
ATOM   1143 H HB3  . LEU A 1 5  ? 1.727   3.792  -0.504 1.00 0.00 ?  5  LEU A HB3  7  
ATOM   1144 H HG   . LEU A 1 5  ? 3.527   1.765  0.865  1.00 0.00 ?  5  LEU A HG   7  
ATOM   1145 H HD11 . LEU A 1 5  ? 4.408   3.335  -1.004 1.00 0.00 ?  5  LEU A HD11 7  
ATOM   1146 H HD12 . LEU A 1 5  ? 5.285   3.290  0.528  1.00 0.00 ?  5  LEU A HD12 7  
ATOM   1147 H HD13 . LEU A 1 5  ? 4.181   4.621  0.175  1.00 0.00 ?  5  LEU A HD13 7  
ATOM   1148 H HD21 . LEU A 1 5  ? 2.625   2.672  2.750  1.00 0.00 ?  5  LEU A HD21 7  
ATOM   1149 H HD22 . LEU A 1 5  ? 1.937   4.040  1.876  1.00 0.00 ?  5  LEU A HD22 7  
ATOM   1150 H HD23 . LEU A 1 5  ? 3.632   4.066  2.348  1.00 0.00 ?  5  LEU A HD23 7  
ATOM   1151 N N    . ILE A 1 6  ? 0.374   0.350  -1.241 1.00 0.00 ?  6  ILE A N    7  
ATOM   1152 C CA   . ILE A 1 6  ? -0.420  -0.302 -2.270 1.00 0.00 ?  6  ILE A CA   7  
ATOM   1153 C C    . ILE A 1 6  ? -1.736  -0.788 -1.682 1.00 0.00 ?  6  ILE A C    7  
ATOM   1154 O O    . ILE A 1 6  ? -2.798  -0.585 -2.275 1.00 0.00 ?  6  ILE A O    7  
ATOM   1155 C CB   . ILE A 1 6  ? 0.349   -1.466 -2.914 1.00 0.00 ?  6  ILE A CB   7  
ATOM   1156 C CG1  . ILE A 1 6  ? 0.850   -2.434 -1.836 1.00 0.00 ?  6  ILE A CG1  7  
ATOM   1157 C CG2  . ILE A 1 6  ? 1.548   -0.911 -3.691 1.00 0.00 ?  6  ILE A CG2  7  
ATOM   1158 C CD1  . ILE A 1 6  ? 1.769   -3.485 -2.469 1.00 0.00 ?  6  ILE A CD1  7  
ATOM   1159 H H    . ILE A 1 6  ? 1.245   -0.021 -0.982 1.00 0.00 ?  6  ILE A H    7  
ATOM   1160 H HA   . ILE A 1 6  ? -0.638  0.426  -3.037 1.00 0.00 ?  6  ILE A HA   7  
ATOM   1161 H HB   . ILE A 1 6  ? -0.306  -1.992 -3.595 1.00 0.00 ?  6  ILE A HB   7  
ATOM   1162 H HG12 . ILE A 1 6  ? 1.402   -1.886 -1.088 1.00 0.00 ?  6  ILE A HG12 7  
ATOM   1163 H HG13 . ILE A 1 6  ? 0.009   -2.927 -1.376 1.00 0.00 ?  6  ILE A HG13 7  
ATOM   1164 H HG21 . ILE A 1 6  ? 1.921   -1.666 -4.368 1.00 0.00 ?  6  ILE A HG21 7  
ATOM   1165 H HG22 . ILE A 1 6  ? 2.326   -0.635 -2.996 1.00 0.00 ?  6  ILE A HG22 7  
ATOM   1166 H HG23 . ILE A 1 6  ? 1.243   -0.040 -4.251 1.00 0.00 ?  6  ILE A HG23 7  
ATOM   1167 H HD11 . ILE A 1 6  ? 1.701   -4.408 -1.910 1.00 0.00 ?  6  ILE A HD11 7  
ATOM   1168 H HD12 . ILE A 1 6  ? 2.787   -3.127 -2.450 1.00 0.00 ?  6  ILE A HD12 7  
ATOM   1169 H HD13 . ILE A 1 6  ? 1.468   -3.661 -3.491 1.00 0.00 ?  6  ILE A HD13 7  
ATOM   1170 N N    . VAL A 1 7  ? -1.674  -1.405 -0.505 1.00 0.00 ?  7  VAL A N    7  
ATOM   1171 C CA   . VAL A 1 7  ? -2.885  -1.885 0.142  1.00 0.00 ?  7  VAL A CA   7  
ATOM   1172 C C    . VAL A 1 7  ? -3.831  -0.713 0.377  1.00 0.00 ?  7  VAL A C    7  
ATOM   1173 O O    . VAL A 1 7  ? -5.040  -0.815 0.160  1.00 0.00 ?  7  VAL A O    7  
ATOM   1174 C CB   . VAL A 1 7  ? -2.546  -2.570 1.473  1.00 0.00 ?  7  VAL A CB   7  
ATOM   1175 C CG1  . VAL A 1 7  ? -3.831  -3.047 2.158  1.00 0.00 ?  7  VAL A CG1  7  
ATOM   1176 C CG2  . VAL A 1 7  ? -1.647  -3.780 1.213  1.00 0.00 ?  7  VAL A CG2  7  
ATOM   1177 H H    . VAL A 1 7  ? -0.804  -1.525 -0.063 1.00 0.00 ?  7  VAL A H    7  
ATOM   1178 H HA   . VAL A 1 7  ? -3.365  -2.594 -0.507 1.00 0.00 ?  7  VAL A HA   7  
ATOM   1179 H HB   . VAL A 1 7  ? -2.035  -1.871 2.119  1.00 0.00 ?  7  VAL A HB   7  
ATOM   1180 H HG11 . VAL A 1 7  ? -4.160  -2.305 2.870  1.00 0.00 ?  7  VAL A HG11 7  
ATOM   1181 H HG12 . VAL A 1 7  ? -3.639  -3.977 2.671  1.00 0.00 ?  7  VAL A HG12 7  
ATOM   1182 H HG13 . VAL A 1 7  ? -4.601  -3.200 1.416  1.00 0.00 ?  7  VAL A HG13 7  
ATOM   1183 H HG21 . VAL A 1 7  ? -2.255  -4.623 0.924  1.00 0.00 ?  7  VAL A HG21 7  
ATOM   1184 H HG22 . VAL A 1 7  ? -1.100  -4.020 2.111  1.00 0.00 ?  7  VAL A HG22 7  
ATOM   1185 H HG23 . VAL A 1 7  ? -0.951  -3.552 0.419  1.00 0.00 ?  7  VAL A HG23 7  
ATOM   1186 N N    . HIS A 1 8  ? -3.264  0.403  0.800  1.00 0.00 ?  8  HIS A N    7  
ATOM   1187 C CA   . HIS A 1 8  ? -4.055  1.600  1.040  1.00 0.00 ?  8  HIS A CA   7  
ATOM   1188 C C    . HIS A 1 8  ? -4.647  2.076  -0.282 1.00 0.00 ?  8  HIS A C    7  
ATOM   1189 O O    . HIS A 1 8  ? -5.851  2.336  -0.385 1.00 0.00 ?  8  HIS A O    7  
ATOM   1190 C CB   . HIS A 1 8  ? -3.180  2.691  1.676  1.00 0.00 ?  8  HIS A CB   7  
ATOM   1191 C CG   . HIS A 1 8  ? -3.433  4.016  1.016  1.00 0.00 ?  8  HIS A CG   7  
ATOM   1192 N ND1  . HIS A 1 8  ? -4.694  4.586  0.971  1.00 0.00 ?  8  HIS A ND1  7  
ATOM   1193 C CD2  . HIS A 1 8  ? -2.596  4.894  0.376  1.00 0.00 ?  8  HIS A CD2  7  
ATOM   1194 C CE1  . HIS A 1 8  ? -4.581  5.757  0.320  1.00 0.00 ?  8  HIS A CE1  7  
ATOM   1195 N NE2  . HIS A 1 8  ? -3.323  5.995  -0.061 1.00 0.00 ?  8  HIS A NE2  7  
ATOM   1196 H H    . HIS A 1 8  ? -2.293  0.423  0.936  1.00 0.00 ?  8  HIS A H    7  
ATOM   1197 H HA   . HIS A 1 8  ? -4.861  1.357  1.719  1.00 0.00 ?  8  HIS A HA   7  
ATOM   1198 H HB2  . HIS A 1 8  ? -3.416  2.770  2.728  1.00 0.00 ?  8  HIS A HB2  7  
ATOM   1199 H HB3  . HIS A 1 8  ? -2.139  2.426  1.565  1.00 0.00 ?  8  HIS A HB3  7  
ATOM   1200 H HD2  . HIS A 1 8  ? -1.538  4.745  0.224  1.00 0.00 ?  8  HIS A HD2  7  
ATOM   1201 H HE1  . HIS A 1 8  ? -5.409  6.422  0.122  1.00 0.00 ?  8  HIS A HE1  7  
ATOM   1202 H HE2  . HIS A 1 8  ? -2.980  6.785  -0.536 1.00 0.00 ?  8  HIS A HE2  7  
ATOM   1203 N N    . GLN A 1 9  ? -3.797  2.154  -1.298 1.00 0.00 ?  9  GLN A N    7  
ATOM   1204 C CA   . GLN A 1 9  ? -4.239  2.569  -2.620 1.00 0.00 ?  9  GLN A CA   7  
ATOM   1205 C C    . GLN A 1 9  ? -5.303  1.608  -3.115 1.00 0.00 ?  9  GLN A C    7  
ATOM   1206 O O    . GLN A 1 9  ? -6.281  2.005  -3.752 1.00 0.00 ?  9  GLN A O    7  
ATOM   1207 C CB   . GLN A 1 9  ? -3.052  2.577  -3.592 1.00 0.00 ?  9  GLN A CB   7  
ATOM   1208 C CG   . GLN A 1 9  ? -2.037  3.649  -3.176 1.00 0.00 ?  9  GLN A CG   7  
ATOM   1209 C CD   . GLN A 1 9  ? -1.951  4.723  -4.249 1.00 0.00 ?  9  GLN A CD   7  
ATOM   1210 O OE1  . GLN A 1 9  ? -2.974  5.123  -4.813 1.00 0.00 ?  9  GLN A OE1  7  
ATOM   1211 N NE2  . GLN A 1 9  ? -0.792  5.211  -4.577 1.00 0.00 ?  9  GLN A NE2  7  
ATOM   1212 H H    . GLN A 1 9  ? -2.859  1.907  -1.159 1.00 0.00 ?  9  GLN A H    7  
ATOM   1213 H HA   . GLN A 1 9  ? -4.658  3.559  -2.563 1.00 0.00 ?  9  GLN A HA   7  
ATOM   1214 H HB2  . GLN A 1 9  ? -2.572  1.608  -3.582 1.00 0.00 ?  9  GLN A HB2  7  
ATOM   1215 H HB3  . GLN A 1 9  ? -3.406  2.789  -4.590 1.00 0.00 ?  9  GLN A HB3  7  
ATOM   1216 H HG2  . GLN A 1 9  ? -2.339  4.096  -2.239 1.00 0.00 ?  9  GLN A HG2  7  
ATOM   1217 H HG3  . GLN A 1 9  ? -1.064  3.194  -3.056 1.00 0.00 ?  9  GLN A HG3  7  
ATOM   1218 H HE21 . GLN A 1 9  ? 0.018   4.886  -4.130 1.00 0.00 ?  9  GLN A HE21 7  
ATOM   1219 H HE22 . GLN A 1 9  ? -0.729  5.898  -5.270 1.00 0.00 ?  9  GLN A HE22 7  
ATOM   1220 N N    . ARG A 1 10 ? -5.104  0.338  -2.802 1.00 0.00 ?  10 ARG A N    7  
ATOM   1221 C CA   . ARG A 1 10 ? -6.055  -0.691 -3.202 1.00 0.00 ?  10 ARG A CA   7  
ATOM   1222 C C    . ARG A 1 10 ? -7.422  -0.382 -2.607 1.00 0.00 ?  10 ARG A C    7  
ATOM   1223 O O    . ARG A 1 10 ? -8.436  -0.935 -3.039 1.00 0.00 ?  10 ARG A O    7  
ATOM   1224 C CB   . ARG A 1 10 ? -5.579  -2.062 -2.711 1.00 0.00 ?  10 ARG A CB   7  
ATOM   1225 C CG   . ARG A 1 10 ? -4.948  -2.855 -3.863 1.00 0.00 ?  10 ARG A CG   7  
ATOM   1226 C CD   . ARG A 1 10 ? -5.966  -3.096 -4.989 1.00 0.00 ?  10 ARG A CD   7  
ATOM   1227 N NE   . ARG A 1 10 ? -7.328  -3.106 -4.470 1.00 0.00 ?  10 ARG A NE   7  
ATOM   1228 C CZ   . ARG A 1 10 ? -8.370  -3.307 -5.267 1.00 0.00 ?  10 ARG A CZ   7  
ATOM   1229 N NH1  . ARG A 1 10 ? -9.571  -3.273 -4.772 1.00 0.00 1  10 ARG A NH1  7  
ATOM   1230 N NH2  . ARG A 1 10 ? -8.195  -3.548 -6.541 1.00 0.00 ?  10 ARG A NH2  7  
ATOM   1231 H H    . ARG A 1 10 ? -4.308  0.087  -2.281 1.00 0.00 ?  10 ARG A H    7  
ATOM   1232 H HA   . ARG A 1 10 ? -6.133  -0.699 -4.279 1.00 0.00 ?  10 ARG A HA   7  
ATOM   1233 H HB2  . ARG A 1 10 ? -4.841  -1.919 -1.933 1.00 0.00 ?  10 ARG A HB2  7  
ATOM   1234 H HB3  . ARG A 1 10 ? -6.412  -2.616 -2.308 1.00 0.00 ?  10 ARG A HB3  7  
ATOM   1235 H HG2  . ARG A 1 10 ? -4.105  -2.302 -4.257 1.00 0.00 ?  10 ARG A HG2  7  
ATOM   1236 H HG3  . ARG A 1 10 ? -4.602  -3.805 -3.486 1.00 0.00 ?  10 ARG A HG3  7  
ATOM   1237 H HD2  . ARG A 1 10 ? -5.880  -2.309 -5.723 1.00 0.00 ?  10 ARG A HD2  7  
ATOM   1238 H HD3  . ARG A 1 10 ? -5.753  -4.049 -5.460 1.00 0.00 ?  10 ARG A HD3  7  
ATOM   1239 H HE   . ARG A 1 10 ? -7.483  -2.949 -3.511 1.00 0.00 ?  10 ARG A HE   7  
ATOM   1240 H HH11 . ARG A 1 10 ? -9.706  -3.100 -3.793 1.00 0.00 ?  10 ARG A HH11 7  
ATOM   1241 H HH12 . ARG A 1 10 ? -10.367 -3.416 -5.366 1.00 0.00 ?  10 ARG A HH12 7  
ATOM   1242 H HH21 . ARG A 1 10 ? -7.275  -3.585 -6.927 1.00 0.00 ?  10 ARG A HH21 7  
ATOM   1243 H HH22 . ARG A 1 10 ? -8.987  -3.689 -7.141 1.00 0.00 ?  10 ARG A HH22 7  
HETATM 1244 N N    . NH2 A 1 11 ? -7.512  0.469  -1.629 1.00 0.00 ?  11 NH2 A N    7  
HETATM 1245 H HN1  . NH2 A 1 11 ? -6.703  0.911  -1.285 1.00 0.00 ?  11 NH2 A HN1  7  
HETATM 1246 H HN2  . NH2 A 1 11 ? -8.381  0.669  -1.233 1.00 0.00 ?  11 NH2 A HN2  7  
ATOM   1247 N N    . SER A 1 1  ? 7.990   0.841  3.222  1.00 0.00 ?  1  SER A N    8  
ATOM   1248 C CA   . SER A 1 1  ? 6.786   0.003  3.448  1.00 0.00 ?  1  SER A CA   8  
ATOM   1249 C C    . SER A 1 1  ? 5.897   0.080  2.208  1.00 0.00 ?  1  SER A C    8  
ATOM   1250 O O    . SER A 1 1  ? 4.729   0.471  2.290  1.00 0.00 ?  1  SER A O    8  
ATOM   1251 C CB   . SER A 1 1  ? 6.034   0.518  4.679  1.00 0.00 ?  1  SER A CB   8  
ATOM   1252 O OG   . SER A 1 1  ? 6.955   1.130  5.580  1.00 0.00 ?  1  SER A OG   8  
ATOM   1253 H H1   . SER A 1 1  ? 8.377   1.142  4.136  1.00 0.00 ?  1  SER A H1   8  
ATOM   1254 H H2   . SER A 1 1  ? 7.725   1.675  2.661  1.00 0.00 ?  1  SER A H2   8  
ATOM   1255 H H3   . SER A 1 1  ? 8.706   0.296  2.714  1.00 0.00 ?  1  SER A H3   8  
ATOM   1256 H HA   . SER A 1 1  ? 7.089   -1.018 3.614  1.00 0.00 ?  1  SER A HA   8  
ATOM   1257 H HB2  . SER A 1 1  ? 5.303   1.249  4.376  1.00 0.00 ?  1  SER A HB2  8  
ATOM   1258 H HB3  . SER A 1 1  ? 5.530   -0.308 5.165  1.00 0.00 ?  1  SER A HB3  8  
ATOM   1259 H HG   . SER A 1 1  ? 6.558   1.109  6.463  1.00 0.00 ?  1  SER A HG   8  
ATOM   1260 N N    . ARG A 1 2  ? 6.449   -0.309 1.065  1.00 0.00 ?  2  ARG A N    8  
ATOM   1261 C CA   . ARG A 1 2  ? 5.697   -0.279 -0.187 1.00 0.00 ?  2  ARG A CA   8  
ATOM   1262 C C    . ARG A 1 2  ? 4.414   -1.083 -0.050 1.00 0.00 ?  2  ARG A C    8  
ATOM   1263 O O    . ARG A 1 2  ? 3.365   -0.701 -0.567 1.00 0.00 ?  2  ARG A O    8  
ATOM   1264 C CB   . ARG A 1 2  ? 6.539   -0.882 -1.317 1.00 0.00 ?  2  ARG A CB   8  
ATOM   1265 C CG   . ARG A 1 2  ? 7.984   -0.377 -1.230 1.00 0.00 ?  2  ARG A CG   8  
ATOM   1266 C CD   . ARG A 1 2  ? 8.948   -1.554 -1.412 1.00 0.00 ?  2  ARG A CD   8  
ATOM   1267 N NE   . ARG A 1 2  ? 8.601   -2.298 -2.622 1.00 0.00 ?  2  ARG A NE   8  
ATOM   1268 C CZ   . ARG A 1 2  ? 8.969   -3.567 -2.790 1.00 0.00 ?  2  ARG A CZ   8  
ATOM   1269 N NH1  . ARG A 1 2  ? 8.637   -4.199 -3.878 1.00 0.00 1  2  ARG A NH1  8  
ATOM   1270 N NH2  . ARG A 1 2  ? 9.660   -4.182 -1.862 1.00 0.00 ?  2  ARG A NH2  8  
ATOM   1271 H H    . ARG A 1 2  ? 7.378   -0.622 1.062  1.00 0.00 ?  2  ARG A H    8  
ATOM   1272 H HA   . ARG A 1 2  ? 5.454   0.737  -0.432 1.00 0.00 ?  2  ARG A HA   8  
ATOM   1273 H HB2  . ARG A 1 2  ? 6.529   -1.958 -1.229 1.00 0.00 ?  2  ARG A HB2  8  
ATOM   1274 H HB3  . ARG A 1 2  ? 6.116   -0.595 -2.270 1.00 0.00 ?  2  ARG A HB3  8  
ATOM   1275 H HG2  . ARG A 1 2  ? 8.158   0.353  -2.010 1.00 0.00 ?  2  ARG A HG2  8  
ATOM   1276 H HG3  . ARG A 1 2  ? 8.157   0.081  -0.272 1.00 0.00 ?  2  ARG A HG3  8  
ATOM   1277 H HD2  . ARG A 1 2  ? 9.960   -1.182 -1.501 1.00 0.00 ?  2  ARG A HD2  8  
ATOM   1278 H HD3  . ARG A 1 2  ? 8.880   -2.207 -0.554 1.00 0.00 ?  2  ARG A HD3  8  
ATOM   1279 H HE   . ARG A 1 2  ? 8.082   -1.850 -3.327 1.00 0.00 ?  2  ARG A HE   8  
ATOM   1280 H HH11 . ARG A 1 2  ? 8.108   -3.731 -4.589 1.00 0.00 ?  2  ARG A HH11 8  
ATOM   1281 H HH12 . ARG A 1 2  ? 8.914   -5.152 -4.011 1.00 0.00 ?  2  ARG A HH12 8  
ATOM   1282 H HH21 . ARG A 1 2  ? 9.918   -3.703 -1.024 1.00 0.00 ?  2  ARG A HH21 8  
ATOM   1283 H HH22 . ARG A 1 2  ? 9.935   -5.138 -1.993 1.00 0.00 ?  2  ARG A HH22 8  
ATOM   1284 N N    . SER A 1 3  ? 4.521   -2.187 0.665  1.00 0.00 ?  3  SER A N    8  
ATOM   1285 C CA   . SER A 1 3  ? 3.383   -3.070 0.894  1.00 0.00 ?  3  SER A CA   8  
ATOM   1286 C C    . SER A 1 3  ? 2.193   -2.315 1.490  1.00 0.00 ?  3  SER A C    8  
ATOM   1287 O O    . SER A 1 3  ? 1.053   -2.755 1.362  1.00 0.00 ?  3  SER A O    8  
ATOM   1288 C CB   . SER A 1 3  ? 3.781   -4.209 1.831  1.00 0.00 ?  3  SER A CB   8  
ATOM   1289 O OG   . SER A 1 3  ? 5.194   -4.186 2.037  1.00 0.00 ?  3  SER A OG   8  
ATOM   1290 H H    . SER A 1 3  ? 5.393   -2.415 1.051  1.00 0.00 ?  3  SER A H    8  
ATOM   1291 H HA   . SER A 1 3  ? 3.081   -3.491 -0.050 1.00 0.00 ?  3  SER A HA   8  
ATOM   1292 H HB2  . SER A 1 3  ? 3.283   -4.087 2.777  1.00 0.00 ?  3  SER A HB2  8  
ATOM   1293 H HB3  . SER A 1 3  ? 3.485   -5.152 1.393  1.00 0.00 ?  3  SER A HB3  8  
ATOM   1294 H HG   . SER A 1 3  ? 5.346   -3.983 2.974  1.00 0.00 ?  3  SER A HG   8  
ATOM   1295 N N    . GLU A 1 4  ? 2.451   -1.204 2.170  1.00 0.00 ?  4  GLU A N    8  
ATOM   1296 C CA   . GLU A 1 4  ? 1.367   -0.453 2.787  1.00 0.00 ?  4  GLU A CA   8  
ATOM   1297 C C    . GLU A 1 4  ? 0.653   0.435  1.775  1.00 0.00 ?  4  GLU A C    8  
ATOM   1298 O O    . GLU A 1 4  ? -0.555  0.316  1.572  1.00 0.00 ?  4  GLU A O    8  
ATOM   1299 C CB   . GLU A 1 4  ? 1.916   0.413  3.919  1.00 0.00 ?  4  GLU A CB   8  
ATOM   1300 C CG   . GLU A 1 4  ? 2.201   -0.454 5.148  1.00 0.00 ?  4  GLU A CG   8  
ATOM   1301 C CD   . GLU A 1 4  ? 0.926   -1.145 5.608  1.00 0.00 ?  4  GLU A CD   8  
ATOM   1302 O OE1  . GLU A 1 4  ? -0.080  -0.470 5.750  1.00 0.00 ?  4  GLU A OE1  8  
ATOM   1303 O OE2  . GLU A 1 4  ? 0.968   -2.342 5.809  1.00 0.00 -1 4  GLU A OE2  8  
ATOM   1304 H H    . GLU A 1 4  ? 3.374   -0.889 2.269  1.00 0.00 ?  4  GLU A H    8  
ATOM   1305 H HA   . GLU A 1 4  ? 0.653   -1.147 3.203  1.00 0.00 ?  4  GLU A HA   8  
ATOM   1306 H HB2  . GLU A 1 4  ? 2.830   0.888  3.592  1.00 0.00 ?  4  GLU A HB2  8  
ATOM   1307 H HB3  . GLU A 1 4  ? 1.191   1.172  4.176  1.00 0.00 ?  4  GLU A HB3  8  
ATOM   1308 H HG2  . GLU A 1 4  ? 2.941   -1.201 4.894  1.00 0.00 ?  4  GLU A HG2  8  
ATOM   1309 H HG3  . GLU A 1 4  ? 2.579   0.169  5.943  1.00 0.00 ?  4  GLU A HG3  8  
ATOM   1310 N N    . LEU A 1 5  ? 1.399   1.338  1.162  1.00 0.00 ?  5  LEU A N    8  
ATOM   1311 C CA   . LEU A 1 5  ? 0.819   2.270  0.204  1.00 0.00 ?  5  LEU A CA   8  
ATOM   1312 C C    . LEU A 1 5  ? 0.052   1.548  -0.899 1.00 0.00 ?  5  LEU A C    8  
ATOM   1313 O O    . LEU A 1 5  ? -1.071  1.933  -1.223 1.00 0.00 ?  5  LEU A O    8  
ATOM   1314 C CB   . LEU A 1 5  ? 1.916   3.130  -0.420 1.00 0.00 ?  5  LEU A CB   8  
ATOM   1315 C CG   . LEU A 1 5  ? 2.923   3.554  0.659  1.00 0.00 ?  5  LEU A CG   8  
ATOM   1316 C CD1  . LEU A 1 5  ? 4.134   2.618  0.631  1.00 0.00 ?  5  LEU A CD1  8  
ATOM   1317 C CD2  . LEU A 1 5  ? 3.390   4.984  0.395  1.00 0.00 ?  5  LEU A CD2  8  
ATOM   1318 H H    . LEU A 1 5  ? 2.352   1.398  1.373  1.00 0.00 ?  5  LEU A H    8  
ATOM   1319 H HA   . LEU A 1 5  ? 0.135   2.919  0.726  1.00 0.00 ?  5  LEU A HA   8  
ATOM   1320 H HB2  . LEU A 1 5  ? 2.421   2.557  -1.182 1.00 0.00 ?  5  LEU A HB2  8  
ATOM   1321 H HB3  . LEU A 1 5  ? 1.472   4.009  -0.865 1.00 0.00 ?  5  LEU A HB3  8  
ATOM   1322 H HG   . LEU A 1 5  ? 2.453   3.502  1.634  1.00 0.00 ?  5  LEU A HG   8  
ATOM   1323 H HD11 . LEU A 1 5  ? 4.606   2.612  1.601  1.00 0.00 ?  5  LEU A HD11 8  
ATOM   1324 H HD12 . LEU A 1 5  ? 4.835   2.964  -0.109 1.00 0.00 ?  5  LEU A HD12 8  
ATOM   1325 H HD13 . LEU A 1 5  ? 3.814   1.618  0.381  1.00 0.00 ?  5  LEU A HD13 8  
ATOM   1326 H HD21 . LEU A 1 5  ? 3.545   5.489  1.339  1.00 0.00 ?  5  LEU A HD21 8  
ATOM   1327 H HD22 . LEU A 1 5  ? 2.642   5.511  -0.178 1.00 0.00 ?  5  LEU A HD22 8  
ATOM   1328 H HD23 . LEU A 1 5  ? 4.318   4.959  -0.154 1.00 0.00 ?  5  LEU A HD23 8  
ATOM   1329 N N    . ILE A 1 6  ? 0.639   0.511  -1.479 1.00 0.00 ?  6  ILE A N    8  
ATOM   1330 C CA   . ILE A 1 6  ? -0.045  -0.215 -2.542 1.00 0.00 ?  6  ILE A CA   8  
ATOM   1331 C C    . ILE A 1 6  ? -1.396  -0.734 -2.048 1.00 0.00 ?  6  ILE A C    8  
ATOM   1332 O O    . ILE A 1 6  ? -2.403  -0.655 -2.757 1.00 0.00 ?  6  ILE A O    8  
ATOM   1333 C CB   . ILE A 1 6  ? 0.820   -1.377 -3.055 1.00 0.00 ?  6  ILE A CB   8  
ATOM   1334 C CG1  . ILE A 1 6  ? 1.088   -2.371 -1.918 1.00 0.00 ?  6  ILE A CG1  8  
ATOM   1335 C CG2  . ILE A 1 6  ? 2.152   -0.831 -3.579 1.00 0.00 ?  6  ILE A CG2  8  
ATOM   1336 C CD1  . ILE A 1 6  ? 2.195   -3.346 -2.337 1.00 0.00 ?  6  ILE A CD1  8  
ATOM   1337 H H    . ILE A 1 6  ? 1.534   0.234  -1.195 1.00 0.00 ?  6  ILE A H    8  
ATOM   1338 H HA   . ILE A 1 6  ? -0.224  0.468  -3.360 1.00 0.00 ?  6  ILE A HA   8  
ATOM   1339 H HB   . ILE A 1 6  ? 0.302   -1.880 -3.856 1.00 0.00 ?  6  ILE A HB   8  
ATOM   1340 H HG12 . ILE A 1 6  ? 1.395   -1.834 -1.033 1.00 0.00 ?  6  ILE A HG12 8  
ATOM   1341 H HG13 . ILE A 1 6  ? 0.185   -2.925 -1.708 1.00 0.00 ?  6  ILE A HG13 8  
ATOM   1342 H HG21 . ILE A 1 6  ? 2.837   -0.704 -2.757 1.00 0.00 ?  6  ILE A HG21 8  
ATOM   1343 H HG22 . ILE A 1 6  ? 1.988   0.122  -4.062 1.00 0.00 ?  6  ILE A HG22 8  
ATOM   1344 H HG23 . ILE A 1 6  ? 2.572   -1.529 -4.290 1.00 0.00 ?  6  ILE A HG23 8  
ATOM   1345 H HD11 . ILE A 1 6  ? 2.129   -3.533 -3.398 1.00 0.00 ?  6  ILE A HD11 8  
ATOM   1346 H HD12 . ILE A 1 6  ? 2.080   -4.277 -1.800 1.00 0.00 ?  6  ILE A HD12 8  
ATOM   1347 H HD13 . ILE A 1 6  ? 3.158   -2.913 -2.106 1.00 0.00 ?  6  ILE A HD13 8  
ATOM   1348 N N    . VAL A 1 7  ? -1.410  -1.270 -0.833 1.00 0.00 ?  7  VAL A N    8  
ATOM   1349 C CA   . VAL A 1 7  ? -2.638  -1.801 -0.253 1.00 0.00 ?  7  VAL A CA   8  
ATOM   1350 C C    . VAL A 1 7  ? -3.614  -0.682 0.102  1.00 0.00 ?  7  VAL A C    8  
ATOM   1351 O O    . VAL A 1 7  ? -4.823  -0.824 -0.078 1.00 0.00 ?  7  VAL A O    8  
ATOM   1352 C CB   . VAL A 1 7  ? -2.310  -2.633 0.995  1.00 0.00 ?  7  VAL A CB   8  
ATOM   1353 C CG1  . VAL A 1 7  ? -3.603  -3.036 1.718  1.00 0.00 ?  7  VAL A CG1  8  
ATOM   1354 C CG2  . VAL A 1 7  ? -1.552  -3.897 0.579  1.00 0.00 ?  7  VAL A CG2  8  
ATOM   1355 H H    . VAL A 1 7  ? -0.580  -1.306 -0.313 1.00 0.00 ?  7  VAL A H    8  
ATOM   1356 H HA   . VAL A 1 7  ? -3.102  -2.440 -0.977 1.00 0.00 ?  7  VAL A HA   8  
ATOM   1357 H HB   . VAL A 1 7  ? -1.694  -2.051 1.665  1.00 0.00 ?  7  VAL A HB   8  
ATOM   1358 H HG11 . VAL A 1 7  ? -4.251  -3.559 1.031  1.00 0.00 ?  7  VAL A HG11 8  
ATOM   1359 H HG12 . VAL A 1 7  ? -4.103  -2.152 2.087  1.00 0.00 ?  7  VAL A HG12 8  
ATOM   1360 H HG13 . VAL A 1 7  ? -3.366  -3.683 2.551  1.00 0.00 ?  7  VAL A HG13 8  
ATOM   1361 H HG21 . VAL A 1 7  ? -1.043  -4.308 1.439  1.00 0.00 ?  7  VAL A HG21 8  
ATOM   1362 H HG22 . VAL A 1 7  ? -0.832  -3.655 -0.183 1.00 0.00 ?  7  VAL A HG22 8  
ATOM   1363 H HG23 . VAL A 1 7  ? -2.253  -4.625 0.195  1.00 0.00 ?  7  VAL A HG23 8  
ATOM   1364 N N    . HIS A 1 8  ? -3.091  0.422  0.619  1.00 0.00 ?  8  HIS A N    8  
ATOM   1365 C CA   . HIS A 1 8  ? -3.942  1.549  1.016  1.00 0.00 ?  8  HIS A CA   8  
ATOM   1366 C C    . HIS A 1 8  ? -4.820  2.002  -0.149 1.00 0.00 ?  8  HIS A C    8  
ATOM   1367 O O    . HIS A 1 8  ? -6.038  2.093  -0.018 1.00 0.00 ?  8  HIS A O    8  
ATOM   1368 C CB   . HIS A 1 8  ? -3.087  2.733  1.488  1.00 0.00 ?  8  HIS A CB   8  
ATOM   1369 C CG   . HIS A 1 8  ? -2.300  2.349  2.718  1.00 0.00 ?  8  HIS A CG   8  
ATOM   1370 N ND1  . HIS A 1 8  ? -1.458  3.244  3.360  1.00 0.00 ?  8  HIS A ND1  8  
ATOM   1371 C CD2  . HIS A 1 8  ? -2.203  1.171  3.424  1.00 0.00 ?  8  HIS A CD2  8  
ATOM   1372 C CE1  . HIS A 1 8  ? -0.891  2.596  4.398  1.00 0.00 ?  8  HIS A CE1  8  
ATOM   1373 N NE2  . HIS A 1 8  ? -1.310  1.330  4.481  1.00 0.00 ?  8  HIS A NE2  8  
ATOM   1374 H H    . HIS A 1 8  ? -2.121  0.475  0.751  1.00 0.00 ?  8  HIS A H    8  
ATOM   1375 H HA   . HIS A 1 8  ? -4.579  1.240  1.829  1.00 0.00 ?  8  HIS A HA   8  
ATOM   1376 H HB2  . HIS A 1 8  ? -2.405  3.020  0.700  1.00 0.00 ?  8  HIS A HB2  8  
ATOM   1377 H HB3  . HIS A 1 8  ? -3.733  3.568  1.719  1.00 0.00 ?  8  HIS A HB3  8  
ATOM   1378 H HD2  . HIS A 1 8  ? -2.732  0.260  3.191  1.00 0.00 ?  8  HIS A HD2  8  
ATOM   1379 H HE1  . HIS A 1 8  ? -0.181  3.045  5.080  1.00 0.00 ?  8  HIS A HE1  8  
ATOM   1380 H HE2  . HIS A 1 8  ? -1.026  0.646  5.137  1.00 0.00 ?  8  HIS A HE2  8  
ATOM   1381 N N    . GLN A 1 9  ? -4.200  2.277  -1.289 1.00 0.00 ?  9  GLN A N    8  
ATOM   1382 C CA   . GLN A 1 9  ? -4.954  2.719  -2.463 1.00 0.00 ?  9  GLN A CA   8  
ATOM   1383 C C    . GLN A 1 9  ? -5.940  1.637  -2.888 1.00 0.00 ?  9  GLN A C    8  
ATOM   1384 O O    . GLN A 1 9  ? -6.969  1.923  -3.503 1.00 0.00 ?  9  GLN A O    8  
ATOM   1385 C CB   . GLN A 1 9  ? -4.015  3.054  -3.638 1.00 0.00 ?  9  GLN A CB   8  
ATOM   1386 C CG   . GLN A 1 9  ? -2.574  2.676  -3.291 1.00 0.00 ?  9  GLN A CG   8  
ATOM   1387 C CD   . GLN A 1 9  ? -1.687  2.841  -4.515 1.00 0.00 ?  9  GLN A CD   8  
ATOM   1388 O OE1  . GLN A 1 9  ? -1.520  1.902  -5.296 1.00 0.00 ?  9  GLN A OE1  8  
ATOM   1389 N NE2  . GLN A 1 9  ? -1.107  3.984  -4.734 1.00 0.00 ?  9  GLN A NE2  8  
ATOM   1390 H H    . GLN A 1 9  ? -3.225  2.183  -1.341 1.00 0.00 ?  9  GLN A H    8  
ATOM   1391 H HA   . GLN A 1 9  ? -5.512  3.603  -2.199 1.00 0.00 ?  9  GLN A HA   8  
ATOM   1392 H HB2  . GLN A 1 9  ? -4.330  2.503  -4.512 1.00 0.00 ?  9  GLN A HB2  8  
ATOM   1393 H HB3  . GLN A 1 9  ? -4.065  4.114  -3.845 1.00 0.00 ?  9  GLN A HB3  8  
ATOM   1394 H HG2  . GLN A 1 9  ? -2.218  3.318  -2.498 1.00 0.00 ?  9  GLN A HG2  8  
ATOM   1395 H HG3  . GLN A 1 9  ? -2.542  1.652  -2.964 1.00 0.00 ?  9  GLN A HG3  8  
ATOM   1396 H HE21 . GLN A 1 9  ? -1.241  4.728  -4.107 1.00 0.00 ?  9  GLN A HE21 8  
ATOM   1397 H HE22 . GLN A 1 9  ? -0.535  4.104  -5.517 1.00 0.00 ?  9  GLN A HE22 8  
ATOM   1398 N N    . ARG A 1 10 ? -5.615  0.397  -2.555 1.00 0.00 ?  10 ARG A N    8  
ATOM   1399 C CA   . ARG A 1 10 ? -6.473  -0.726 -2.903 1.00 0.00 ?  10 ARG A CA   8  
ATOM   1400 C C    . ARG A 1 10 ? -7.733  -0.719 -2.044 1.00 0.00 ?  10 ARG A C    8  
ATOM   1401 O O    . ARG A 1 10 ? -8.625  -1.545 -2.240 1.00 0.00 ?  10 ARG A O    8  
ATOM   1402 C CB   . ARG A 1 10 ? -5.718  -2.044 -2.714 1.00 0.00 ?  10 ARG A CB   8  
ATOM   1403 C CG   . ARG A 1 10 ? -5.662  -2.802 -4.047 1.00 0.00 ?  10 ARG A CG   8  
ATOM   1404 C CD   . ARG A 1 10 ? -4.493  -2.276 -4.886 1.00 0.00 ?  10 ARG A CD   8  
ATOM   1405 N NE   . ARG A 1 10 ? -4.879  -1.059 -5.600 1.00 0.00 ?  10 ARG A NE   8  
ATOM   1406 C CZ   . ARG A 1 10 ? -4.014  -0.068 -5.810 1.00 0.00 ?  10 ARG A CZ   8  
ATOM   1407 N NH1  . ARG A 1 10 ? -4.388  0.983  -6.484 1.00 0.00 1  10 ARG A NH1  8  
ATOM   1408 N NH2  . ARG A 1 10 ? -2.795  -0.145 -5.344 1.00 0.00 ?  10 ARG A NH2  8  
ATOM   1409 H H    . ARG A 1 10 ? -4.783  0.235  -2.064 1.00 0.00 ?  10 ARG A H    8  
ATOM   1410 H HA   . ARG A 1 10 ? -6.760  -0.635 -3.938 1.00 0.00 ?  10 ARG A HA   8  
ATOM   1411 H HB2  . ARG A 1 10 ? -4.714  -1.834 -2.376 1.00 0.00 ?  10 ARG A HB2  8  
ATOM   1412 H HB3  . ARG A 1 10 ? -6.222  -2.650 -1.977 1.00 0.00 ?  10 ARG A HB3  8  
ATOM   1413 H HG2  . ARG A 1 10 ? -5.522  -3.858 -3.857 1.00 0.00 ?  10 ARG A HG2  8  
ATOM   1414 H HG3  . ARG A 1 10 ? -6.587  -2.657 -4.588 1.00 0.00 ?  10 ARG A HG3  8  
ATOM   1415 H HD2  . ARG A 1 10 ? -3.661  -2.062 -4.233 1.00 0.00 ?  10 ARG A HD2  8  
ATOM   1416 H HD3  . ARG A 1 10 ? -4.201  -3.035 -5.599 1.00 0.00 ?  10 ARG A HD3  8  
ATOM   1417 H HE   . ARG A 1 10 ? -5.795  -0.979 -5.952 1.00 0.00 ?  10 ARG A HE   8  
ATOM   1418 H HH11 . ARG A 1 10 ? -5.321  1.039  -6.850 1.00 0.00 ?  10 ARG A HH11 8  
ATOM   1419 H HH12 . ARG A 1 10 ? -3.742  1.727  -6.656 1.00 0.00 ?  10 ARG A HH12 8  
ATOM   1420 H HH21 . ARG A 1 10 ? -2.497  -0.960 -4.837 1.00 0.00 ?  10 ARG A HH21 8  
ATOM   1421 H HH22 . ARG A 1 10 ? -2.152  0.616  -5.481 1.00 0.00 ?  10 ARG A HH22 8  
HETATM 1422 N N    . NH2 A 1 11 ? -7.860  0.170  -1.103 1.00 0.00 ?  11 NH2 A N    8  
HETATM 1423 H HN1  . NH2 A 1 11 ? -7.145  0.830  -0.948 1.00 0.00 ?  11 NH2 A HN1  8  
HETATM 1424 H HN2  . NH2 A 1 11 ? -8.662  0.183  -0.543 1.00 0.00 ?  11 NH2 A HN2  8  
ATOM   1425 N N    . SER A 1 1  ? 7.444   0.599  3.725  1.00 0.00 ?  1  SER A N    9  
ATOM   1426 C CA   . SER A 1 1  ? 7.587   -0.140 2.447  1.00 0.00 ?  1  SER A CA   9  
ATOM   1427 C C    . SER A 1 1  ? 6.317   0.054  1.616  1.00 0.00 ?  1  SER A C    9  
ATOM   1428 O O    . SER A 1 1  ? 5.338   0.626  2.089  1.00 0.00 ?  1  SER A O    9  
ATOM   1429 C CB   . SER A 1 1  ? 7.810   -1.628 2.753  1.00 0.00 ?  1  SER A CB   9  
ATOM   1430 O OG   . SER A 1 1  ? 7.602   -1.861 4.145  1.00 0.00 ?  1  SER A OG   9  
ATOM   1431 H H1   . SER A 1 1  ? 6.440   0.613  4.010  1.00 0.00 ?  1  SER A H1   9  
ATOM   1432 H H2   . SER A 1 1  ? 7.782   1.570  3.601  1.00 0.00 ?  1  SER A H2   9  
ATOM   1433 H H3   . SER A 1 1  ? 8.001   0.129  4.460  1.00 0.00 ?  1  SER A H3   9  
ATOM   1434 H HA   . SER A 1 1  ? 8.435   0.247  1.900  1.00 0.00 ?  1  SER A HA   9  
ATOM   1435 H HB2  . SER A 1 1  ? 7.112   -2.221 2.186  1.00 0.00 ?  1  SER A HB2  9  
ATOM   1436 H HB3  . SER A 1 1  ? 8.822   -1.901 2.476  1.00 0.00 ?  1  SER A HB3  9  
ATOM   1437 H HG   . SER A 1 1  ? 6.638   -1.835 4.309  1.00 0.00 ?  1  SER A HG   9  
ATOM   1438 N N    . ARG A 1 2  ? 6.338   -0.413 0.374  1.00 0.00 ?  2  ARG A N    9  
ATOM   1439 C CA   . ARG A 1 2  ? 5.181   -0.269 -0.505 1.00 0.00 ?  2  ARG A CA   9  
ATOM   1440 C C    . ARG A 1 2  ? 3.995   -1.083 -0.003 1.00 0.00 ?  2  ARG A C    9  
ATOM   1441 O O    . ARG A 1 2  ? 2.846   -0.698 -0.200 1.00 0.00 ?  2  ARG A O    9  
ATOM   1442 C CB   . ARG A 1 2  ? 5.534   -0.725 -1.924 1.00 0.00 ?  2  ARG A CB   9  
ATOM   1443 C CG   . ARG A 1 2  ? 6.391   -1.999 -1.871 1.00 0.00 ?  2  ARG A CG   9  
ATOM   1444 C CD   . ARG A 1 2  ? 5.954   -2.964 -2.982 1.00 0.00 ?  2  ARG A CD   9  
ATOM   1445 N NE   . ARG A 1 2  ? 5.209   -4.088 -2.414 1.00 0.00 ?  2  ARG A NE   9  
ATOM   1446 C CZ   . ARG A 1 2  ? 5.154   -5.266 -3.039 1.00 0.00 ?  2  ARG A CZ   9  
ATOM   1447 N NH1  . ARG A 1 2  ? 4.502   -6.261 -2.500 1.00 0.00 1  2  ARG A NH1  9  
ATOM   1448 N NH2  . ARG A 1 2  ? 5.747   -5.426 -4.188 1.00 0.00 ?  2  ARG A NH2  9  
ATOM   1449 H H    . ARG A 1 2  ? 7.147   -0.854 0.038  1.00 0.00 ?  2  ARG A H    9  
ATOM   1450 H HA   . ARG A 1 2  ? 4.902   0.767  -0.537 1.00 0.00 ?  2  ARG A HA   9  
ATOM   1451 H HB2  . ARG A 1 2  ? 4.623   -0.927 -2.468 1.00 0.00 ?  2  ARG A HB2  9  
ATOM   1452 H HB3  . ARG A 1 2  ? 6.086   0.055  -2.422 1.00 0.00 ?  2  ARG A HB3  9  
ATOM   1453 H HG2  . ARG A 1 2  ? 7.431   -1.737 -2.013 1.00 0.00 ?  2  ARG A HG2  9  
ATOM   1454 H HG3  . ARG A 1 2  ? 6.268   -2.481 -0.914 1.00 0.00 ?  2  ARG A HG3  9  
ATOM   1455 H HD2  . ARG A 1 2  ? 5.328   -2.442 -3.692 1.00 0.00 ?  2  ARG A HD2  9  
ATOM   1456 H HD3  . ARG A 1 2  ? 6.831   -3.338 -3.495 1.00 0.00 ?  2  ARG A HD3  9  
ATOM   1457 H HE   . ARG A 1 2  ? 4.745   -3.973 -1.557 1.00 0.00 ?  2  ARG A HE   9  
ATOM   1458 H HH11 . ARG A 1 2  ? 4.044   -6.146 -1.615 1.00 0.00 ?  2  ARG A HH11 9  
ATOM   1459 H HH12 . ARG A 1 2  ? 4.448   -7.143 -2.977 1.00 0.00 ?  2  ARG A HH12 9  
ATOM   1460 H HH21 . ARG A 1 2  ? 6.240   -4.666 -4.605 1.00 0.00 ?  2  ARG A HH21 9  
ATOM   1461 H HH22 . ARG A 1 2  ? 5.717   -6.317 -4.653 1.00 0.00 ?  2  ARG A HH22 9  
ATOM   1462 N N    . SER A 1 3  ? 4.284   -2.210 0.630  1.00 0.00 ?  3  SER A N    9  
ATOM   1463 C CA   . SER A 1 3  ? 3.243   -3.096 1.141  1.00 0.00 ?  3  SER A CA   9  
ATOM   1464 C C    . SER A 1 3  ? 2.193   -2.327 1.937  1.00 0.00 ?  3  SER A C    9  
ATOM   1465 O O    . SER A 1 3  ? 1.014   -2.677 1.915  1.00 0.00 ?  3  SER A O    9  
ATOM   1466 C CB   . SER A 1 3  ? 3.880   -4.164 2.031  1.00 0.00 ?  3  SER A CB   9  
ATOM   1467 O OG   . SER A 1 3  ? 5.070   -4.638 1.403  1.00 0.00 ?  3  SER A OG   9  
ATOM   1468 H H    . SER A 1 3  ? 5.220   -2.462 0.744  1.00 0.00 ?  3  SER A H    9  
ATOM   1469 H HA   . SER A 1 3  ? 2.759   -3.586 0.309  1.00 0.00 ?  3  SER A HA   9  
ATOM   1470 H HB2  . SER A 1 3  ? 4.131   -3.736 2.988  1.00 0.00 ?  3  SER A HB2  9  
ATOM   1471 H HB3  . SER A 1 3  ? 3.182   -4.980 2.173  1.00 0.00 ?  3  SER A HB3  9  
ATOM   1472 H HG   . SER A 1 3  ? 4.863   -5.481 0.979  1.00 0.00 ?  3  SER A HG   9  
ATOM   1473 N N    . GLU A 1 4  ? 2.616   -1.295 2.648  1.00 0.00 ?  4  GLU A N    9  
ATOM   1474 C CA   . GLU A 1 4  ? 1.683   -0.516 3.448  1.00 0.00 ?  4  GLU A CA   9  
ATOM   1475 C C    . GLU A 1 4  ? 0.998   0.564  2.617  1.00 0.00 ?  4  GLU A C    9  
ATOM   1476 O O    . GLU A 1 4  ? -0.142  0.927  2.888  1.00 0.00 ?  4  GLU A O    9  
ATOM   1477 C CB   . GLU A 1 4  ? 2.423   0.134  4.620  1.00 0.00 ?  4  GLU A CB   9  
ATOM   1478 C CG   . GLU A 1 4  ? 3.368   -0.891 5.254  1.00 0.00 ?  4  GLU A CG   9  
ATOM   1479 C CD   . GLU A 1 4  ? 4.759   -0.745 4.668  1.00 0.00 ?  4  GLU A CD   9  
ATOM   1480 O OE1  . GLU A 1 4  ? 5.459   0.157  5.082  1.00 0.00 ?  4  GLU A OE1  9  
ATOM   1481 O OE2  . GLU A 1 4  ? 5.113   -1.538 3.816  1.00 0.00 -1 4  GLU A OE2  9  
ATOM   1482 H H    . GLU A 1 4  ? 3.567   -1.057 2.643  1.00 0.00 ?  4  GLU A H    9  
ATOM   1483 H HA   . GLU A 1 4  ? 0.931   -1.179 3.844  1.00 0.00 ?  4  GLU A HA   9  
ATOM   1484 H HB2  . GLU A 1 4  ? 2.992   0.980  4.262  1.00 0.00 ?  4  GLU A HB2  9  
ATOM   1485 H HB3  . GLU A 1 4  ? 1.706   0.468  5.357  1.00 0.00 ?  4  GLU A HB3  9  
ATOM   1486 H HG2  . GLU A 1 4  ? 3.409   -0.727 6.322  1.00 0.00 ?  4  GLU A HG2  9  
ATOM   1487 H HG3  . GLU A 1 4  ? 3.000   -1.889 5.063  1.00 0.00 ?  4  GLU A HG3  9  
ATOM   1488 N N    . LEU A 1 5  ? 1.709   1.102  1.639  1.00 0.00 ?  5  LEU A N    9  
ATOM   1489 C CA   . LEU A 1 5  ? 1.164   2.172  0.811  1.00 0.00 ?  5  LEU A CA   9  
ATOM   1490 C C    . LEU A 1 5  ? 0.061   1.695  -0.147 1.00 0.00 ?  5  LEU A C    9  
ATOM   1491 O O    . LEU A 1 5  ? -0.977  2.348  -0.280 1.00 0.00 ?  5  LEU A O    9  
ATOM   1492 C CB   . LEU A 1 5  ? 2.283   2.831  -0.011 1.00 0.00 ?  5  LEU A CB   9  
ATOM   1493 C CG   . LEU A 1 5  ? 3.604   2.806  0.767  1.00 0.00 ?  5  LEU A CG   9  
ATOM   1494 C CD1  . LEU A 1 5  ? 4.696   3.498  -0.054 1.00 0.00 ?  5  LEU A CD1  9  
ATOM   1495 C CD2  . LEU A 1 5  ? 3.430   3.536  2.103  1.00 0.00 ?  5  LEU A CD2  9  
ATOM   1496 H H    . LEU A 1 5  ? 2.620   0.797  1.487  1.00 0.00 ?  5  LEU A H    9  
ATOM   1497 H HA   . LEU A 1 5  ? 0.745   2.921  1.465  1.00 0.00 ?  5  LEU A HA   9  
ATOM   1498 H HB2  . LEU A 1 5  ? 2.406   2.292  -0.941 1.00 0.00 ?  5  LEU A HB2  9  
ATOM   1499 H HB3  . LEU A 1 5  ? 2.013   3.854  -0.225 1.00 0.00 ?  5  LEU A HB3  9  
ATOM   1500 H HG   . LEU A 1 5  ? 3.890   1.783  0.952  1.00 0.00 ?  5  LEU A HG   9  
ATOM   1501 H HD11 . LEU A 1 5  ? 4.471   4.550  -0.140 1.00 0.00 ?  5  LEU A HD11 9  
ATOM   1502 H HD12 . LEU A 1 5  ? 4.743   3.057  -1.042 1.00 0.00 ?  5  LEU A HD12 9  
ATOM   1503 H HD13 . LEU A 1 5  ? 5.649   3.372  0.440  1.00 0.00 ?  5  LEU A HD13 9  
ATOM   1504 H HD21 . LEU A 1 5  ? 2.687   3.027  2.701  1.00 0.00 ?  5  LEU A HD21 9  
ATOM   1505 H HD22 . LEU A 1 5  ? 3.108   4.551  1.921  1.00 0.00 ?  5  LEU A HD22 9  
ATOM   1506 H HD23 . LEU A 1 5  ? 4.371   3.547  2.634  1.00 0.00 ?  5  LEU A HD23 9  
ATOM   1507 N N    . ILE A 1 6  ? 0.312   0.604  -0.865 1.00 0.00 ?  6  ILE A N    9  
ATOM   1508 C CA   . ILE A 1 6  ? -0.649  0.121  -1.864 1.00 0.00 ?  6  ILE A CA   9  
ATOM   1509 C C    . ILE A 1 6  ? -1.928  -0.470 -1.264 1.00 0.00 ?  6  ILE A C    9  
ATOM   1510 O O    . ILE A 1 6  ? -2.990  -0.379 -1.875 1.00 0.00 ?  6  ILE A O    9  
ATOM   1511 C CB   . ILE A 1 6  ? 0.010   -0.909 -2.805 1.00 0.00 ?  6  ILE A CB   9  
ATOM   1512 C CG1  . ILE A 1 6  ? -0.098  -2.333 -2.227 1.00 0.00 ?  6  ILE A CG1  9  
ATOM   1513 C CG2  . ILE A 1 6  ? 1.487   -0.552 -3.014 1.00 0.00 ?  6  ILE A CG2  9  
ATOM   1514 C CD1  . ILE A 1 6  ? 0.771   -2.461 -0.977 1.00 0.00 ?  6  ILE A CD1  9  
ATOM   1515 H H    . ILE A 1 6  ? 1.171   0.146  -0.761 1.00 0.00 ?  6  ILE A H    9  
ATOM   1516 H HA   . ILE A 1 6  ? -0.934  0.965  -2.464 1.00 0.00 ?  6  ILE A HA   9  
ATOM   1517 H HB   . ILE A 1 6  ? -0.493  -0.878 -3.762 1.00 0.00 ?  6  ILE A HB   9  
ATOM   1518 H HG12 . ILE A 1 6  ? -1.125  -2.550 -1.978 1.00 0.00 ?  6  ILE A HG12 9  
ATOM   1519 H HG13 . ILE A 1 6  ? 0.244   -3.040 -2.970 1.00 0.00 ?  6  ILE A HG13 9  
ATOM   1520 H HG21 . ILE A 1 6  ? 2.086   -1.035 -2.260 1.00 0.00 ?  6  ILE A HG21 9  
ATOM   1521 H HG22 . ILE A 1 6  ? 1.610   0.516  -2.941 1.00 0.00 ?  6  ILE A HG22 9  
ATOM   1522 H HG23 . ILE A 1 6  ? 1.804   -0.883 -3.992 1.00 0.00 ?  6  ILE A HG23 9  
ATOM   1523 H HD11 . ILE A 1 6  ? 1.811   -2.508 -1.269 1.00 0.00 ?  6  ILE A HD11 9  
ATOM   1524 H HD12 . ILE A 1 6  ? 0.504   -3.364 -0.442 1.00 0.00 ?  6  ILE A HD12 9  
ATOM   1525 H HD13 . ILE A 1 6  ? 0.613   -1.605 -0.340 1.00 0.00 ?  6  ILE A HD13 9  
ATOM   1526 N N    . VAL A 1 7  ? -1.833  -1.102 -0.105 1.00 0.00 ?  7  VAL A N    9  
ATOM   1527 C CA   . VAL A 1 7  ? -3.001  -1.733 0.497  1.00 0.00 ?  7  VAL A CA   9  
ATOM   1528 C C    . VAL A 1 7  ? -4.186  -0.778 0.611  1.00 0.00 ?  7  VAL A C    9  
ATOM   1529 O O    . VAL A 1 7  ? -5.339  -1.209 0.561  1.00 0.00 ?  7  VAL A O    9  
ATOM   1530 C CB   . VAL A 1 7  ? -2.635  -2.275 1.878  1.00 0.00 ?  7  VAL A CB   9  
ATOM   1531 C CG1  . VAL A 1 7  ? -1.808  -3.549 1.722  1.00 0.00 ?  7  VAL A CG1  9  
ATOM   1532 C CG2  . VAL A 1 7  ? -1.816  -1.244 2.655  1.00 0.00 ?  7  VAL A CG2  9  
ATOM   1533 H H    . VAL A 1 7  ? -0.966  -1.180 0.339  1.00 0.00 ?  7  VAL A H    9  
ATOM   1534 H HA   . VAL A 1 7  ? -3.292  -2.560 -0.125 1.00 0.00 ?  7  VAL A HA   9  
ATOM   1535 H HB   . VAL A 1 7  ? -3.537  -2.500 2.415  1.00 0.00 ?  7  VAL A HB   9  
ATOM   1536 H HG11 . VAL A 1 7  ? -1.052  -3.578 2.488  1.00 0.00 ?  7  VAL A HG11 9  
ATOM   1537 H HG12 . VAL A 1 7  ? -1.336  -3.558 0.753  1.00 0.00 ?  7  VAL A HG12 9  
ATOM   1538 H HG13 . VAL A 1 7  ? -2.447  -4.412 1.818  1.00 0.00 ?  7  VAL A HG13 9  
ATOM   1539 H HG21 . VAL A 1 7  ? -2.257  -0.266 2.538  1.00 0.00 ?  7  VAL A HG21 9  
ATOM   1540 H HG22 . VAL A 1 7  ? -0.803  -1.232 2.281  1.00 0.00 ?  7  VAL A HG22 9  
ATOM   1541 H HG23 . VAL A 1 7  ? -1.806  -1.513 3.703  1.00 0.00 ?  7  VAL A HG23 9  
ATOM   1542 N N    . HIS A 1 8  ? -3.913  0.502  0.765  1.00 0.00 ?  8  HIS A N    9  
ATOM   1543 C CA   . HIS A 1 8  ? -4.995  1.477  0.885  1.00 0.00 ?  8  HIS A CA   9  
ATOM   1544 C C    . HIS A 1 8  ? -5.515  1.878  -0.485 1.00 0.00 ?  8  HIS A C    9  
ATOM   1545 O O    . HIS A 1 8  ? -6.719  1.814  -0.745 1.00 0.00 ?  8  HIS A O    9  
ATOM   1546 C CB   . HIS A 1 8  ? -4.517  2.724  1.627  1.00 0.00 ?  8  HIS A CB   9  
ATOM   1547 C CG   . HIS A 1 8  ? -3.721  2.322  2.834  1.00 0.00 ?  8  HIS A CG   9  
ATOM   1548 N ND1  . HIS A 1 8  ? -4.316  1.785  3.964  1.00 0.00 ?  8  HIS A ND1  9  
ATOM   1549 C CD2  . HIS A 1 8  ? -2.379  2.361  3.098  1.00 0.00 ?  8  HIS A CD2  9  
ATOM   1550 C CE1  . HIS A 1 8  ? -3.334  1.523  4.847  1.00 0.00 ?  8  HIS A CE1  9  
ATOM   1551 N NE2  . HIS A 1 8  ? -2.133  1.855  4.369  1.00 0.00 ?  8  HIS A NE2  9  
ATOM   1552 H H    . HIS A 1 8  ? -2.982  0.796  0.798  1.00 0.00 ?  8  HIS A H    9  
ATOM   1553 H HA   . HIS A 1 8  ? -5.802  1.030  1.448  1.00 0.00 ?  8  HIS A HA   9  
ATOM   1554 H HB2  . HIS A 1 8  ? -3.899  3.319  0.969  1.00 0.00 ?  8  HIS A HB2  9  
ATOM   1555 H HB3  . HIS A 1 8  ? -5.374  3.304  1.937  1.00 0.00 ?  8  HIS A HB3  9  
ATOM   1556 H HD2  . HIS A 1 8  ? -1.620  2.722  2.417  1.00 0.00 ?  8  HIS A HD2  9  
ATOM   1557 H HE1  . HIS A 1 8  ? -3.496  1.089  5.823  1.00 0.00 ?  8  HIS A HE1  9  
ATOM   1558 H HE2  . HIS A 1 8  ? -1.264  1.762  4.815  1.00 0.00 ?  8  HIS A HE2  9  
ATOM   1559 N N    . GLN A 1 9  ? -4.610  2.306  -1.354 1.00 0.00 ?  9  GLN A N    9  
ATOM   1560 C CA   . GLN A 1 9  ? -5.003  2.740  -2.695 1.00 0.00 ?  9  GLN A CA   9  
ATOM   1561 C C    . GLN A 1 9  ? -5.488  1.569  -3.542 1.00 0.00 ?  9  GLN A C    9  
ATOM   1562 O O    . GLN A 1 9  ? -6.447  1.704  -4.305 1.00 0.00 ?  9  GLN A O    9  
ATOM   1563 C CB   . GLN A 1 9  ? -3.832  3.437  -3.404 1.00 0.00 ?  9  GLN A CB   9  
ATOM   1564 C CG   . GLN A 1 9  ? -2.507  3.056  -2.740 1.00 0.00 ?  9  GLN A CG   9  
ATOM   1565 C CD   . GLN A 1 9  ? -1.360  3.259  -3.717 1.00 0.00 ?  9  GLN A CD   9  
ATOM   1566 O OE1  . GLN A 1 9  ? -1.447  2.826  -4.868 1.00 0.00 ?  9  GLN A OE1  9  
ATOM   1567 N NE2  . GLN A 1 9  ? -0.299  3.906  -3.339 1.00 0.00 ?  9  GLN A NE2  9  
ATOM   1568 H H    . GLN A 1 9  ? -3.671  2.347  -1.086 1.00 0.00 ?  9  GLN A H    9  
ATOM   1569 H HA   . GLN A 1 9  ? -5.809  3.443  -2.597 1.00 0.00 ?  9  GLN A HA   9  
ATOM   1570 H HB2  . GLN A 1 9  ? -3.812  3.139  -4.441 1.00 0.00 ?  9  GLN A HB2  9  
ATOM   1571 H HB3  . GLN A 1 9  ? -3.965  4.507  -3.341 1.00 0.00 ?  9  GLN A HB3  9  
ATOM   1572 H HG2  . GLN A 1 9  ? -2.353  3.672  -1.866 1.00 0.00 ?  9  GLN A HG2  9  
ATOM   1573 H HG3  . GLN A 1 9  ? -2.540  2.020  -2.446 1.00 0.00 ?  9  GLN A HG3  9  
ATOM   1574 H HE21 . GLN A 1 9  ? -0.240  4.263  -2.428 1.00 0.00 ?  9  GLN A HE21 9  
ATOM   1575 H HE22 . GLN A 1 9  ? 0.441   4.040  -3.969 1.00 0.00 ?  9  GLN A HE22 9  
ATOM   1576 N N    . ARG A 1 10 ? -4.830  0.433  -3.405 1.00 0.00 ?  10 ARG A N    9  
ATOM   1577 C CA   . ARG A 1 10 ? -5.210  -0.753 -4.166 1.00 0.00 ?  10 ARG A CA   9  
ATOM   1578 C C    . ARG A 1 10 ? -6.506  -1.329 -3.606 1.00 0.00 ?  10 ARG A C    9  
ATOM   1579 O O    . ARG A 1 10 ? -7.458  -1.570 -4.346 1.00 0.00 ?  10 ARG A O    9  
ATOM   1580 C CB   . ARG A 1 10 ? -4.087  -1.799 -4.114 1.00 0.00 ?  10 ARG A CB   9  
ATOM   1581 C CG   . ARG A 1 10 ? -3.967  -2.503 -5.472 1.00 0.00 ?  10 ARG A CG   9  
ATOM   1582 C CD   . ARG A 1 10 ? -3.042  -1.702 -6.400 1.00 0.00 ?  10 ARG A CD   9  
ATOM   1583 N NE   . ARG A 1 10 ? -3.635  -0.400 -6.715 1.00 0.00 ?  10 ARG A NE   9  
ATOM   1584 C CZ   . ARG A 1 10 ? -2.988  0.743  -6.481 1.00 0.00 ?  10 ARG A CZ   9  
ATOM   1585 N NH1  . ARG A 1 10 ? -3.552  1.882  -6.774 1.00 0.00 1  10 ARG A NH1  9  
ATOM   1586 N NH2  . ARG A 1 10 ? -1.789  0.730  -5.967 1.00 0.00 ?  10 ARG A NH2  9  
ATOM   1587 H H    . ARG A 1 10 ? -4.076  0.390  -2.780 1.00 0.00 ?  10 ARG A H    9  
ATOM   1588 H HA   . ARG A 1 10 ? -5.375  -0.466 -5.191 1.00 0.00 ?  10 ARG A HA   9  
ATOM   1589 H HB2  . ARG A 1 10 ? -3.151  -1.311 -3.882 1.00 0.00 ?  10 ARG A HB2  9  
ATOM   1590 H HB3  . ARG A 1 10 ? -4.308  -2.530 -3.350 1.00 0.00 ?  10 ARG A HB3  9  
ATOM   1591 H HG2  . ARG A 1 10 ? -3.557  -3.491 -5.324 1.00 0.00 ?  10 ARG A HG2  9  
ATOM   1592 H HG3  . ARG A 1 10 ? -4.946  -2.585 -5.925 1.00 0.00 ?  10 ARG A HG3  9  
ATOM   1593 H HD2  . ARG A 1 10 ? -2.092  -1.559 -5.913 1.00 0.00 ?  10 ARG A HD2  9  
ATOM   1594 H HD3  . ARG A 1 10 ? -2.890  -2.257 -7.315 1.00 0.00 ?  10 ARG A HD3  9  
ATOM   1595 H HE   . ARG A 1 10 ? -4.538  -0.370 -7.111 1.00 0.00 ?  10 ARG A HE   9  
ATOM   1596 H HH11 . ARG A 1 10 ? -4.472  1.901  -7.174 1.00 0.00 ?  10 ARG A HH11 9  
ATOM   1597 H HH12 . ARG A 1 10 ? -3.063  2.740  -6.611 1.00 0.00 ?  10 ARG A HH12 9  
ATOM   1598 H HH21 . ARG A 1 10 ? -1.343  -0.136 -5.752 1.00 0.00 ?  10 ARG A HH21 9  
ATOM   1599 H HH22 . ARG A 1 10 ? -1.310  1.598  -5.777 1.00 0.00 ?  10 ARG A HH22 9  
HETATM 1600 N N    . NH2 A 1 11 ? -6.600  -1.546 -2.330 1.00 0.00 ?  11 NH2 A N    9  
HETATM 1601 H HN1  . NH2 A 1 11 ? -5.839  -1.353 -1.744 1.00 0.00 ?  11 NH2 A HN1  9  
HETATM 1602 H HN2  . NH2 A 1 11 ? -7.432  -1.901 -1.950 1.00 0.00 ?  11 NH2 A HN2  9  
ATOM   1603 N N    . SER A 1 1  ? 6.751   -1.823 3.346  1.00 0.00 ?  1  SER A N    10 
ATOM   1604 C CA   . SER A 1 1  ? 7.151   -0.479 2.863  1.00 0.00 ?  1  SER A CA   10 
ATOM   1605 C C    . SER A 1 1  ? 6.102   0.026  1.870  1.00 0.00 ?  1  SER A C    10 
ATOM   1606 O O    . SER A 1 1  ? 5.196   0.762  2.245  1.00 0.00 ?  1  SER A O    10 
ATOM   1607 C CB   . SER A 1 1  ? 8.529   -0.569 2.195  1.00 0.00 ?  1  SER A CB   10 
ATOM   1608 O OG   . SER A 1 1  ? 9.055   -1.890 2.359  1.00 0.00 ?  1  SER A OG   10 
ATOM   1609 H H1   . SER A 1 1  ? 7.101   -1.962 4.312  1.00 0.00 ?  1  SER A H1   10 
ATOM   1610 H H2   . SER A 1 1  ? 7.155   -2.550 2.724  1.00 0.00 ?  1  SER A H2   10 
ATOM   1611 H H3   . SER A 1 1  ? 5.709   -1.894 3.341  1.00 0.00 ?  1  SER A H3   10 
ATOM   1612 H HA   . SER A 1 1  ? 7.204   0.199  3.704  1.00 0.00 ?  1  SER A HA   10 
ATOM   1613 H HB2  . SER A 1 1  ? 8.440   -0.347 1.147  1.00 0.00 ?  1  SER A HB2  10 
ATOM   1614 H HB3  . SER A 1 1  ? 9.193   0.153  2.656  1.00 0.00 ?  1  SER A HB3  10 
ATOM   1615 H HG   . SER A 1 1  ? 9.298   -1.997 3.289  1.00 0.00 ?  1  SER A HG   10 
ATOM   1616 N N    . ARG A 1 2  ? 6.219   -0.377 0.606  1.00 0.00 ?  2  ARG A N    10 
ATOM   1617 C CA   . ARG A 1 2  ? 5.259   0.043  -0.412 1.00 0.00 ?  2  ARG A CA   10 
ATOM   1618 C C    . ARG A 1 2  ? 3.921   -0.655 -0.196 1.00 0.00 ?  2  ARG A C    10 
ATOM   1619 O O    . ARG A 1 2  ? 2.860   -0.122 -0.520 1.00 0.00 ?  2  ARG A O    10 
ATOM   1620 C CB   . ARG A 1 2  ? 5.791   -0.300 -1.810 1.00 0.00 ?  2  ARG A CB   10 
ATOM   1621 C CG   . ARG A 1 2  ? 7.225   0.219  -1.966 1.00 0.00 ?  2  ARG A CG   10 
ATOM   1622 C CD   . ARG A 1 2  ? 8.215   -0.945 -1.818 1.00 0.00 ?  2  ARG A CD   10 
ATOM   1623 N NE   . ARG A 1 2  ? 9.377   -0.524 -1.041 1.00 0.00 ?  2  ARG A NE   10 
ATOM   1624 C CZ   . ARG A 1 2  ? 10.420  -1.335 -0.850 1.00 0.00 ?  2  ARG A CZ   10 
ATOM   1625 N NH1  . ARG A 1 2  ? 11.440  -0.926 -0.152 1.00 0.00 1  2  ARG A NH1  10 
ATOM   1626 N NH2  . ARG A 1 2  ? 10.420  -2.531 -1.376 1.00 0.00 ?  2  ARG A NH2  10 
ATOM   1627 H H    . ARG A 1 2  ? 6.957   -0.977 0.355  1.00 0.00 ?  2  ARG A H    10 
ATOM   1628 H HA   . ARG A 1 2  ? 5.116   1.108  -0.341 1.00 0.00 ?  2  ARG A HA   10 
ATOM   1629 H HB2  . ARG A 1 2  ? 5.778   -1.373 -1.947 1.00 0.00 ?  2  ARG A HB2  10 
ATOM   1630 H HB3  . ARG A 1 2  ? 5.161   0.164  -2.556 1.00 0.00 ?  2  ARG A HB3  10 
ATOM   1631 H HG2  . ARG A 1 2  ? 7.338   0.666  -2.946 1.00 0.00 ?  2  ARG A HG2  10 
ATOM   1632 H HG3  . ARG A 1 2  ? 7.425   0.961  -1.209 1.00 0.00 ?  2  ARG A HG3  10 
ATOM   1633 H HD2  . ARG A 1 2  ? 7.732   -1.771 -1.319 1.00 0.00 ?  2  ARG A HD2  10 
ATOM   1634 H HD3  . ARG A 1 2  ? 8.536   -1.266 -2.800 1.00 0.00 ?  2  ARG A HD3  10 
ATOM   1635 H HE   . ARG A 1 2  ? 9.393   0.377  -0.649 1.00 0.00 ?  2  ARG A HE   10 
ATOM   1636 H HH11 . ARG A 1 2  ? 11.441  -0.003 0.245  1.00 0.00 ?  2  ARG A HH11 10 
ATOM   1637 H HH12 . ARG A 1 2  ? 12.225  -1.526 -0.008 1.00 0.00 ?  2  ARG A HH12 10 
ATOM   1638 H HH21 . ARG A 1 2  ? 9.638   -2.840 -1.921 1.00 0.00 ?  2  ARG A HH21 10 
ATOM   1639 H HH22 . ARG A 1 2  ? 11.200  -3.144 -1.236 1.00 0.00 ?  2  ARG A HH22 10 
ATOM   1640 N N    . SER A 1 3  ? 4.000   -1.862 0.343  1.00 0.00 ?  3  SER A N    10 
ATOM   1641 C CA   . SER A 1 3  ? 2.818   -2.679 0.593  1.00 0.00 ?  3  SER A CA   10 
ATOM   1642 C C    . SER A 1 3  ? 1.722   -1.914 1.326  1.00 0.00 ?  3  SER A C    10 
ATOM   1643 O O    . SER A 1 3  ? 0.548   -2.053 0.991  1.00 0.00 ?  3  SER A O    10 
ATOM   1644 C CB   . SER A 1 3  ? 3.211   -3.904 1.414  1.00 0.00 ?  3  SER A CB   10 
ATOM   1645 O OG   . SER A 1 3  ? 4.595   -4.174 1.216  1.00 0.00 ?  3  SER A OG   10 
ATOM   1646 H H    . SER A 1 3  ? 4.882   -2.226 0.563  1.00 0.00 ?  3  SER A H    10 
ATOM   1647 H HA   . SER A 1 3  ? 2.429   -3.015 -0.354 1.00 0.00 ?  3  SER A HA   10 
ATOM   1648 H HB2  . SER A 1 3  ? 3.025   -3.715 2.461  1.00 0.00 ?  3  SER A HB2  10 
ATOM   1649 H HB3  . SER A 1 3  ? 2.620   -4.752 1.092  1.00 0.00 ?  3  SER A HB3  10 
ATOM   1650 H HG   . SER A 1 3  ? 4.802   -4.990 1.695  1.00 0.00 ?  3  SER A HG   10 
ATOM   1651 N N    . GLU A 1 4  ? 2.090   -1.116 2.317  1.00 0.00 ?  4  GLU A N    10 
ATOM   1652 C CA   . GLU A 1 4  ? 1.097   -0.365 3.062  1.00 0.00 ?  4  GLU A CA   10 
ATOM   1653 C C    . GLU A 1 4  ? 0.373   0.595  2.132  1.00 0.00 ?  4  GLU A C    10 
ATOM   1654 O O    . GLU A 1 4  ? -0.847  0.542  1.982  1.00 0.00 ?  4  GLU A O    10 
ATOM   1655 C CB   . GLU A 1 4  ? 1.776   0.403  4.190  1.00 0.00 ?  4  GLU A CB   10 
ATOM   1656 C CG   . GLU A 1 4  ? 2.617   -0.569 5.031  1.00 0.00 ?  4  GLU A CG   10 
ATOM   1657 C CD   . GLU A 1 4  ? 4.038   -0.640 4.491  1.00 0.00 ?  4  GLU A CD   10 
ATOM   1658 O OE1  . GLU A 1 4  ? 4.303   -1.511 3.679  1.00 0.00 ?  4  GLU A OE1  10 
ATOM   1659 O OE2  . GLU A 1 4  ? 4.844   0.174  4.897  1.00 0.00 -1 4  GLU A OE2  10 
ATOM   1660 H H    . GLU A 1 4  ? 3.042   -1.025 2.553  1.00 0.00 ?  4  GLU A H    10 
ATOM   1661 H HA   . GLU A 1 4  ? 0.380   -1.054 3.486  1.00 0.00 ?  4  GLU A HA   10 
ATOM   1662 H HB2  . GLU A 1 4  ? 2.415   1.168  3.768  1.00 0.00 ?  4  GLU A HB2  10 
ATOM   1663 H HB3  . GLU A 1 4  ? 1.023   0.861  4.815  1.00 0.00 ?  4  GLU A HB3  10 
ATOM   1664 H HG2  . GLU A 1 4  ? 2.639   -0.228 6.057  1.00 0.00 ?  4  GLU A HG2  10 
ATOM   1665 H HG3  . GLU A 1 4  ? 2.170   -1.552 4.992  1.00 0.00 ?  4  GLU A HG3  10 
ATOM   1666 N N    . LEU A 1 5  ? 1.142   1.454  1.489  1.00 0.00 ?  5  LEU A N    10 
ATOM   1667 C CA   . LEU A 1 5  ? 0.583   2.414  0.555  1.00 0.00 ?  5  LEU A CA   10 
ATOM   1668 C C    . LEU A 1 5  ? -0.168  1.685  -0.549 1.00 0.00 ?  5  LEU A C    10 
ATOM   1669 O O    . LEU A 1 5  ? -1.284  2.062  -0.911 1.00 0.00 ?  5  LEU A O    10 
ATOM   1670 C CB   . LEU A 1 5  ? 1.709   3.259  -0.038 1.00 0.00 ?  5  LEU A CB   10 
ATOM   1671 C CG   . LEU A 1 5  ? 2.627   3.737  1.097  1.00 0.00 ?  5  LEU A CG   10 
ATOM   1672 C CD1  . LEU A 1 5  ? 3.688   2.675  1.396  1.00 0.00 ?  5  LEU A CD1  10 
ATOM   1673 C CD2  . LEU A 1 5  ? 3.314   5.036  0.687  1.00 0.00 ?  5  LEU A CD2  10 
ATOM   1674 H H    . LEU A 1 5  ? 2.106   1.430  1.634  1.00 0.00 ?  5  LEU A H    10 
ATOM   1675 H HA   . LEU A 1 5  ? -0.100  3.061  1.081  1.00 0.00 ?  5  LEU A HA   10 
ATOM   1676 H HB2  . LEU A 1 5  ? 2.275   2.662  -0.741 1.00 0.00 ?  5  LEU A HB2  10 
ATOM   1677 H HB3  . LEU A 1 5  ? 1.288   4.113  -0.547 1.00 0.00 ?  5  LEU A HB3  10 
ATOM   1678 H HG   . LEU A 1 5  ? 2.035   3.903  1.985  1.00 0.00 ?  5  LEU A HG   10 
ATOM   1679 H HD11 . LEU A 1 5  ? 3.517   2.271  2.383  1.00 0.00 ?  5  LEU A HD11 10 
ATOM   1680 H HD12 . LEU A 1 5  ? 4.671   3.116  1.358  1.00 0.00 ?  5  LEU A HD12 10 
ATOM   1681 H HD13 . LEU A 1 5  ? 3.621   1.882  0.668  1.00 0.00 ?  5  LEU A HD13 10 
ATOM   1682 H HD21 . LEU A 1 5  ? 2.653   5.868  0.884  1.00 0.00 ?  5  LEU A HD21 10 
ATOM   1683 H HD22 . LEU A 1 5  ? 3.549   5.005  -0.366 1.00 0.00 ?  5  LEU A HD22 10 
ATOM   1684 H HD23 . LEU A 1 5  ? 4.221   5.158  1.258  1.00 0.00 ?  5  LEU A HD23 10 
ATOM   1685 N N    . ILE A 1 6  ? 0.439   0.623  -1.068 1.00 0.00 ?  6  ILE A N    10 
ATOM   1686 C CA   . ILE A 1 6  ? -0.203  -0.157 -2.111 1.00 0.00 ?  6  ILE A CA   10 
ATOM   1687 C C    . ILE A 1 6  ? -1.517  -0.723 -1.584 1.00 0.00 ?  6  ILE A C    10 
ATOM   1688 O O    . ILE A 1 6  ? -2.554  -0.613 -2.237 1.00 0.00 ?  6  ILE A O    10 
ATOM   1689 C CB   . ILE A 1 6  ? 0.726   -1.292 -2.560 1.00 0.00 ?  6  ILE A CB   10 
ATOM   1690 C CG1  . ILE A 1 6  ? 1.891   -0.698 -3.358 1.00 0.00 ?  6  ILE A CG1  10 
ATOM   1691 C CG2  . ILE A 1 6  ? -0.037  -2.285 -3.447 1.00 0.00 ?  6  ILE A CG2  10 
ATOM   1692 C CD1  . ILE A 1 6  ? 2.787   -1.822 -3.887 1.00 0.00 ?  6  ILE A CD1  10 
ATOM   1693 H H    . ILE A 1 6  ? 1.325   0.355  -0.736 1.00 0.00 ?  6  ILE A H    10 
ATOM   1694 H HA   . ILE A 1 6  ? -0.407  0.486  -2.951 1.00 0.00 ?  6  ILE A HA   10 
ATOM   1695 H HB   . ILE A 1 6  ? 1.112   -1.807 -1.690 1.00 0.00 ?  6  ILE A HB   10 
ATOM   1696 H HG12 . ILE A 1 6  ? 1.498   -0.129 -4.192 1.00 0.00 ?  6  ILE A HG12 10 
ATOM   1697 H HG13 . ILE A 1 6  ? 2.469   -0.045 -2.723 1.00 0.00 ?  6  ILE A HG13 10 
ATOM   1698 H HG21 . ILE A 1 6  ? 0.635   -3.073 -3.769 1.00 0.00 ?  6  ILE A HG21 10 
ATOM   1699 H HG22 . ILE A 1 6  ? -0.425  -1.771 -4.313 1.00 0.00 ?  6  ILE A HG22 10 
ATOM   1700 H HG23 . ILE A 1 6  ? -0.855  -2.719 -2.888 1.00 0.00 ?  6  ILE A HG23 10 
ATOM   1701 H HD11 . ILE A 1 6  ? 2.556   -2.004 -4.926 1.00 0.00 ?  6  ILE A HD11 10 
ATOM   1702 H HD12 . ILE A 1 6  ? 2.611   -2.721 -3.316 1.00 0.00 ?  6  ILE A HD12 10 
ATOM   1703 H HD13 . ILE A 1 6  ? 3.822   -1.529 -3.796 1.00 0.00 ?  6  ILE A HD13 10 
ATOM   1704 N N    . VAL A 1 7  ? -1.479  -1.302 -0.385 1.00 0.00 ?  7  VAL A N    10 
ATOM   1705 C CA   . VAL A 1 7  ? -2.688  -1.852 0.214  1.00 0.00 ?  7  VAL A CA   10 
ATOM   1706 C C    . VAL A 1 7  ? -3.678  -0.728 0.475  1.00 0.00 ?  7  VAL A C    10 
ATOM   1707 O O    . VAL A 1 7  ? -4.890  -0.890 0.297  1.00 0.00 ?  7  VAL A O    10 
ATOM   1708 C CB   . VAL A 1 7  ? -2.351  -2.586 1.523  1.00 0.00 ?  7  VAL A CB   10 
ATOM   1709 C CG1  . VAL A 1 7  ? -3.641  -3.001 2.240  1.00 0.00 ?  7  VAL A CG1  10 
ATOM   1710 C CG2  . VAL A 1 7  ? -1.526  -3.843 1.217  1.00 0.00 ?  7  VAL A CG2  10 
ATOM   1711 H H    . VAL A 1 7  ? -0.630  -1.345 0.110  1.00 0.00 ?  7  VAL A H    10 
ATOM   1712 H HA   . VAL A 1 7  ? -3.127  -2.549 -0.479 1.00 0.00 ?  7  VAL A HA   10 
ATOM   1713 H HB   . VAL A 1 7  ? -1.782  -1.929 2.165  1.00 0.00 ?  7  VAL A HB   10 
ATOM   1714 H HG11 . VAL A 1 7  ? -4.181  -2.121 2.559  1.00 0.00 ?  7  VAL A HG11 10 
ATOM   1715 H HG12 . VAL A 1 7  ? -3.393  -3.603 3.103  1.00 0.00 ?  7  VAL A HG12 10 
ATOM   1716 H HG13 . VAL A 1 7  ? -4.256  -3.575 1.565  1.00 0.00 ?  7  VAL A HG13 10 
ATOM   1717 H HG21 . VAL A 1 7  ? -2.187  -4.689 1.121  1.00 0.00 ?  7  VAL A HG21 10 
ATOM   1718 H HG22 . VAL A 1 7  ? -0.831  -4.021 2.024  1.00 0.00 ?  7  VAL A HG22 10 
ATOM   1719 H HG23 . VAL A 1 7  ? -0.981  -3.702 0.297  1.00 0.00 ?  7  VAL A HG23 10 
ATOM   1720 N N    . HIS A 1 8  ? -3.154  0.414  0.882  1.00 0.00 ?  8  HIS A N    10 
ATOM   1721 C CA   . HIS A 1 8  ? -3.989  1.570  1.156  1.00 0.00 ?  8  HIS A CA   10 
ATOM   1722 C C    . HIS A 1 8  ? -4.682  2.019  -0.126 1.00 0.00 ?  8  HIS A C    10 
ATOM   1723 O O    . HIS A 1 8  ? -5.882  2.290  -0.129 1.00 0.00 ?  8  HIS A O    10 
ATOM   1724 C CB   . HIS A 1 8  ? -3.134  2.714  1.732  1.00 0.00 ?  8  HIS A CB   10 
ATOM   1725 C CG   . HIS A 1 8  ? -3.701  4.052  1.336  1.00 0.00 ?  8  HIS A CG   10 
ATOM   1726 N ND1  . HIS A 1 8  ? -2.912  5.057  0.804  1.00 0.00 ?  8  HIS A ND1  10 
ATOM   1727 C CD2  . HIS A 1 8  ? -4.972  4.566  1.395  1.00 0.00 ?  8  HIS A CD2  10 
ATOM   1728 C CE1  . HIS A 1 8  ? -3.706  6.116  0.564  1.00 0.00 ?  8  HIS A CE1  10 
ATOM   1729 N NE2  . HIS A 1 8  ? -4.973  5.869  0.908  1.00 0.00 ?  8  HIS A NE2  10 
ATOM   1730 H H    . HIS A 1 8  ? -2.180  0.476  0.994  1.00 0.00 ?  8  HIS A H    10 
ATOM   1731 H HA   . HIS A 1 8  ? -4.737  1.296  1.884  1.00 0.00 ?  8  HIS A HA   10 
ATOM   1732 H HB2  . HIS A 1 8  ? -3.120  2.642  2.809  1.00 0.00 ?  8  HIS A HB2  10 
ATOM   1733 H HB3  . HIS A 1 8  ? -2.125  2.629  1.357  1.00 0.00 ?  8  HIS A HB3  10 
ATOM   1734 H HD2  . HIS A 1 8  ? -5.842  4.035  1.760  1.00 0.00 ?  8  HIS A HD2  10 
ATOM   1735 H HE1  . HIS A 1 8  ? -3.363  7.051  0.148  1.00 0.00 ?  8  HIS A HE1  10 
ATOM   1736 H HE2  . HIS A 1 8  ? -5.743  6.479  0.831  1.00 0.00 ?  8  HIS A HE2  10 
ATOM   1737 N N    . GLN A 1 9  ? -3.920  2.084  -1.209 1.00 0.00 ?  9  GLN A N    10 
ATOM   1738 C CA   . GLN A 1 9  ? -4.468  2.494  -2.495 1.00 0.00 ?  9  GLN A CA   10 
ATOM   1739 C C    . GLN A 1 9  ? -5.321  1.390  -3.080 1.00 0.00 ?  9  GLN A C    10 
ATOM   1740 O O    . GLN A 1 9  ? -6.375  1.639  -3.666 1.00 0.00 ?  9  GLN A O    10 
ATOM   1741 C CB   . GLN A 1 9  ? -3.326  2.829  -3.461 1.00 0.00 ?  9  GLN A CB   10 
ATOM   1742 C CG   . GLN A 1 9  ? -2.485  3.970  -2.881 1.00 0.00 ?  9  GLN A CG   10 
ATOM   1743 C CD   . GLN A 1 9  ? -2.628  5.214  -3.748 1.00 0.00 ?  9  GLN A CD   10 
ATOM   1744 O OE1  . GLN A 1 9  ? -3.747  5.675  -3.986 1.00 0.00 ?  9  GLN A OE1  10 
ATOM   1745 N NE2  . GLN A 1 9  ? -1.568  5.790  -4.238 1.00 0.00 ?  9  GLN A NE2  10 
ATOM   1746 H H    . GLN A 1 9  ? -2.969  1.839  -1.149 1.00 0.00 ?  9  GLN A H    10 
ATOM   1747 H HA   . GLN A 1 9  ? -5.075  3.369  -2.355 1.00 0.00 ?  9  GLN A HA   10 
ATOM   1748 H HB2  . GLN A 1 9  ? -2.704  1.956  -3.600 1.00 0.00 ?  9  GLN A HB2  10 
ATOM   1749 H HB3  . GLN A 1 9  ? -3.735  3.134  -4.414 1.00 0.00 ?  9  GLN A HB3  10 
ATOM   1750 H HG2  . GLN A 1 9  ? -2.818  4.194  -1.877 1.00 0.00 ?  9  GLN A HG2  10 
ATOM   1751 H HG3  . GLN A 1 9  ? -1.447  3.671  -2.849 1.00 0.00 ?  9  GLN A HG3  10 
ATOM   1752 H HE21 . GLN A 1 9  ? -0.680  5.424  -4.050 1.00 0.00 ?  9  GLN A HE21 10 
ATOM   1753 H HE22 . GLN A 1 9  ? -1.660  6.591  -4.796 1.00 0.00 ?  9  GLN A HE22 10 
ATOM   1754 N N    . ARG A 1 10 ? -4.852  0.168  -2.915 1.00 0.00 ?  10 ARG A N    10 
ATOM   1755 C CA   . ARG A 1 10 ? -5.560  -0.991 -3.425 1.00 0.00 ?  10 ARG A CA   10 
ATOM   1756 C C    . ARG A 1 10 ? -6.835  -1.232 -2.624 1.00 0.00 ?  10 ARG A C    10 
ATOM   1757 O O    . ARG A 1 10 ? -7.904  -1.439 -3.199 1.00 0.00 ?  10 ARG A O    10 
ATOM   1758 C CB   . ARG A 1 10 ? -4.654  -2.212 -3.323 1.00 0.00 ?  10 ARG A CB   10 
ATOM   1759 C CG   . ARG A 1 10 ? -3.556  -2.140 -4.390 1.00 0.00 ?  10 ARG A CG   10 
ATOM   1760 C CD   . ARG A 1 10 ? -4.137  -2.514 -5.755 1.00 0.00 ?  10 ARG A CD   10 
ATOM   1761 N NE   . ARG A 1 10 ? -4.689  -3.867 -5.729 1.00 0.00 ?  10 ARG A NE   10 
ATOM   1762 C CZ   . ARG A 1 10 ? -5.052  -4.486 -6.854 1.00 0.00 ?  10 ARG A CZ   10 
ATOM   1763 N NH1  . ARG A 1 10 ? -5.536  -5.696 -6.805 1.00 0.00 1  10 ARG A NH1  10 
ATOM   1764 N NH2  . ARG A 1 10 ? -4.915  -3.883 -8.005 1.00 0.00 ?  10 ARG A NH2  10 
ATOM   1765 H H    . ARG A 1 10 ? -4.005  0.043  -2.438 1.00 0.00 ?  10 ARG A H    10 
ATOM   1766 H HA   . ARG A 1 10 ? -5.817  -0.821 -4.459 1.00 0.00 ?  10 ARG A HA   10 
ATOM   1767 H HB2  . ARG A 1 10 ? -4.200  -2.234 -2.343 1.00 0.00 ?  10 ARG A HB2  10 
ATOM   1768 H HB3  . ARG A 1 10 ? -5.240  -3.098 -3.469 1.00 0.00 ?  10 ARG A HB3  10 
ATOM   1769 H HG2  . ARG A 1 10 ? -3.160  -1.131 -4.432 1.00 0.00 ?  10 ARG A HG2  10 
ATOM   1770 H HG3  . ARG A 1 10 ? -2.766  -2.826 -4.136 1.00 0.00 ?  10 ARG A HG3  10 
ATOM   1771 H HD2  . ARG A 1 10 ? -4.917  -1.817 -6.014 1.00 0.00 ?  10 ARG A HD2  10 
ATOM   1772 H HD3  . ARG A 1 10 ? -3.353  -2.460 -6.498 1.00 0.00 ?  10 ARG A HD3  10 
ATOM   1773 H HE   . ARG A 1 10 ? -4.792  -4.333 -4.865 1.00 0.00 ?  10 ARG A HE   10 
ATOM   1774 H HH11 . ARG A 1 10 ? -5.637  -6.167 -5.927 1.00 0.00 ?  10 ARG A HH11 10 
ATOM   1775 H HH12 . ARG A 1 10 ? -5.800  -6.166 -7.652 1.00 0.00 ?  10 ARG A HH12 10 
ATOM   1776 H HH21 . ARG A 1 10 ? -4.530  -2.960 -8.048 1.00 0.00 ?  10 ARG A HH21 10 
ATOM   1777 H HH22 . ARG A 1 10 ? -5.201  -4.341 -8.848 1.00 0.00 ?  10 ARG A HH22 10 
HETATM 1778 N N    . NH2 A 1 11 ? -6.786  -1.221 -1.325 1.00 0.00 ?  11 NH2 A N    10 
HETATM 1779 H HN1  . NH2 A 1 11 ? -5.930  -1.055 -0.867 1.00 0.00 ?  11 NH2 A HN1  10 
HETATM 1780 H HN2  . NH2 A 1 11 ? -7.599  -1.368 -0.803 1.00 0.00 ?  11 NH2 A HN2  10 
# 
